data_2W16
#
_entry.id   2W16
#
_cell.length_a   195.220
_cell.length_b   130.082
_cell.length_c   141.783
_cell.angle_alpha   90.00
_cell.angle_beta   130.67
_cell.angle_gamma   90.00
#
_symmetry.space_group_name_H-M   'C 1 2 1'
#
loop_
_entity.id
_entity.type
_entity.pdbx_description
1 polymer 'FERRIPYOVERDINE RECEPTOR'
2 polymer DSN-ARG-DSN-FHO-LYS-FHO-THR-THR
3 non-polymer 3,6,9,12,15-PENTAOXATRICOSAN-1-OL
4 non-polymer 'PHOSPHATE ION'
5 non-polymer (1S)-1-CARBOXY-5-[(3-CARBOXYPROPANOYL)AMINO]-8,9-DIHYDROXY-1,2,3,4-TETRAHYDROPYRIMIDO[1,2-A]QUINOLIN-11-IUM
6 non-polymer 'FE (III) ION'
#
loop_
_entity_poly.entity_id
_entity_poly.type
_entity_poly.pdbx_seq_one_letter_code
_entity_poly.pdbx_strand_id
1 'polypeptide(L)'
;QEVEFDIPPQALGSALQEFGRQADIQVLYRPEEVRNKRSSAIKGKLEPNQAITELLRGTGASVDFQGNAITISVAEAADS
SVDLGATMITSNQLGTITEDSGSYTPGTIATATRLVLTPRETPQSITVVTRQNMDDFGLNNIDDVMRHTPGITVSAYDTD
RNNYYARGFSINNFQYDGIPSTARNVGYSAGNTLSDMAIYDRVEVLKGATGLLTGAGSLGATINLIRKKPTHEFKGHVEL
GAGSWDNYRSELDVSGPLTESGNVRGRAVAAYQDKHSFMDHYERKTSVYYGILEFDLNPDTMLTVGADYQDNDPKGSGWS
GSFPLFDSQGNRNDVSRSFNNGAKWSSWEQYTRTVFANLEHNFANGWVGKVQLDHKINGYHAPLGAIMGDWPAPDNSAKI
VAQKYTGETKSNSLDIYLTGPFQFLGREHELVVGTSASFSHWEGKSYWNLRNYDNTTDDFINWDGDIGKPDWGTPSQYID
DKTRQLGSYMTARFNVTDDLNLFLGGRVVDYRVTGLNPTIRESGRFIPYVGAVYDLNDTYSVYASYTDIFMPQDSWYRDS
SNKLLEPDEGQNYEIGIKGEYLDGRLNTSLAYFEIHEENRAEEDALYNSKPTNPAITYAYKGIKAKTKGYEAEISGELAP
GWQVQAGYTHKIIRDDSGKKVSTWEPQDQLSLYTSYKFKGALDKLTVGGGARWQGKSWQMVYNNPRSRWEKFSQEDYWLV
DLMARYQITDKLSASVNVNNVFDKTYYTNIGFYTSASYGDPRNLMFSTRWDF
;
A,B
2 'polypeptide(L)' (DSN)R(DSN)(FHO)K(FHO)TT C
#
loop_
_chem_comp.id
_chem_comp.type
_chem_comp.name
_chem_comp.formula
FE non-polymer 'FE (III) ION' 'Fe 3'
N8E non-polymer 3,6,9,12,15-PENTAOXATRICOSAN-1-OL 'C18 H38 O6'
PO4 non-polymer 'PHOSPHATE ION' 'O4 P -3'
PVE non-polymer (1S)-1-CARBOXY-5-[(3-CARBOXYPROPANOYL)AMINO]-8,9-DIHYDROXY-1,2,3,4-TETRAHYDROPYRIMIDO[1,2-A]QUINOLIN-11-IUM 'C17 H18 N3 O7 1'
#
# COMPACT_ATOMS: atom_id res chain seq x y z
N GLN A 1 4.41 -18.64 -19.88
CA GLN A 1 5.89 -18.32 -19.85
C GLN A 1 6.68 -19.61 -19.61
N GLU A 2 7.98 -19.56 -19.92
CA GLU A 2 8.84 -20.74 -20.16
C GLU A 2 8.86 -21.83 -19.07
N VAL A 3 8.48 -23.05 -19.46
CA VAL A 3 8.31 -24.20 -18.57
C VAL A 3 9.31 -25.32 -18.93
N GLU A 4 9.66 -26.17 -17.97
CA GLU A 4 10.57 -27.28 -18.21
C GLU A 4 9.78 -28.52 -18.60
N PHE A 5 10.03 -29.06 -19.80
CA PHE A 5 9.26 -30.22 -20.26
C PHE A 5 10.06 -31.52 -20.40
N ASP A 6 9.36 -32.63 -20.18
CA ASP A 6 9.92 -33.97 -20.42
C ASP A 6 8.81 -34.98 -20.79
N ILE A 7 8.29 -34.90 -22.00
CA ILE A 7 7.19 -35.79 -22.38
C ILE A 7 7.53 -36.58 -23.65
N PRO A 8 7.95 -37.84 -23.46
CA PRO A 8 8.31 -38.74 -24.56
C PRO A 8 7.10 -39.29 -25.31
N PRO A 9 7.31 -39.76 -26.56
CA PRO A 9 6.27 -40.45 -27.35
C PRO A 9 5.52 -41.57 -26.58
N GLN A 10 4.19 -41.53 -26.65
CA GLN A 10 3.25 -42.42 -25.96
C GLN A 10 1.86 -42.16 -26.58
N ALA A 11 0.87 -42.93 -26.16
CA ALA A 11 -0.52 -42.65 -26.52
C ALA A 11 -0.87 -41.17 -26.29
N LEU A 12 -1.40 -40.52 -27.34
CA LEU A 12 -1.72 -39.10 -27.29
C LEU A 12 -2.51 -38.76 -26.02
N GLY A 13 -3.32 -39.69 -25.53
CA GLY A 13 -4.10 -39.47 -24.30
C GLY A 13 -3.18 -39.23 -23.12
N SER A 14 -2.30 -40.19 -22.85
CA SER A 14 -1.25 -40.03 -21.84
C SER A 14 -0.47 -38.74 -22.00
N ALA A 15 -0.02 -38.45 -23.20
CA ALA A 15 0.81 -37.29 -23.42
C ALA A 15 0.04 -36.06 -22.98
N LEU A 16 -1.26 -36.00 -23.30
CA LEU A 16 -2.05 -34.84 -22.99
C LEU A 16 -2.24 -34.68 -21.48
N GLN A 17 -2.44 -35.79 -20.80
CA GLN A 17 -2.52 -35.75 -19.36
C GLN A 17 -1.20 -35.36 -18.73
N GLU A 18 -0.08 -35.85 -19.25
CA GLU A 18 1.24 -35.46 -18.73
C GLU A 18 1.46 -33.97 -19.00
N PHE A 19 1.00 -33.49 -20.16
CA PHE A 19 1.19 -32.10 -20.52
C PHE A 19 0.48 -31.16 -19.58
N GLY A 20 -0.77 -31.48 -19.27
CA GLY A 20 -1.58 -30.66 -18.38
C GLY A 20 -0.90 -30.49 -17.04
N ARG A 21 -0.31 -31.60 -16.59
CA ARG A 21 0.34 -31.69 -15.32
C ARG A 21 1.59 -30.84 -15.29
N GLN A 22 2.51 -31.15 -16.19
CA GLN A 22 3.79 -30.46 -16.25
C GLN A 22 3.65 -28.97 -16.54
N ALA A 23 2.53 -28.57 -17.13
CA ALA A 23 2.42 -27.22 -17.61
C ALA A 23 1.44 -26.42 -16.78
N ASP A 24 0.88 -27.08 -15.75
CA ASP A 24 -0.10 -26.50 -14.82
C ASP A 24 -1.32 -25.90 -15.55
N ILE A 25 -1.86 -26.65 -16.49
CA ILE A 25 -2.88 -26.13 -17.36
C ILE A 25 -3.90 -27.24 -17.51
N GLN A 26 -5.17 -26.88 -17.72
CA GLN A 26 -6.12 -27.94 -17.99
C GLN A 26 -6.23 -28.29 -19.45
N VAL A 27 -6.05 -29.58 -19.73
CA VAL A 27 -6.18 -30.02 -21.10
C VAL A 27 -7.50 -30.79 -21.28
N LEU A 28 -8.30 -30.36 -22.27
CA LEU A 28 -9.55 -31.03 -22.59
C LEU A 28 -9.38 -31.63 -23.99
N TYR A 29 -9.67 -32.93 -24.12
CA TYR A 29 -9.61 -33.61 -25.38
C TYR A 29 -10.75 -34.64 -25.51
N ARG A 30 -11.08 -35.01 -26.74
CA ARG A 30 -12.14 -35.96 -27.04
C ARG A 30 -11.53 -37.40 -27.18
N PRO A 31 -11.93 -38.31 -26.28
CA PRO A 31 -11.30 -39.66 -26.22
C PRO A 31 -11.23 -40.37 -27.59
N GLU A 32 -12.30 -40.35 -28.38
CA GLU A 32 -12.28 -41.05 -29.66
C GLU A 32 -11.45 -40.28 -30.67
N GLU A 33 -11.04 -39.07 -30.33
CA GLU A 33 -10.26 -38.33 -31.33
C GLU A 33 -8.77 -38.61 -31.23
N VAL A 34 -8.32 -38.93 -30.02
CA VAL A 34 -6.91 -39.18 -29.73
C VAL A 34 -6.54 -40.65 -29.61
N ARG A 35 -7.50 -41.54 -29.89
CA ARG A 35 -7.37 -42.94 -29.42
C ARG A 35 -6.30 -43.81 -30.12
N ASN A 36 -6.05 -43.56 -31.39
CA ASN A 36 -5.14 -44.43 -32.13
C ASN A 36 -3.95 -43.59 -32.56
N LYS A 37 -3.63 -42.60 -31.73
CA LYS A 37 -2.64 -41.60 -32.10
C LYS A 37 -1.54 -41.51 -31.04
N ARG A 38 -0.37 -41.02 -31.45
CA ARG A 38 0.79 -40.84 -30.55
C ARG A 38 1.42 -39.44 -30.67
N SER A 39 1.98 -38.97 -29.56
CA SER A 39 2.60 -37.64 -29.46
C SER A 39 3.98 -37.74 -30.04
N SER A 40 4.49 -36.61 -30.53
CA SER A 40 5.91 -36.55 -30.86
C SER A 40 6.68 -35.95 -29.66
N ALA A 41 7.95 -36.35 -29.49
CA ALA A 41 8.76 -36.00 -28.29
C ALA A 41 8.95 -34.49 -28.00
N ILE A 42 8.74 -34.06 -26.75
CA ILE A 42 9.17 -32.73 -26.30
C ILE A 42 10.20 -32.81 -25.16
N LYS A 43 11.31 -32.08 -25.29
CA LYS A 43 12.33 -32.01 -24.22
C LYS A 43 12.92 -30.60 -23.98
N GLY A 44 12.89 -30.16 -22.72
CA GLY A 44 13.56 -28.90 -22.30
C GLY A 44 12.69 -27.73 -21.82
N LYS A 45 13.34 -26.62 -21.49
CA LYS A 45 12.67 -25.35 -21.21
C LYS A 45 11.94 -24.91 -22.50
N LEU A 46 10.67 -24.54 -22.39
CA LEU A 46 9.83 -24.20 -23.56
C LEU A 46 8.65 -23.37 -23.15
N GLU A 47 8.27 -22.42 -23.99
CA GLU A 47 6.98 -21.77 -23.80
C GLU A 47 5.81 -22.73 -24.09
N PRO A 48 4.82 -22.80 -23.17
CA PRO A 48 3.79 -23.83 -23.29
C PRO A 48 3.09 -23.86 -24.64
N ASN A 49 2.96 -22.71 -25.32
CA ASN A 49 2.37 -22.73 -26.67
C ASN A 49 3.27 -23.35 -27.74
N GLN A 50 4.57 -23.03 -27.70
CA GLN A 50 5.52 -23.67 -28.62
C GLN A 50 5.42 -25.16 -28.32
N ALA A 51 5.70 -25.53 -27.07
CA ALA A 51 5.63 -26.92 -26.57
C ALA A 51 4.45 -27.79 -27.03
N ILE A 52 3.23 -27.24 -27.01
CA ILE A 52 2.09 -28.09 -27.30
C ILE A 52 2.06 -28.39 -28.79
N THR A 53 2.33 -27.39 -29.64
CA THR A 53 2.21 -27.70 -31.05
C THR A 53 3.33 -28.67 -31.45
N GLU A 54 4.41 -28.69 -30.67
CA GLU A 54 5.53 -29.57 -30.95
C GLU A 54 5.12 -30.99 -30.55
N LEU A 55 4.46 -31.13 -29.41
CA LEU A 55 3.89 -32.41 -28.99
C LEU A 55 2.85 -32.96 -29.99
N LEU A 56 2.11 -32.07 -30.66
CA LEU A 56 1.00 -32.52 -31.50
C LEU A 56 1.37 -32.73 -32.95
N ARG A 57 2.63 -32.45 -33.26
CA ARG A 57 3.13 -32.60 -34.63
C ARG A 57 2.80 -34.02 -35.09
N GLY A 58 2.22 -34.15 -36.27
CA GLY A 58 1.90 -35.44 -36.85
C GLY A 58 0.56 -36.06 -36.46
N THR A 59 -0.15 -35.50 -35.49
CA THR A 59 -1.39 -36.07 -34.96
C THR A 59 -2.66 -35.51 -35.65
N GLY A 60 -2.53 -34.50 -36.51
CA GLY A 60 -3.71 -33.82 -37.04
C GLY A 60 -4.47 -32.94 -36.04
N ALA A 61 -3.94 -32.66 -34.86
CA ALA A 61 -4.74 -31.88 -33.88
C ALA A 61 -4.58 -30.36 -34.00
N SER A 62 -5.59 -29.64 -33.51
CA SER A 62 -5.51 -28.17 -33.35
C SER A 62 -5.69 -27.80 -31.88
N VAL A 63 -5.24 -26.62 -31.49
CA VAL A 63 -5.29 -26.19 -30.10
C VAL A 63 -6.11 -24.92 -30.03
N ASP A 64 -7.08 -24.92 -29.14
CA ASP A 64 -7.79 -23.72 -28.75
C ASP A 64 -7.23 -23.23 -27.39
N PHE A 65 -6.34 -22.25 -27.40
CA PHE A 65 -5.88 -21.55 -26.18
C PHE A 65 -7.03 -20.80 -25.49
N GLN A 66 -7.39 -21.31 -24.33
CA GLN A 66 -8.40 -20.67 -23.50
C GLN A 66 -8.01 -20.45 -22.01
N GLY A 67 -7.07 -19.52 -21.83
CA GLY A 67 -6.66 -19.06 -20.52
C GLY A 67 -5.89 -20.13 -19.80
N ASN A 68 -6.39 -20.53 -18.64
CA ASN A 68 -5.80 -21.63 -17.92
C ASN A 68 -6.21 -23.03 -18.50
N ALA A 69 -6.99 -23.04 -19.58
CA ALA A 69 -7.20 -24.31 -20.30
C ALA A 69 -6.78 -24.29 -21.77
N ILE A 70 -6.45 -25.47 -22.31
CA ILE A 70 -6.39 -25.65 -23.76
C ILE A 70 -7.43 -26.69 -24.20
N THR A 71 -8.16 -26.45 -25.28
CA THR A 71 -8.80 -27.65 -25.79
C THR A 71 -8.34 -28.15 -27.13
N ILE A 72 -8.15 -29.47 -27.19
CA ILE A 72 -7.60 -30.15 -28.37
C ILE A 72 -8.77 -30.66 -29.23
N SER A 73 -8.67 -30.52 -30.55
CA SER A 73 -9.67 -31.04 -31.47
C SER A 73 -8.96 -31.56 -32.70
N VAL A 74 -9.59 -32.51 -33.40
CA VAL A 74 -9.07 -33.03 -34.66
C VAL A 74 -10.14 -32.87 -35.69
N ALA A 75 -9.99 -31.85 -36.52
CA ALA A 75 -10.96 -31.57 -37.55
C ALA A 75 -10.88 -32.58 -38.72
N GLU A 76 -12.02 -32.84 -39.36
CA GLU A 76 -12.13 -33.66 -40.59
C GLU A 76 -12.57 -32.77 -41.77
N ALA A 77 -12.36 -33.25 -43.00
CA ALA A 77 -12.83 -32.57 -44.20
C ALA A 77 -14.34 -32.63 -44.22
N ALA A 78 -14.87 -33.68 -43.60
CA ALA A 78 -16.32 -33.98 -43.54
C ALA A 78 -17.16 -32.98 -42.69
N ASP A 79 -17.48 -33.31 -41.43
CA ASP A 79 -18.25 -32.42 -40.50
C ASP A 79 -19.70 -32.07 -40.92
N SER A 80 -20.66 -32.84 -40.40
CA SER A 80 -22.09 -32.72 -40.83
C SER A 80 -22.92 -31.82 -39.89
N SER A 81 -22.35 -31.60 -38.69
CA SER A 81 -22.81 -30.64 -37.70
C SER A 81 -21.96 -30.83 -36.43
N VAL A 82 -21.83 -29.77 -35.64
CA VAL A 82 -20.89 -29.81 -34.55
C VAL A 82 -21.54 -30.33 -33.27
N ASP A 83 -20.75 -31.03 -32.45
CA ASP A 83 -21.18 -31.64 -31.21
C ASP A 83 -20.57 -30.86 -30.04
N LEU A 84 -21.15 -29.71 -29.72
CA LEU A 84 -20.59 -28.78 -28.75
C LEU A 84 -20.38 -29.38 -27.39
N GLY A 85 -21.34 -30.17 -26.91
CA GLY A 85 -21.13 -30.89 -25.66
C GLY A 85 -20.58 -32.32 -25.76
N ALA A 86 -19.77 -32.60 -26.77
CA ALA A 86 -19.09 -33.89 -26.84
C ALA A 86 -18.32 -34.21 -25.56
N THR A 87 -18.49 -35.46 -25.10
CA THR A 87 -17.70 -36.06 -24.05
C THR A 87 -16.23 -35.67 -24.11
N MET A 88 -15.78 -34.97 -23.07
CA MET A 88 -14.38 -34.59 -23.01
C MET A 88 -13.72 -35.12 -21.76
N ILE A 89 -12.57 -35.76 -21.95
CA ILE A 89 -11.73 -36.13 -20.83
C ILE A 89 -10.74 -35.01 -20.56
N THR A 90 -10.44 -34.86 -19.28
CA THR A 90 -9.82 -33.72 -18.71
C THR A 90 -8.56 -34.10 -17.89
N SER A 91 -7.62 -33.19 -17.67
CA SER A 91 -6.39 -33.56 -16.94
C SER A 91 -6.38 -33.18 -15.47
N ASN A 92 -7.30 -32.29 -15.11
CA ASN A 92 -7.48 -31.86 -13.75
C ASN A 92 -8.87 -32.19 -13.24
N GLN A 93 -8.96 -33.11 -12.28
CA GLN A 93 -10.24 -33.62 -11.79
C GLN A 93 -11.08 -32.57 -11.07
N LEU A 94 -10.46 -31.45 -10.67
CA LEU A 94 -11.22 -30.45 -9.96
C LEU A 94 -11.77 -29.33 -10.87
N GLY A 95 -11.37 -29.34 -12.13
CA GLY A 95 -11.67 -28.19 -13.01
C GLY A 95 -10.45 -27.30 -13.30
N THR A 96 -10.74 -26.20 -14.01
CA THR A 96 -9.77 -25.19 -14.41
C THR A 96 -9.40 -24.29 -13.25
N ILE A 97 -8.12 -24.06 -13.00
CA ILE A 97 -7.73 -23.14 -11.96
C ILE A 97 -8.10 -21.73 -12.36
N THR A 98 -8.62 -20.92 -11.40
CA THR A 98 -8.99 -19.55 -11.66
C THR A 98 -7.86 -18.55 -11.41
N GLU A 99 -6.96 -18.83 -10.47
CA GLU A 99 -5.77 -18.00 -10.21
C GLU A 99 -5.09 -17.63 -11.53
N ASP A 100 -4.79 -16.33 -11.71
CA ASP A 100 -4.18 -15.79 -12.94
C ASP A 100 -5.02 -15.85 -14.19
N SER A 101 -6.29 -16.16 -14.06
CA SER A 101 -7.09 -16.18 -15.23
C SER A 101 -7.51 -14.76 -15.60
N GLY A 102 -7.46 -13.81 -14.67
CA GLY A 102 -7.91 -12.44 -15.00
C GLY A 102 -9.43 -12.33 -15.17
N SER A 103 -10.15 -13.40 -14.80
CA SER A 103 -11.57 -13.50 -15.08
C SER A 103 -12.46 -13.73 -13.87
N TYR A 104 -13.72 -13.34 -14.00
CA TYR A 104 -14.67 -13.51 -12.90
C TYR A 104 -15.65 -14.62 -13.25
N THR A 105 -15.35 -15.42 -14.26
CA THR A 105 -16.18 -16.54 -14.68
C THR A 105 -15.33 -17.80 -14.62
N PRO A 106 -15.91 -18.94 -14.24
CA PRO A 106 -15.02 -20.09 -14.10
C PRO A 106 -14.78 -20.77 -15.45
N GLY A 107 -13.91 -21.76 -15.46
CA GLY A 107 -13.54 -22.53 -16.64
C GLY A 107 -14.35 -23.80 -16.63
N THR A 108 -13.93 -24.85 -15.92
CA THR A 108 -14.68 -26.10 -15.89
C THR A 108 -14.86 -26.48 -14.46
N ILE A 109 -15.82 -27.32 -14.13
CA ILE A 109 -16.14 -27.55 -12.73
C ILE A 109 -16.66 -28.97 -12.64
N ALA A 110 -16.62 -29.53 -11.44
CA ALA A 110 -16.98 -30.89 -11.20
C ALA A 110 -17.91 -30.97 -9.99
N THR A 111 -18.43 -29.83 -9.58
CA THR A 111 -19.24 -29.73 -8.39
C THR A 111 -20.53 -30.53 -8.55
N ALA A 112 -21.03 -30.65 -9.78
CA ALA A 112 -22.32 -31.22 -9.98
C ALA A 112 -22.29 -32.76 -9.84
N THR A 113 -21.42 -33.45 -10.56
CA THR A 113 -21.58 -34.87 -10.71
C THR A 113 -20.26 -35.59 -10.54
N ARG A 114 -19.18 -34.84 -10.33
CA ARG A 114 -17.80 -35.34 -10.35
C ARG A 114 -17.19 -35.35 -11.76
N LEU A 115 -18.02 -35.38 -12.80
CA LEU A 115 -17.57 -35.20 -14.19
C LEU A 115 -17.12 -33.75 -14.43
N VAL A 116 -16.00 -33.54 -15.10
CA VAL A 116 -15.47 -32.19 -15.30
C VAL A 116 -16.20 -31.53 -16.46
N LEU A 117 -17.06 -30.58 -16.14
CA LEU A 117 -17.91 -29.97 -17.16
C LEU A 117 -17.86 -28.44 -17.17
N THR A 118 -18.24 -27.82 -18.28
CA THR A 118 -18.31 -26.35 -18.27
C THR A 118 -19.64 -25.92 -17.64
N PRO A 119 -19.76 -24.67 -17.21
CA PRO A 119 -21.11 -24.17 -16.82
C PRO A 119 -22.26 -24.44 -17.88
N ARG A 120 -22.04 -24.16 -19.15
CA ARG A 120 -23.10 -24.49 -20.13
C ARG A 120 -23.49 -26.02 -20.17
N GLU A 121 -22.53 -26.88 -19.81
CA GLU A 121 -22.73 -28.33 -19.87
C GLU A 121 -23.39 -28.93 -18.62
N THR A 122 -23.53 -28.15 -17.56
CA THR A 122 -23.98 -28.61 -16.24
C THR A 122 -25.46 -28.28 -16.02
N PRO A 123 -26.33 -29.28 -15.86
CA PRO A 123 -27.78 -28.98 -15.83
C PRO A 123 -28.28 -28.53 -14.46
N GLN A 124 -27.50 -27.72 -13.78
CA GLN A 124 -27.87 -27.16 -12.49
C GLN A 124 -27.36 -25.74 -12.39
N SER A 125 -27.82 -25.03 -11.38
CA SER A 125 -27.44 -23.67 -11.18
C SER A 125 -26.10 -23.72 -10.46
N ILE A 126 -25.02 -23.34 -11.17
CA ILE A 126 -23.69 -23.33 -10.56
C ILE A 126 -23.12 -21.90 -10.61
N THR A 127 -22.85 -21.31 -9.43
CA THR A 127 -22.22 -19.97 -9.32
C THR A 127 -20.84 -20.11 -8.72
N VAL A 128 -19.85 -19.40 -9.27
CA VAL A 128 -18.51 -19.46 -8.73
C VAL A 128 -17.95 -18.06 -8.43
N VAL A 129 -17.18 -17.92 -7.34
CA VAL A 129 -16.45 -16.73 -7.04
C VAL A 129 -15.00 -16.96 -7.33
N THR A 130 -14.50 -16.31 -8.37
CA THR A 130 -13.12 -16.60 -8.79
C THR A 130 -12.04 -15.93 -7.94
N ARG A 131 -10.86 -16.58 -7.93
CA ARG A 131 -9.64 -16.01 -7.33
C ARG A 131 -9.50 -14.54 -7.64
N GLN A 132 -9.70 -14.10 -8.88
CA GLN A 132 -9.44 -12.69 -9.14
C GLN A 132 -10.51 -11.81 -8.57
N ASN A 133 -11.71 -12.32 -8.42
CA ASN A 133 -12.83 -11.57 -7.86
C ASN A 133 -12.52 -11.35 -6.38
N MET A 134 -11.97 -12.38 -5.74
CA MET A 134 -11.61 -12.30 -4.34
C MET A 134 -10.53 -11.26 -4.11
N ASP A 135 -9.57 -11.24 -5.02
CA ASP A 135 -8.41 -10.33 -4.97
C ASP A 135 -8.82 -8.86 -5.17
N ASP A 136 -9.71 -8.63 -6.13
CA ASP A 136 -10.14 -7.29 -6.49
C ASP A 136 -11.00 -6.64 -5.39
N PHE A 137 -11.83 -7.44 -4.71
CA PHE A 137 -12.74 -6.89 -3.72
C PHE A 137 -12.32 -7.19 -2.28
N GLY A 138 -11.15 -7.79 -2.14
CA GLY A 138 -10.62 -8.08 -0.80
C GLY A 138 -11.50 -9.02 0.00
N LEU A 139 -12.04 -10.01 -0.68
CA LEU A 139 -12.85 -10.94 0.02
C LEU A 139 -11.92 -11.90 0.79
N ASN A 140 -11.69 -11.65 2.06
CA ASN A 140 -10.69 -12.46 2.72
C ASN A 140 -11.19 -13.67 3.45
N ASN A 141 -12.52 -13.80 3.55
CA ASN A 141 -13.09 -14.99 4.15
C ASN A 141 -14.42 -15.39 3.58
N ILE A 142 -14.92 -16.54 4.04
CA ILE A 142 -16.09 -17.14 3.43
C ILE A 142 -17.32 -16.26 3.56
N ASP A 143 -17.38 -15.48 4.64
CA ASP A 143 -18.48 -14.51 4.82
C ASP A 143 -18.38 -13.41 3.77
N ASP A 144 -17.16 -12.91 3.55
CA ASP A 144 -17.01 -11.88 2.48
C ASP A 144 -17.41 -12.42 1.12
N VAL A 145 -17.11 -13.70 0.88
CA VAL A 145 -17.38 -14.31 -0.41
C VAL A 145 -18.91 -14.54 -0.58
N MET A 146 -19.57 -15.09 0.46
CA MET A 146 -21.04 -15.27 0.43
C MET A 146 -21.74 -13.93 0.19
N ARG A 147 -21.29 -12.86 0.85
CA ARG A 147 -21.96 -11.55 0.69
C ARG A 147 -21.89 -11.10 -0.76
N HIS A 148 -20.82 -11.49 -1.46
CA HIS A 148 -20.63 -11.17 -2.90
C HIS A 148 -21.18 -12.23 -3.87
N THR A 149 -21.82 -13.28 -3.34
CA THR A 149 -22.24 -14.43 -4.19
C THR A 149 -23.66 -14.26 -4.68
N PRO A 150 -23.84 -14.11 -5.99
CA PRO A 150 -25.24 -14.03 -6.47
C PRO A 150 -26.17 -15.10 -5.88
N GLY A 151 -27.30 -14.68 -5.33
CA GLY A 151 -28.30 -15.65 -4.90
C GLY A 151 -28.20 -16.02 -3.44
N ILE A 152 -27.19 -15.47 -2.76
CA ILE A 152 -26.99 -15.74 -1.35
C ILE A 152 -27.30 -14.52 -0.50
N THR A 153 -27.93 -14.80 0.64
CA THR A 153 -28.17 -13.83 1.68
C THR A 153 -27.44 -14.27 2.96
N VAL A 154 -26.61 -13.36 3.49
CA VAL A 154 -25.89 -13.58 4.71
C VAL A 154 -26.59 -12.78 5.81
N SER A 155 -27.01 -13.46 6.88
CA SER A 155 -27.57 -12.82 8.06
C SER A 155 -26.87 -13.38 9.30
N ALA A 156 -27.04 -12.70 10.43
CA ALA A 156 -26.16 -12.92 11.57
C ALA A 156 -26.92 -13.66 12.66
N TYR A 157 -26.26 -14.66 13.26
CA TYR A 157 -26.70 -15.17 14.55
C TYR A 157 -26.04 -14.32 15.64
N ASP A 158 -24.73 -14.09 15.51
CA ASP A 158 -23.97 -13.31 16.46
C ASP A 158 -22.62 -12.89 15.89
N THR A 159 -21.82 -12.21 16.66
CA THR A 159 -20.57 -11.67 16.10
C THR A 159 -19.67 -12.73 15.43
N ASP A 160 -19.83 -14.02 15.74
CA ASP A 160 -18.89 -15.04 15.24
C ASP A 160 -19.61 -16.19 14.52
N ARG A 161 -20.83 -15.93 14.04
CA ARG A 161 -21.54 -16.90 13.23
C ARG A 161 -22.56 -16.26 12.30
N ASN A 162 -22.39 -16.43 11.00
CA ASN A 162 -23.44 -15.98 10.10
C ASN A 162 -24.27 -17.12 9.54
N ASN A 163 -25.30 -16.80 8.78
CA ASN A 163 -26.16 -17.78 8.17
C ASN A 163 -26.19 -17.44 6.70
N TYR A 164 -26.24 -18.46 5.87
CA TYR A 164 -26.28 -18.29 4.45
C TYR A 164 -27.59 -18.92 3.92
N TYR A 165 -28.40 -18.13 3.20
CA TYR A 165 -29.62 -18.66 2.59
C TYR A 165 -29.47 -18.82 1.11
N ALA A 166 -30.08 -19.85 0.55
CA ALA A 166 -30.36 -19.90 -0.88
C ALA A 166 -31.75 -20.50 -1.04
N ARG A 167 -32.54 -19.90 -1.94
CA ARG A 167 -33.78 -20.50 -2.36
C ARG A 167 -34.70 -20.91 -1.21
N GLY A 168 -34.58 -20.18 -0.09
CA GLY A 168 -35.45 -20.44 1.08
C GLY A 168 -34.90 -21.19 2.30
N PHE A 169 -33.66 -21.67 2.22
CA PHE A 169 -33.10 -22.58 3.21
C PHE A 169 -31.75 -22.14 3.71
N SER A 170 -31.45 -22.50 4.96
CA SER A 170 -30.08 -22.35 5.47
C SER A 170 -29.13 -23.35 4.83
N ILE A 171 -28.03 -22.87 4.28
CA ILE A 171 -27.05 -23.77 3.76
C ILE A 171 -26.27 -24.43 4.90
N ASN A 172 -26.23 -25.75 4.90
CA ASN A 172 -25.41 -26.47 5.84
C ASN A 172 -24.51 -27.53 5.27
N ASN A 173 -24.21 -27.42 3.98
CA ASN A 173 -23.32 -28.30 3.27
C ASN A 173 -22.03 -27.56 2.88
N PHE A 174 -20.90 -28.05 3.33
CA PHE A 174 -19.66 -27.48 2.93
C PHE A 174 -18.83 -28.62 2.45
N GLN A 175 -18.17 -28.44 1.31
CA GLN A 175 -17.07 -29.33 0.88
C GLN A 175 -15.69 -28.64 0.85
N TYR A 176 -14.65 -29.45 0.94
CA TYR A 176 -13.29 -28.96 0.73
C TYR A 176 -12.67 -29.89 -0.27
N ASP A 177 -12.35 -29.38 -1.46
CA ASP A 177 -11.83 -30.19 -2.59
C ASP A 177 -12.78 -31.36 -2.86
N GLY A 178 -14.08 -31.06 -2.86
CA GLY A 178 -15.08 -32.07 -3.12
C GLY A 178 -15.24 -33.05 -1.98
N ILE A 179 -14.67 -32.79 -0.81
CA ILE A 179 -14.92 -33.70 0.30
C ILE A 179 -15.91 -33.13 1.33
N PRO A 180 -17.14 -33.72 1.42
CA PRO A 180 -18.18 -33.19 2.34
C PRO A 180 -17.77 -33.30 3.80
N SER A 181 -18.05 -32.28 4.57
CA SER A 181 -17.81 -32.36 5.98
C SER A 181 -19.11 -32.79 6.65
N THR A 182 -19.03 -33.13 7.94
CA THR A 182 -20.24 -33.43 8.69
C THR A 182 -20.77 -32.10 9.22
N ALA A 183 -22.05 -31.78 9.01
CA ALA A 183 -22.48 -30.50 9.57
C ALA A 183 -23.80 -30.49 10.31
N ARG A 184 -24.28 -31.66 10.74
CA ARG A 184 -25.50 -31.79 11.56
C ARG A 184 -25.97 -30.57 12.37
N ASN A 185 -25.04 -29.88 13.05
CA ASN A 185 -25.36 -28.73 13.90
C ASN A 185 -24.07 -27.97 14.17
N VAL A 186 -24.13 -26.97 15.06
CA VAL A 186 -22.90 -26.22 15.36
C VAL A 186 -21.76 -27.00 16.10
N GLY A 187 -22.10 -28.10 16.77
CA GLY A 187 -21.10 -29.02 17.30
C GLY A 187 -20.01 -29.41 16.31
N TYR A 188 -20.42 -30.14 15.26
CA TYR A 188 -19.50 -30.70 14.26
C TYR A 188 -18.82 -29.64 13.38
N SER A 189 -19.26 -28.41 13.51
CA SER A 189 -19.24 -27.49 12.41
C SER A 189 -18.53 -26.15 12.76
N ALA A 190 -17.77 -26.15 13.88
CA ALA A 190 -17.04 -24.95 14.31
C ALA A 190 -16.20 -24.41 13.18
N GLY A 191 -16.20 -23.09 12.98
CA GLY A 191 -15.31 -22.44 12.03
C GLY A 191 -15.67 -22.49 10.54
N ASN A 192 -16.67 -23.23 10.14
CA ASN A 192 -17.12 -23.25 8.75
C ASN A 192 -17.63 -21.91 8.18
N THR A 193 -18.18 -21.08 9.04
CA THR A 193 -18.65 -19.74 8.78
C THR A 193 -17.46 -18.78 8.53
N LEU A 194 -16.24 -19.18 8.91
CA LEU A 194 -15.05 -18.24 9.11
C LEU A 194 -13.76 -18.48 8.30
N SER A 195 -13.69 -19.57 7.54
CA SER A 195 -12.50 -19.91 6.73
C SER A 195 -11.94 -18.74 6.00
N ASP A 196 -10.65 -18.52 6.18
CA ASP A 196 -9.87 -17.52 5.44
C ASP A 196 -9.61 -17.93 3.99
N MET A 197 -9.69 -17.05 3.01
CA MET A 197 -9.55 -17.44 1.59
C MET A 197 -8.11 -17.53 1.17
N ALA A 198 -7.19 -17.17 2.04
CA ALA A 198 -5.78 -17.22 1.66
C ALA A 198 -5.36 -18.57 1.08
N ILE A 199 -6.03 -19.68 1.46
CA ILE A 199 -5.51 -20.98 1.06
C ILE A 199 -6.25 -21.56 -0.14
N TYR A 200 -7.26 -20.82 -0.66
CA TYR A 200 -8.17 -21.35 -1.67
C TYR A 200 -8.05 -20.64 -3.02
N ASP A 201 -8.25 -21.42 -4.07
CA ASP A 201 -8.37 -20.87 -5.38
C ASP A 201 -9.70 -20.16 -5.65
N ARG A 202 -10.81 -20.71 -5.17
CA ARG A 202 -12.15 -20.30 -5.68
C ARG A 202 -13.21 -20.95 -4.80
N VAL A 203 -14.40 -20.42 -4.80
CA VAL A 203 -15.45 -21.09 -4.04
C VAL A 203 -16.59 -21.30 -4.98
N GLU A 204 -17.06 -22.55 -5.00
CA GLU A 204 -18.04 -22.89 -5.97
C GLU A 204 -19.32 -23.32 -5.27
N VAL A 205 -20.41 -22.63 -5.61
CA VAL A 205 -21.71 -22.87 -4.99
C VAL A 205 -22.76 -23.48 -5.92
N LEU A 206 -23.15 -24.70 -5.60
CA LEU A 206 -24.17 -25.39 -6.36
C LEU A 206 -25.45 -25.18 -5.64
N LYS A 207 -26.48 -24.67 -6.33
CA LYS A 207 -27.73 -24.30 -5.71
C LYS A 207 -28.84 -25.27 -6.14
N GLY A 208 -29.76 -25.58 -5.21
CA GLY A 208 -30.89 -26.47 -5.47
C GLY A 208 -30.85 -27.60 -4.46
N ALA A 209 -30.81 -28.85 -4.95
CA ALA A 209 -30.70 -30.03 -4.09
C ALA A 209 -29.50 -30.85 -4.52
N THR A 210 -28.58 -31.06 -3.61
CA THR A 210 -27.31 -31.54 -4.03
C THR A 210 -26.96 -32.84 -3.35
N GLY A 211 -27.98 -33.71 -3.21
CA GLY A 211 -27.78 -35.05 -2.60
C GLY A 211 -26.72 -35.92 -3.28
N LEU A 212 -26.64 -35.84 -4.62
CA LEU A 212 -25.74 -36.70 -5.40
C LEU A 212 -24.27 -36.83 -4.89
N LEU A 213 -23.55 -35.72 -4.64
CA LEU A 213 -22.24 -35.83 -4.01
C LEU A 213 -22.17 -35.42 -2.54
N THR A 214 -23.15 -34.68 -2.04
CA THR A 214 -23.12 -34.30 -0.62
C THR A 214 -23.44 -35.49 0.27
N GLY A 215 -24.40 -36.32 -0.16
CA GLY A 215 -24.98 -37.35 0.71
C GLY A 215 -26.01 -36.65 1.56
N ALA A 216 -26.26 -37.16 2.78
CA ALA A 216 -27.24 -36.48 3.68
C ALA A 216 -26.89 -35.00 3.87
N GLY A 217 -27.81 -34.10 3.61
CA GLY A 217 -27.55 -32.68 3.82
C GLY A 217 -28.77 -31.77 3.73
N SER A 218 -28.53 -30.45 3.79
CA SER A 218 -29.64 -29.46 3.71
C SER A 218 -30.02 -29.16 2.28
N LEU A 219 -31.21 -28.61 2.05
CA LEU A 219 -31.63 -28.10 0.72
C LEU A 219 -30.97 -26.76 0.51
N GLY A 220 -31.16 -26.12 -0.63
CA GLY A 220 -30.60 -24.78 -0.79
C GLY A 220 -29.35 -24.77 -1.67
N ALA A 221 -28.28 -25.40 -1.20
CA ALA A 221 -27.00 -25.33 -1.89
C ALA A 221 -25.91 -26.12 -1.20
N THR A 222 -24.80 -26.36 -1.88
CA THR A 222 -23.51 -26.72 -1.22
C THR A 222 -22.48 -25.67 -1.54
N ILE A 223 -21.58 -25.42 -0.61
CA ILE A 223 -20.46 -24.51 -0.85
C ILE A 223 -19.17 -25.34 -0.98
N ASN A 224 -18.48 -25.30 -2.13
CA ASN A 224 -17.34 -26.18 -2.35
C ASN A 224 -16.15 -25.29 -2.43
N LEU A 225 -15.19 -25.48 -1.53
CA LEU A 225 -14.00 -24.62 -1.55
C LEU A 225 -12.81 -25.43 -2.07
N ILE A 226 -12.10 -24.91 -3.06
CA ILE A 226 -11.06 -25.65 -3.74
C ILE A 226 -9.74 -25.10 -3.18
N ARG A 227 -8.83 -25.95 -2.70
CA ARG A 227 -7.56 -25.50 -2.16
C ARG A 227 -6.54 -25.05 -3.29
N LYS A 228 -5.66 -24.08 -2.98
CA LYS A 228 -4.58 -23.72 -3.85
C LYS A 228 -3.67 -24.94 -3.95
N LYS A 229 -3.05 -25.13 -5.14
CA LYS A 229 -2.15 -26.26 -5.39
C LYS A 229 -0.71 -25.85 -5.79
N PRO A 230 0.26 -26.76 -5.65
CA PRO A 230 1.62 -26.38 -5.99
C PRO A 230 1.76 -26.22 -7.51
N THR A 231 2.92 -25.71 -7.93
CA THR A 231 3.18 -25.42 -9.34
C THR A 231 4.59 -25.86 -9.70
N HIS A 232 4.85 -25.91 -11.01
CA HIS A 232 6.13 -26.34 -11.59
C HIS A 232 7.17 -25.26 -11.74
N GLU A 233 6.74 -24.01 -11.69
CA GLU A 233 7.64 -22.86 -11.69
C GLU A 233 7.61 -22.33 -10.28
N PHE A 234 8.67 -21.71 -9.83
CA PHE A 234 8.61 -20.99 -8.56
C PHE A 234 7.71 -19.74 -8.65
N LYS A 235 6.90 -19.50 -7.63
CA LYS A 235 6.27 -18.18 -7.48
C LYS A 235 5.66 -17.93 -6.10
N GLY A 236 5.59 -16.66 -5.69
CA GLY A 236 4.91 -16.29 -4.45
C GLY A 236 4.59 -14.82 -4.33
N HIS A 237 3.90 -14.46 -3.26
CA HIS A 237 3.66 -13.05 -2.98
C HIS A 237 3.52 -12.81 -1.48
N VAL A 238 3.64 -11.56 -1.09
CA VAL A 238 3.45 -11.20 0.29
C VAL A 238 2.49 -10.06 0.16
N GLU A 239 1.62 -9.96 1.16
CA GLU A 239 0.56 -9.01 1.14
C GLU A 239 0.39 -8.41 2.54
N LEU A 240 0.04 -7.14 2.60
CA LEU A 240 -0.07 -6.38 3.83
C LEU A 240 -1.28 -5.49 3.60
N GLY A 241 -2.10 -5.32 4.63
CA GLY A 241 -3.32 -4.56 4.48
C GLY A 241 -3.61 -3.83 5.77
N ALA A 242 -4.22 -2.65 5.68
CA ALA A 242 -4.70 -1.93 6.87
C ALA A 242 -6.05 -1.28 6.59
N GLY A 243 -7.03 -1.57 7.44
CA GLY A 243 -8.43 -1.14 7.22
C GLY A 243 -9.05 -0.51 8.48
N SER A 244 -10.26 -0.01 8.30
CA SER A 244 -11.01 0.62 9.36
C SER A 244 -10.96 -0.22 10.58
N TRP A 245 -10.99 0.44 11.74
CA TRP A 245 -11.05 -0.21 13.07
C TRP A 245 -9.85 -1.12 13.32
N ASP A 246 -8.68 -0.64 12.91
CA ASP A 246 -7.41 -1.28 13.30
C ASP A 246 -7.43 -2.73 12.91
N ASN A 247 -7.70 -2.92 11.62
CA ASN A 247 -7.83 -4.19 10.96
C ASN A 247 -6.56 -4.33 10.18
N TYR A 248 -5.69 -5.23 10.65
CA TYR A 248 -4.36 -5.43 10.04
C TYR A 248 -4.25 -6.84 9.55
N ARG A 249 -3.67 -7.00 8.36
CA ARG A 249 -3.60 -8.35 7.75
C ARG A 249 -2.32 -8.50 7.05
N SER A 250 -1.70 -9.66 7.21
CA SER A 250 -0.53 -9.97 6.38
C SER A 250 -0.77 -11.33 5.80
N GLU A 251 -0.04 -11.64 4.74
CA GLU A 251 -0.23 -12.91 4.08
C GLU A 251 0.98 -13.28 3.26
N LEU A 252 1.36 -14.55 3.28
CA LEU A 252 2.50 -15.09 2.52
C LEU A 252 2.07 -16.35 1.81
N ASP A 253 2.49 -16.50 0.56
CA ASP A 253 2.11 -17.61 -0.33
C ASP A 253 3.33 -17.95 -1.23
N VAL A 254 3.87 -19.18 -1.09
CA VAL A 254 5.06 -19.64 -1.82
C VAL A 254 4.81 -21.03 -2.40
N SER A 255 5.20 -21.19 -3.64
CA SER A 255 4.84 -22.37 -4.39
C SER A 255 5.95 -22.73 -5.38
N GLY A 256 6.23 -24.02 -5.57
CA GLY A 256 7.20 -24.38 -6.60
C GLY A 256 7.81 -25.77 -6.50
N PRO A 257 8.74 -26.11 -7.43
CA PRO A 257 9.38 -27.40 -7.42
C PRO A 257 10.39 -27.46 -6.30
N LEU A 258 10.45 -28.60 -5.62
CA LEU A 258 11.36 -28.79 -4.51
C LEU A 258 12.55 -29.68 -4.84
N THR A 259 12.62 -30.17 -6.09
CA THR A 259 13.78 -30.91 -6.57
C THR A 259 14.06 -30.53 -8.02
N GLU A 260 15.32 -30.71 -8.41
CA GLU A 260 15.82 -30.28 -9.72
C GLU A 260 15.02 -30.75 -10.96
N SER A 261 14.49 -31.99 -10.90
CA SER A 261 13.60 -32.52 -11.97
C SER A 261 12.17 -32.01 -11.84
N GLY A 262 11.77 -31.60 -10.64
CA GLY A 262 10.42 -31.10 -10.47
C GLY A 262 9.38 -32.15 -10.13
N ASN A 263 9.81 -33.32 -9.65
CA ASN A 263 8.90 -34.41 -9.35
C ASN A 263 8.26 -34.33 -7.95
N VAL A 264 8.88 -33.54 -7.07
CA VAL A 264 8.15 -33.11 -5.89
C VAL A 264 7.97 -31.57 -5.94
N ARG A 265 6.81 -31.11 -5.51
CA ARG A 265 6.48 -29.69 -5.57
C ARG A 265 5.66 -29.40 -4.36
N GLY A 266 5.70 -28.17 -3.89
CA GLY A 266 4.97 -27.81 -2.67
C GLY A 266 4.47 -26.41 -2.71
N ARG A 267 3.50 -26.13 -1.85
CA ARG A 267 3.01 -24.81 -1.67
C ARG A 267 2.74 -24.54 -0.19
N ALA A 268 3.09 -23.34 0.26
CA ALA A 268 2.87 -23.01 1.64
C ALA A 268 2.20 -21.64 1.74
N VAL A 269 1.21 -21.58 2.61
CA VAL A 269 0.64 -20.30 2.92
C VAL A 269 0.45 -20.06 4.39
N ALA A 270 0.66 -18.80 4.78
CA ALA A 270 0.50 -18.36 6.17
C ALA A 270 -0.24 -17.06 6.03
N ALA A 271 -1.20 -16.82 6.91
CA ALA A 271 -1.94 -15.56 6.92
C ALA A 271 -2.30 -15.23 8.37
N TYR A 272 -2.33 -13.94 8.72
CA TYR A 272 -2.61 -13.49 10.13
C TYR A 272 -3.41 -12.19 10.02
N GLN A 273 -4.42 -12.03 10.85
CA GLN A 273 -5.24 -10.85 10.79
C GLN A 273 -5.69 -10.55 12.20
N ASP A 274 -5.54 -9.30 12.64
CA ASP A 274 -5.92 -8.86 13.99
C ASP A 274 -6.77 -7.65 13.71
N LYS A 275 -8.06 -7.70 14.04
CA LYS A 275 -8.92 -6.54 13.86
C LYS A 275 -9.75 -6.15 15.10
N HIS A 276 -10.13 -4.87 15.21
CA HIS A 276 -11.18 -4.46 16.13
C HIS A 276 -12.32 -4.26 15.21
N SER A 277 -13.32 -3.44 15.55
CA SER A 277 -14.56 -3.42 14.83
C SER A 277 -15.35 -2.16 15.16
N PHE A 278 -16.39 -1.85 14.38
CA PHE A 278 -17.20 -0.71 14.66
C PHE A 278 -17.96 -1.00 15.95
N MET A 279 -18.12 -2.27 16.28
CA MET A 279 -18.78 -2.66 17.52
C MET A 279 -17.80 -2.43 18.65
N ASP A 280 -18.29 -1.82 19.73
CA ASP A 280 -17.48 -1.60 20.91
C ASP A 280 -16.87 -2.92 21.47
N HIS A 281 -15.64 -2.82 21.96
CA HIS A 281 -14.94 -3.90 22.66
C HIS A 281 -15.01 -5.29 22.00
N TYR A 282 -15.12 -5.33 20.68
CA TYR A 282 -14.97 -6.60 19.97
C TYR A 282 -13.62 -6.63 19.23
N GLU A 283 -12.91 -7.74 19.32
CA GLU A 283 -11.71 -7.94 18.49
C GLU A 283 -11.54 -9.41 18.16
N ARG A 284 -10.80 -9.69 17.08
CA ARG A 284 -10.59 -11.07 16.67
C ARG A 284 -9.27 -11.27 16.00
N LYS A 285 -8.43 -12.15 16.56
CA LYS A 285 -7.14 -12.55 15.89
C LYS A 285 -7.39 -13.84 15.16
N THR A 286 -7.03 -13.90 13.89
CA THR A 286 -7.19 -15.16 13.17
C THR A 286 -5.83 -15.59 12.62
N SER A 287 -5.52 -16.89 12.66
CA SER A 287 -4.23 -17.38 12.13
C SER A 287 -4.49 -18.53 11.19
N VAL A 288 -3.75 -18.59 10.08
CA VAL A 288 -3.92 -19.67 9.14
C VAL A 288 -2.62 -20.15 8.57
N TYR A 289 -2.48 -21.47 8.53
CA TYR A 289 -1.28 -22.11 7.99
C TYR A 289 -1.71 -23.19 7.03
N TYR A 290 -0.92 -23.36 5.97
CA TYR A 290 -1.25 -24.37 4.94
C TYR A 290 -0.06 -24.97 4.23
N GLY A 291 -0.02 -26.28 4.15
CA GLY A 291 1.15 -26.93 3.56
C GLY A 291 0.72 -28.11 2.68
N ILE A 292 1.27 -28.20 1.49
CA ILE A 292 0.88 -29.23 0.55
C ILE A 292 2.06 -29.60 -0.31
N LEU A 293 2.26 -30.89 -0.47
CA LEU A 293 3.39 -31.47 -1.16
C LEU A 293 2.81 -32.44 -2.21
N GLU A 294 3.38 -32.47 -3.41
CA GLU A 294 2.93 -33.40 -4.46
C GLU A 294 4.10 -34.20 -4.90
N PHE A 295 4.03 -35.52 -4.78
CA PHE A 295 5.11 -36.42 -5.22
C PHE A 295 4.61 -37.20 -6.46
N ASP A 296 5.41 -37.23 -7.53
CA ASP A 296 5.13 -38.08 -8.71
C ASP A 296 5.78 -39.43 -8.61
N LEU A 297 5.03 -40.39 -8.07
CA LEU A 297 5.55 -41.74 -7.90
C LEU A 297 6.03 -42.27 -9.25
N ASN A 298 5.25 -42.02 -10.31
CA ASN A 298 5.66 -42.18 -11.72
C ASN A 298 4.80 -41.27 -12.61
N PRO A 299 5.14 -41.13 -13.91
CA PRO A 299 4.43 -40.07 -14.68
C PRO A 299 2.91 -40.19 -14.75
N ASP A 300 2.31 -41.27 -14.23
CA ASP A 300 0.84 -41.22 -14.18
C ASP A 300 0.23 -41.60 -12.84
N THR A 301 1.04 -41.62 -11.79
CA THR A 301 0.53 -41.83 -10.46
C THR A 301 1.06 -40.70 -9.60
N MET A 302 0.16 -39.95 -8.97
CA MET A 302 0.59 -38.87 -8.07
C MET A 302 0.07 -38.98 -6.62
N LEU A 303 0.99 -38.88 -5.64
CA LEU A 303 0.62 -38.74 -4.21
C LEU A 303 0.70 -37.27 -3.73
N THR A 304 -0.30 -36.85 -2.97
CA THR A 304 -0.41 -35.50 -2.44
C THR A 304 -0.65 -35.65 -0.94
N VAL A 305 0.14 -34.98 -0.10
CA VAL A 305 -0.12 -34.92 1.33
C VAL A 305 -0.20 -33.46 1.73
N GLY A 306 -1.05 -33.15 2.68
CA GLY A 306 -1.36 -31.74 2.92
C GLY A 306 -1.93 -31.54 4.27
N ALA A 307 -1.64 -30.37 4.86
CA ALA A 307 -2.26 -29.94 6.14
C ALA A 307 -2.70 -28.44 6.16
N ASP A 308 -3.77 -28.18 6.89
CA ASP A 308 -4.20 -26.82 7.06
C ASP A 308 -4.67 -26.59 8.47
N TYR A 309 -4.75 -25.31 8.84
CA TYR A 309 -4.94 -24.93 10.24
C TYR A 309 -5.52 -23.51 10.28
N GLN A 310 -6.58 -23.31 11.03
CA GLN A 310 -7.11 -21.96 11.16
C GLN A 310 -7.63 -21.82 12.57
N ASP A 311 -7.15 -20.78 13.24
CA ASP A 311 -7.67 -20.45 14.59
C ASP A 311 -8.39 -19.09 14.53
N ASN A 312 -9.59 -19.06 15.08
CA ASN A 312 -10.39 -17.85 15.10
C ASN A 312 -10.58 -17.60 16.60
N ASP A 313 -10.08 -16.45 17.07
CA ASP A 313 -9.91 -16.16 18.52
C ASP A 313 -10.47 -14.74 18.88
N PRO A 314 -11.75 -14.67 19.17
CA PRO A 314 -12.34 -13.36 19.37
C PRO A 314 -12.37 -12.97 20.87
N LYS A 315 -12.77 -11.73 21.17
CA LYS A 315 -13.05 -11.22 22.53
C LYS A 315 -14.24 -10.27 22.40
N GLY A 316 -15.20 -10.35 23.29
CA GLY A 316 -16.36 -9.51 23.17
C GLY A 316 -17.42 -10.11 22.25
N SER A 317 -17.38 -11.42 22.10
CA SER A 317 -18.41 -12.18 21.42
C SER A 317 -19.75 -12.05 22.09
N GLY A 318 -20.80 -12.09 21.28
CA GLY A 318 -22.14 -12.29 21.78
C GLY A 318 -22.66 -13.68 21.53
N TRP A 319 -23.79 -14.01 22.09
CA TRP A 319 -24.42 -15.32 22.01
C TRP A 319 -25.47 -15.11 20.92
N SER A 320 -26.28 -14.06 21.06
CA SER A 320 -27.41 -13.85 20.16
C SER A 320 -27.64 -12.40 19.75
N GLY A 321 -27.13 -11.97 18.61
CA GLY A 321 -27.36 -10.62 18.13
C GLY A 321 -26.59 -9.63 18.94
N SER A 322 -26.69 -8.35 18.62
CA SER A 322 -25.88 -7.32 19.29
C SER A 322 -26.59 -6.58 20.48
N PHE A 323 -27.91 -6.61 20.52
CA PHE A 323 -28.63 -5.92 21.54
C PHE A 323 -30.06 -6.43 21.53
N PRO A 324 -30.78 -6.31 22.67
CA PRO A 324 -32.15 -6.82 22.67
C PRO A 324 -33.10 -5.84 22.05
N LEU A 325 -34.07 -6.36 21.32
CA LEU A 325 -35.09 -5.56 20.71
C LEU A 325 -35.90 -4.75 21.72
N PHE A 326 -36.51 -5.40 22.69
CA PHE A 326 -37.39 -4.62 23.55
C PHE A 326 -36.67 -4.40 24.84
N ASP A 327 -37.01 -3.33 25.53
CA ASP A 327 -36.52 -3.06 26.87
C ASP A 327 -37.44 -3.77 27.84
N SER A 328 -37.36 -3.43 29.12
CA SER A 328 -38.13 -4.16 30.11
C SER A 328 -39.60 -3.82 30.03
N GLN A 329 -39.95 -2.67 29.47
CA GLN A 329 -41.37 -2.36 29.37
C GLN A 329 -42.04 -2.61 28.02
N GLY A 330 -41.26 -3.12 27.06
CA GLY A 330 -41.82 -3.46 25.77
C GLY A 330 -41.52 -2.48 24.65
N ASN A 331 -41.05 -1.26 24.97
CA ASN A 331 -40.60 -0.27 23.96
C ASN A 331 -39.47 -0.81 23.11
N ARG A 332 -39.39 -0.45 21.84
CA ARG A 332 -38.23 -0.86 21.04
C ARG A 332 -36.94 -0.12 21.51
N ASN A 333 -35.86 -0.84 21.74
CA ASN A 333 -34.57 -0.22 22.02
C ASN A 333 -33.95 0.48 20.82
N ASP A 334 -33.36 1.64 21.10
CA ASP A 334 -32.65 2.40 20.11
C ASP A 334 -31.20 2.56 20.55
N VAL A 335 -30.26 2.08 19.76
CA VAL A 335 -28.84 2.10 20.17
C VAL A 335 -27.90 2.41 19.02
N SER A 336 -26.74 3.01 19.31
CA SER A 336 -25.72 3.20 18.27
C SER A 336 -25.34 1.89 17.61
N ARG A 337 -24.87 1.98 16.36
CA ARG A 337 -24.29 0.81 15.70
C ARG A 337 -23.07 0.23 16.44
N SER A 338 -22.54 0.94 17.43
CA SER A 338 -21.35 0.43 18.10
C SER A 338 -21.73 -0.47 19.27
N PHE A 339 -23.01 -0.46 19.62
CA PHE A 339 -23.42 -1.28 20.73
C PHE A 339 -23.12 -2.75 20.58
N ASN A 340 -22.59 -3.35 21.63
CA ASN A 340 -22.21 -4.76 21.67
C ASN A 340 -22.56 -5.36 23.01
N ASN A 341 -23.55 -6.25 23.01
CA ASN A 341 -24.04 -6.80 24.28
C ASN A 341 -23.09 -7.78 24.96
N GLY A 342 -22.19 -8.40 24.20
CA GLY A 342 -21.21 -9.28 24.81
C GLY A 342 -20.34 -8.65 25.90
N ALA A 343 -19.93 -9.47 26.86
CA ALA A 343 -18.94 -9.04 27.88
C ALA A 343 -17.52 -8.94 27.32
N LYS A 344 -16.68 -8.13 27.95
CA LYS A 344 -15.29 -7.98 27.53
C LYS A 344 -14.55 -9.32 27.36
N TRP A 345 -14.70 -10.24 28.29
CA TRP A 345 -14.04 -11.54 28.25
C TRP A 345 -14.78 -12.58 27.43
N SER A 346 -15.93 -12.24 26.87
CA SER A 346 -16.72 -13.26 26.22
C SER A 346 -16.07 -13.64 24.91
N SER A 347 -16.04 -14.96 24.64
CA SER A 347 -15.34 -15.45 23.45
C SER A 347 -15.87 -16.75 22.85
N TRP A 348 -16.32 -16.71 21.63
CA TRP A 348 -16.60 -17.93 20.91
C TRP A 348 -15.38 -18.33 20.05
N GLU A 349 -14.27 -18.77 20.65
CA GLU A 349 -13.17 -19.18 19.79
C GLU A 349 -13.40 -20.53 19.08
N GLN A 350 -12.97 -20.57 17.81
CA GLN A 350 -13.30 -21.67 16.92
C GLN A 350 -12.06 -22.06 16.15
N TYR A 351 -11.73 -23.35 16.16
CA TYR A 351 -10.59 -23.77 15.34
C TYR A 351 -10.86 -24.99 14.39
N THR A 352 -10.15 -25.05 13.26
CA THR A 352 -10.23 -26.15 12.28
C THR A 352 -8.82 -26.63 11.94
N ARG A 353 -8.66 -27.93 11.79
CA ARG A 353 -7.42 -28.47 11.14
C ARG A 353 -7.64 -29.75 10.33
N THR A 354 -7.00 -29.84 9.18
CA THR A 354 -7.09 -31.04 8.38
C THR A 354 -5.71 -31.65 8.12
N VAL A 355 -5.64 -32.97 8.13
CA VAL A 355 -4.53 -33.62 7.47
C VAL A 355 -5.18 -34.44 6.36
N PHE A 356 -4.56 -34.50 5.19
CA PHE A 356 -5.15 -35.21 4.06
C PHE A 356 -4.15 -35.81 3.12
N ALA A 357 -4.49 -36.98 2.56
CA ALA A 357 -3.65 -37.61 1.53
C ALA A 357 -4.51 -38.04 0.36
N ASN A 358 -4.03 -37.84 -0.86
CA ASN A 358 -4.69 -38.36 -2.05
C ASN A 358 -3.74 -39.20 -2.90
N LEU A 359 -4.33 -40.08 -3.69
CA LEU A 359 -3.58 -40.82 -4.69
C LEU A 359 -4.39 -40.79 -5.95
N GLU A 360 -3.78 -40.34 -7.04
CA GLU A 360 -4.42 -40.33 -8.33
C GLU A 360 -3.65 -41.08 -9.38
N HIS A 361 -4.35 -41.94 -10.12
CA HIS A 361 -3.72 -42.78 -11.15
C HIS A 361 -4.43 -42.64 -12.52
N ASN A 362 -3.64 -42.59 -13.59
CA ASN A 362 -4.16 -42.57 -14.95
C ASN A 362 -4.10 -43.99 -15.53
N PHE A 363 -5.25 -44.58 -15.83
CA PHE A 363 -5.29 -45.90 -16.44
C PHE A 363 -5.15 -45.72 -17.94
N ALA A 364 -4.27 -46.52 -18.55
CA ALA A 364 -3.99 -46.47 -20.01
C ALA A 364 -5.27 -46.44 -20.89
N ASN A 365 -6.40 -46.81 -20.27
CA ASN A 365 -7.76 -46.51 -20.74
C ASN A 365 -8.14 -45.07 -21.14
N GLY A 366 -7.47 -44.07 -20.57
CA GLY A 366 -8.09 -42.72 -20.42
C GLY A 366 -8.93 -42.60 -19.13
N TRP A 367 -9.08 -43.73 -18.44
CA TRP A 367 -9.76 -43.77 -17.16
C TRP A 367 -8.82 -43.25 -16.08
N VAL A 368 -9.36 -42.55 -15.09
CA VAL A 368 -8.54 -42.09 -13.99
C VAL A 368 -9.19 -42.47 -12.65
N GLY A 369 -8.38 -43.00 -11.73
CA GLY A 369 -8.81 -43.25 -10.34
C GLY A 369 -8.24 -42.35 -9.25
N LYS A 370 -9.02 -42.13 -8.21
CA LYS A 370 -8.59 -41.25 -7.09
C LYS A 370 -9.08 -41.77 -5.74
N VAL A 371 -8.18 -41.73 -4.75
CA VAL A 371 -8.43 -42.12 -3.37
C VAL A 371 -8.08 -40.91 -2.50
N GLN A 372 -9.04 -40.49 -1.67
CA GLN A 372 -8.90 -39.34 -0.76
C GLN A 372 -9.15 -39.75 0.69
N LEU A 373 -8.14 -39.50 1.53
CA LEU A 373 -8.14 -39.74 2.97
C LEU A 373 -8.04 -38.44 3.79
N ASP A 374 -9.03 -38.20 4.66
CA ASP A 374 -9.06 -36.97 5.46
C ASP A 374 -9.14 -37.15 6.96
N HIS A 375 -8.29 -36.46 7.69
CA HIS A 375 -8.45 -36.34 9.13
C HIS A 375 -8.78 -34.90 9.39
N LYS A 376 -9.98 -34.62 9.85
CA LYS A 376 -10.40 -33.24 10.10
C LYS A 376 -10.76 -32.98 11.56
N ILE A 377 -10.47 -31.76 12.02
CA ILE A 377 -10.78 -31.39 13.39
C ILE A 377 -11.50 -30.05 13.47
N ASN A 378 -12.59 -29.98 14.23
CA ASN A 378 -13.41 -28.77 14.34
C ASN A 378 -13.61 -28.53 15.82
N GLY A 379 -12.83 -27.66 16.44
CA GLY A 379 -12.98 -27.43 17.85
C GLY A 379 -13.50 -26.04 18.17
N TYR A 380 -13.97 -25.88 19.41
CA TYR A 380 -14.47 -24.61 19.94
C TYR A 380 -14.21 -24.50 21.43
N HIS A 381 -13.98 -23.27 21.88
CA HIS A 381 -13.72 -22.92 23.30
C HIS A 381 -14.49 -21.62 23.49
N ALA A 382 -15.62 -21.71 24.20
CA ALA A 382 -16.67 -20.71 24.17
C ALA A 382 -17.19 -20.33 25.56
N PRO A 383 -16.42 -19.52 26.31
CA PRO A 383 -16.91 -18.86 27.50
C PRO A 383 -17.67 -17.57 27.12
N LEU A 384 -18.99 -17.64 27.18
CA LEU A 384 -19.81 -16.63 26.55
C LEU A 384 -20.54 -15.88 27.63
N GLY A 385 -20.76 -14.58 27.41
CA GLY A 385 -21.39 -13.69 28.41
C GLY A 385 -21.94 -12.48 27.71
N ALA A 386 -23.25 -12.29 27.77
CA ALA A 386 -23.86 -11.17 27.06
C ALA A 386 -25.09 -10.71 27.82
N ILE A 387 -25.45 -9.43 27.67
CA ILE A 387 -26.75 -8.91 28.06
C ILE A 387 -27.81 -9.62 27.22
N MET A 388 -28.89 -10.03 27.86
CA MET A 388 -29.86 -10.92 27.25
C MET A 388 -31.15 -10.85 28.03
N GLY A 389 -32.26 -10.85 27.31
CA GLY A 389 -33.55 -10.64 27.93
C GLY A 389 -34.11 -9.25 27.71
N ASP A 390 -35.17 -8.93 28.40
CA ASP A 390 -35.87 -7.65 28.15
C ASP A 390 -35.24 -6.55 29.00
N TRP A 391 -34.20 -5.92 28.42
CA TRP A 391 -33.39 -4.92 29.15
C TRP A 391 -33.09 -3.75 28.25
N PRO A 392 -32.89 -2.57 28.84
CA PRO A 392 -32.82 -2.19 30.23
C PRO A 392 -34.11 -2.23 31.04
N ALA A 393 -33.99 -2.01 32.33
CA ALA A 393 -35.13 -1.76 33.16
C ALA A 393 -35.14 -0.23 33.36
N PRO A 394 -36.21 0.30 33.98
CA PRO A 394 -36.35 1.77 34.06
C PRO A 394 -35.16 2.48 34.72
N ASP A 395 -34.47 1.77 35.62
CA ASP A 395 -33.31 2.34 36.31
C ASP A 395 -31.99 2.14 35.55
N ASN A 396 -32.11 1.62 34.32
CA ASN A 396 -30.97 1.46 33.43
C ASN A 396 -30.03 0.26 33.83
N SER A 397 -30.54 -0.66 34.65
CA SER A 397 -29.79 -1.88 34.96
C SER A 397 -30.22 -3.00 34.02
N ALA A 398 -29.37 -4.00 33.85
CA ALA A 398 -29.62 -5.09 32.91
C ALA A 398 -29.00 -6.41 33.43
N LYS A 399 -29.36 -7.53 32.82
CA LYS A 399 -28.83 -8.80 33.32
C LYS A 399 -28.14 -9.62 32.24
N ILE A 400 -27.01 -10.21 32.63
CA ILE A 400 -26.18 -11.08 31.76
C ILE A 400 -26.57 -12.55 31.85
N VAL A 401 -26.53 -13.23 30.71
CA VAL A 401 -26.47 -14.70 30.69
C VAL A 401 -25.06 -15.10 30.33
N ALA A 402 -24.55 -16.11 31.01
CA ALA A 402 -23.23 -16.59 30.82
C ALA A 402 -23.23 -18.08 30.83
N GLN A 403 -22.72 -18.70 29.77
CA GLN A 403 -22.61 -20.16 29.68
C GLN A 403 -21.28 -20.45 29.01
N LYS A 404 -20.67 -21.59 29.31
CA LYS A 404 -19.39 -21.96 28.71
C LYS A 404 -19.51 -23.28 28.03
N TYR A 405 -19.07 -23.35 26.76
CA TYR A 405 -19.11 -24.59 25.99
C TYR A 405 -17.73 -24.88 25.45
N THR A 406 -17.16 -26.06 25.75
CA THR A 406 -15.93 -26.46 25.07
C THR A 406 -16.17 -27.78 24.36
N GLY A 407 -15.56 -27.94 23.18
CA GLY A 407 -15.56 -29.24 22.58
C GLY A 407 -14.69 -29.38 21.38
N GLU A 408 -14.67 -30.58 20.82
CA GLU A 408 -13.86 -30.92 19.64
C GLU A 408 -14.62 -32.00 18.90
N THR A 409 -14.58 -31.96 17.57
CA THR A 409 -15.06 -33.05 16.75
C THR A 409 -13.92 -33.53 15.87
N LYS A 410 -13.72 -34.84 15.79
CA LYS A 410 -12.72 -35.45 14.92
C LYS A 410 -13.41 -36.20 13.79
N SER A 411 -13.03 -35.98 12.54
CA SER A 411 -13.64 -36.74 11.45
C SER A 411 -12.59 -37.47 10.65
N ASN A 412 -12.91 -38.69 10.24
CA ASN A 412 -12.09 -39.42 9.25
C ASN A 412 -12.92 -39.76 8.01
N SER A 413 -12.36 -39.46 6.85
CA SER A 413 -13.03 -39.73 5.59
C SER A 413 -12.19 -40.53 4.62
N LEU A 414 -12.87 -41.40 3.90
CA LEU A 414 -12.28 -42.13 2.78
C LEU A 414 -13.22 -41.91 1.63
N ASP A 415 -12.67 -41.44 0.52
CA ASP A 415 -13.49 -41.31 -0.68
C ASP A 415 -12.73 -41.96 -1.84
N ILE A 416 -13.27 -43.04 -2.42
CA ILE A 416 -12.69 -43.51 -3.68
C ILE A 416 -13.66 -43.42 -4.87
N TYR A 417 -13.17 -42.97 -6.03
CA TYR A 417 -13.96 -42.98 -7.27
C TYR A 417 -13.17 -43.21 -8.56
N LEU A 418 -13.87 -43.70 -9.58
CA LEU A 418 -13.32 -44.06 -10.88
C LEU A 418 -14.08 -43.33 -11.97
N THR A 419 -13.37 -42.77 -12.94
CA THR A 419 -14.06 -41.98 -13.98
C THR A 419 -13.47 -42.26 -15.39
N GLY A 420 -14.28 -42.25 -16.44
CA GLY A 420 -13.76 -42.53 -17.78
C GLY A 420 -14.84 -42.53 -18.84
N PRO A 421 -14.43 -42.64 -20.11
CA PRO A 421 -15.35 -42.71 -21.25
C PRO A 421 -15.61 -44.15 -21.75
N PHE A 422 -16.70 -44.29 -22.50
CA PHE A 422 -17.09 -45.57 -23.03
C PHE A 422 -18.00 -45.37 -24.24
N GLN A 423 -17.86 -46.24 -25.24
CA GLN A 423 -18.66 -46.20 -26.44
C GLN A 423 -19.93 -47.00 -26.18
N PHE A 424 -21.08 -46.56 -26.68
CA PHE A 424 -22.23 -47.43 -26.63
C PHE A 424 -22.81 -47.65 -28.03
N LEU A 425 -23.63 -46.73 -28.49
CA LEU A 425 -24.35 -47.06 -29.75
C LEU A 425 -23.74 -46.28 -30.89
N GLY A 426 -22.43 -46.46 -31.06
CA GLY A 426 -21.62 -45.66 -31.97
C GLY A 426 -21.27 -44.28 -31.40
N ARG A 427 -21.58 -44.00 -30.13
CA ARG A 427 -21.22 -42.70 -29.57
C ARG A 427 -20.41 -42.75 -28.25
N GLU A 428 -19.78 -41.62 -27.91
CA GLU A 428 -18.96 -41.52 -26.71
C GLU A 428 -19.68 -40.95 -25.49
N HIS A 429 -19.60 -41.70 -24.40
CA HIS A 429 -20.23 -41.30 -23.16
C HIS A 429 -19.16 -41.32 -22.09
N GLU A 430 -19.55 -40.97 -20.85
CA GLU A 430 -18.67 -41.03 -19.69
C GLU A 430 -19.44 -41.35 -18.36
N LEU A 431 -18.68 -41.80 -17.36
CA LEU A 431 -19.23 -42.34 -16.16
C LEU A 431 -18.33 -42.03 -14.98
N VAL A 432 -18.93 -41.72 -13.83
CA VAL A 432 -18.18 -41.73 -12.58
C VAL A 432 -18.91 -42.77 -11.76
N VAL A 433 -18.13 -43.57 -11.05
CA VAL A 433 -18.63 -44.49 -10.05
C VAL A 433 -17.74 -44.28 -8.80
N GLY A 434 -18.36 -44.25 -7.61
CA GLY A 434 -17.57 -43.96 -6.42
C GLY A 434 -18.27 -44.41 -5.16
N THR A 435 -17.53 -44.41 -4.06
CA THR A 435 -18.03 -44.85 -2.79
C THR A 435 -17.36 -44.02 -1.76
N SER A 436 -18.04 -43.75 -0.65
CA SER A 436 -17.43 -42.94 0.43
C SER A 436 -17.85 -43.37 1.85
N ALA A 437 -17.05 -43.00 2.84
CA ALA A 437 -17.31 -43.38 4.22
C ALA A 437 -16.78 -42.27 5.14
N SER A 438 -17.61 -41.80 6.07
CA SER A 438 -17.11 -40.89 7.09
C SER A 438 -17.56 -41.24 8.48
N PHE A 439 -16.62 -41.20 9.41
CA PHE A 439 -16.91 -41.43 10.80
C PHE A 439 -16.47 -40.14 11.46
N SER A 440 -17.32 -39.54 12.28
CA SER A 440 -17.00 -38.25 12.89
C SER A 440 -17.57 -38.23 14.29
N HIS A 441 -16.74 -37.74 15.21
CA HIS A 441 -16.98 -37.91 16.63
C HIS A 441 -16.96 -36.58 17.40
N TRP A 442 -18.11 -36.11 17.87
CA TRP A 442 -18.20 -34.91 18.68
C TRP A 442 -18.14 -35.20 20.17
N GLU A 443 -17.20 -34.57 20.87
CA GLU A 443 -17.06 -34.68 22.36
C GLU A 443 -17.00 -33.27 22.94
N GLY A 444 -17.67 -33.07 24.08
CA GLY A 444 -17.89 -31.74 24.60
C GLY A 444 -18.29 -31.71 26.05
N LYS A 445 -18.06 -30.55 26.68
CA LYS A 445 -18.39 -30.29 28.09
C LYS A 445 -19.20 -29.02 28.08
N SER A 446 -20.22 -28.94 28.93
CA SER A 446 -20.99 -27.69 29.03
C SER A 446 -21.08 -27.21 30.49
N TYR A 447 -21.11 -25.90 30.68
CA TYR A 447 -21.17 -25.32 32.02
C TYR A 447 -22.25 -24.26 32.10
N TRP A 448 -23.35 -24.57 32.81
CA TRP A 448 -24.36 -23.55 33.11
C TRP A 448 -24.58 -23.36 34.59
N ASN A 449 -24.06 -24.25 35.43
CA ASN A 449 -24.31 -24.11 36.86
C ASN A 449 -23.30 -23.18 37.50
N LEU A 450 -23.45 -21.88 37.24
CA LEU A 450 -22.56 -20.89 37.80
C LEU A 450 -22.67 -20.89 39.33
N ARG A 451 -21.52 -20.70 39.97
CA ARG A 451 -21.39 -20.68 41.40
C ARG A 451 -21.15 -19.25 41.83
N ASN A 452 -22.08 -18.75 42.64
CA ASN A 452 -22.01 -17.42 43.27
C ASN A 452 -21.74 -16.20 42.38
N TYR A 453 -22.38 -16.19 41.23
CA TYR A 453 -22.24 -15.06 40.31
C TYR A 453 -23.38 -14.06 40.46
N ASP A 454 -23.06 -12.79 40.24
CA ASP A 454 -24.02 -11.72 40.31
C ASP A 454 -24.12 -11.18 38.91
N ASN A 455 -25.15 -11.63 38.18
CA ASN A 455 -25.18 -11.37 36.76
C ASN A 455 -25.76 -9.99 36.31
N THR A 456 -25.89 -9.04 37.24
CA THR A 456 -26.48 -7.73 36.95
C THR A 456 -25.44 -6.63 36.67
N THR A 457 -25.80 -5.69 35.81
CA THR A 457 -25.00 -4.53 35.50
C THR A 457 -25.83 -3.25 35.70
N ASP A 458 -25.24 -2.27 36.38
CA ASP A 458 -25.91 -1.00 36.74
C ASP A 458 -26.18 -0.02 35.58
N ASP A 459 -25.69 -0.29 34.37
CA ASP A 459 -25.67 0.72 33.30
C ASP A 459 -25.73 0.18 31.87
N PHE A 460 -26.92 0.19 31.26
CA PHE A 460 -27.09 -0.34 29.92
C PHE A 460 -26.67 0.64 28.82
N ILE A 461 -27.05 1.90 28.98
CA ILE A 461 -26.82 2.90 27.93
C ILE A 461 -25.31 3.03 27.71
N ASN A 462 -24.50 2.83 28.74
CA ASN A 462 -23.09 2.97 28.54
C ASN A 462 -22.34 1.65 28.65
N TRP A 463 -23.06 0.56 28.51
CA TRP A 463 -22.48 -0.74 28.53
C TRP A 463 -21.27 -0.84 27.62
N ASP A 464 -20.29 -1.50 28.17
CA ASP A 464 -18.89 -1.41 27.78
C ASP A 464 -18.28 -2.84 27.70
N GLY A 465 -19.01 -3.83 28.22
CA GLY A 465 -18.52 -5.19 28.47
C GLY A 465 -17.81 -5.40 29.82
N ASP A 466 -17.73 -4.34 30.62
CA ASP A 466 -16.95 -4.33 31.84
C ASP A 466 -17.78 -4.90 32.95
N ILE A 467 -18.02 -6.20 32.85
CA ILE A 467 -18.64 -6.99 33.93
C ILE A 467 -17.65 -8.10 34.31
N GLY A 468 -17.81 -8.65 35.51
CA GLY A 468 -16.94 -9.75 35.99
C GLY A 468 -17.14 -11.11 35.33
N LYS A 469 -16.26 -12.07 35.67
CA LYS A 469 -16.31 -13.41 35.05
C LYS A 469 -16.70 -14.46 36.05
N PRO A 470 -17.70 -15.30 35.72
CA PRO A 470 -18.25 -16.17 36.76
C PRO A 470 -17.39 -17.41 37.09
N ASP A 471 -17.60 -18.01 38.24
CA ASP A 471 -17.10 -19.35 38.53
C ASP A 471 -17.99 -20.32 37.76
N TRP A 472 -17.43 -20.93 36.71
CA TRP A 472 -18.19 -21.83 35.85
C TRP A 472 -18.72 -23.05 36.59
N GLY A 473 -18.15 -23.35 37.76
CA GLY A 473 -18.50 -24.55 38.52
C GLY A 473 -18.08 -25.76 37.71
N THR A 474 -18.77 -26.88 37.90
CA THR A 474 -18.31 -28.15 37.28
C THR A 474 -19.07 -28.47 36.03
N PRO A 475 -18.62 -29.47 35.27
CA PRO A 475 -19.40 -29.52 34.01
C PRO A 475 -20.84 -29.97 34.27
N SER A 476 -21.78 -29.27 33.63
CA SER A 476 -23.20 -29.62 33.62
C SER A 476 -23.56 -30.87 32.79
N GLN A 477 -22.77 -31.14 31.74
CA GLN A 477 -23.17 -32.04 30.68
C GLN A 477 -21.97 -32.51 29.88
N TYR A 478 -21.95 -33.80 29.56
CA TYR A 478 -20.96 -34.29 28.61
C TYR A 478 -21.64 -34.70 27.30
N ILE A 479 -21.06 -34.29 26.18
CA ILE A 479 -21.52 -34.65 24.84
C ILE A 479 -20.64 -35.77 24.31
N ASP A 480 -21.30 -36.77 23.72
CA ASP A 480 -20.65 -37.83 22.93
C ASP A 480 -21.63 -38.25 21.82
N ASP A 481 -21.36 -37.72 20.62
CA ASP A 481 -22.16 -37.95 19.44
C ASP A 481 -21.21 -38.58 18.42
N LYS A 482 -21.68 -39.63 17.72
CA LYS A 482 -20.94 -40.23 16.60
C LYS A 482 -21.88 -40.31 15.40
N THR A 483 -21.45 -39.78 14.26
CA THR A 483 -22.18 -39.85 13.00
C THR A 483 -21.34 -40.65 11.98
N ARG A 484 -21.95 -41.60 11.29
CA ARG A 484 -21.25 -42.49 10.38
C ARG A 484 -22.03 -42.42 9.07
N GLN A 485 -21.36 -42.02 8.00
CA GLN A 485 -22.02 -41.89 6.70
C GLN A 485 -21.36 -42.78 5.67
N LEU A 486 -22.14 -43.63 5.03
CA LEU A 486 -21.58 -44.42 3.95
C LEU A 486 -22.36 -44.05 2.70
N GLY A 487 -21.66 -43.90 1.58
CA GLY A 487 -22.30 -43.60 0.30
C GLY A 487 -21.71 -44.40 -0.85
N SER A 488 -22.52 -44.60 -1.89
CA SER A 488 -22.11 -45.20 -3.17
C SER A 488 -22.85 -44.41 -4.22
N TYR A 489 -22.16 -44.06 -5.29
CA TYR A 489 -22.81 -43.26 -6.33
C TYR A 489 -22.26 -43.58 -7.69
N MET A 490 -22.99 -43.12 -8.70
CA MET A 490 -22.72 -43.39 -10.11
C MET A 490 -23.46 -42.34 -10.95
N THR A 491 -22.79 -41.69 -11.86
CA THR A 491 -23.50 -40.88 -12.83
C THR A 491 -23.01 -41.25 -14.20
N ALA A 492 -23.89 -41.23 -15.18
CA ALA A 492 -23.50 -41.49 -16.56
C ALA A 492 -23.95 -40.30 -17.37
N ARG A 493 -23.12 -39.90 -18.33
CA ARG A 493 -23.47 -38.78 -19.18
C ARG A 493 -23.54 -39.28 -20.62
N PHE A 494 -24.74 -39.36 -21.20
CA PHE A 494 -24.84 -39.96 -22.53
C PHE A 494 -24.89 -38.85 -23.54
N ASN A 495 -24.03 -38.95 -24.55
CA ASN A 495 -24.12 -38.10 -25.71
C ASN A 495 -25.14 -38.72 -26.68
N VAL A 496 -26.41 -38.39 -26.50
CA VAL A 496 -27.43 -39.11 -27.24
C VAL A 496 -27.41 -38.69 -28.72
N THR A 497 -27.36 -37.38 -28.99
CA THR A 497 -27.18 -36.91 -30.37
C THR A 497 -26.09 -35.84 -30.40
N ASP A 498 -25.87 -35.24 -31.57
CA ASP A 498 -24.99 -34.08 -31.63
C ASP A 498 -25.45 -32.93 -30.72
N ASP A 499 -26.72 -32.90 -30.30
CA ASP A 499 -27.22 -31.78 -29.48
C ASP A 499 -27.73 -32.14 -28.11
N LEU A 500 -27.80 -33.42 -27.76
CA LEU A 500 -28.54 -33.76 -26.52
C LEU A 500 -27.73 -34.64 -25.59
N ASN A 501 -27.59 -34.21 -24.33
CA ASN A 501 -26.82 -34.96 -23.34
C ASN A 501 -27.70 -35.36 -22.18
N LEU A 502 -27.68 -36.65 -21.84
CA LEU A 502 -28.61 -37.18 -20.88
C LEU A 502 -27.83 -37.62 -19.67
N PHE A 503 -28.28 -37.17 -18.51
CA PHE A 503 -27.61 -37.43 -17.27
C PHE A 503 -28.44 -38.38 -16.46
N LEU A 504 -27.90 -39.56 -16.16
CA LEU A 504 -28.59 -40.50 -15.27
C LEU A 504 -27.63 -40.93 -14.19
N GLY A 505 -28.03 -40.74 -12.93
CA GLY A 505 -27.24 -41.27 -11.85
C GLY A 505 -28.00 -41.30 -10.55
N GLY A 506 -27.28 -41.64 -9.48
CA GLY A 506 -27.79 -41.52 -8.14
C GLY A 506 -26.82 -42.02 -7.08
N ARG A 507 -27.23 -41.87 -5.82
CA ARG A 507 -26.45 -42.21 -4.65
C ARG A 507 -27.29 -43.11 -3.74
N VAL A 508 -26.68 -44.15 -3.21
CA VAL A 508 -27.34 -44.93 -2.16
C VAL A 508 -26.62 -44.57 -0.86
N VAL A 509 -27.35 -44.27 0.20
CA VAL A 509 -26.80 -43.71 1.45
C VAL A 509 -27.16 -44.52 2.68
N ASP A 510 -26.19 -44.64 3.58
CA ASP A 510 -26.41 -45.25 4.88
C ASP A 510 -25.94 -44.24 5.94
N TYR A 511 -26.79 -43.96 6.92
CA TYR A 511 -26.56 -42.88 7.89
C TYR A 511 -26.99 -43.26 9.30
N ARG A 512 -26.03 -43.36 10.22
CA ARG A 512 -26.31 -43.79 11.58
C ARG A 512 -25.77 -42.69 12.47
N VAL A 513 -26.56 -42.26 13.46
CA VAL A 513 -26.06 -41.37 14.54
C VAL A 513 -26.31 -41.91 15.93
N THR A 514 -25.25 -41.88 16.70
CA THR A 514 -25.04 -42.77 17.82
C THR A 514 -24.48 -41.97 18.99
N GLY A 515 -24.76 -42.35 20.22
CA GLY A 515 -24.35 -41.50 21.33
C GLY A 515 -25.33 -41.40 22.48
N LEU A 516 -25.46 -40.24 23.10
CA LEU A 516 -26.39 -40.13 24.24
C LEU A 516 -27.86 -40.02 23.82
N ASN A 517 -28.12 -39.71 22.54
CA ASN A 517 -29.50 -39.86 22.03
C ASN A 517 -29.85 -41.28 21.58
N PRO A 518 -31.17 -41.57 21.44
CA PRO A 518 -31.58 -42.88 20.89
C PRO A 518 -31.08 -42.94 19.46
N THR A 519 -30.50 -44.07 19.06
CA THR A 519 -29.81 -44.20 17.78
C THR A 519 -30.69 -43.78 16.58
N ILE A 520 -30.11 -43.15 15.59
CA ILE A 520 -30.91 -42.68 14.46
C ILE A 520 -30.35 -43.36 13.23
N ARG A 521 -31.22 -43.92 12.40
CA ARG A 521 -30.75 -44.79 11.34
C ARG A 521 -31.61 -44.72 10.08
N GLU A 522 -30.92 -44.56 8.94
CA GLU A 522 -31.47 -44.78 7.62
C GLU A 522 -30.50 -45.67 6.86
N SER A 523 -31.00 -46.74 6.26
CA SER A 523 -30.23 -47.65 5.42
C SER A 523 -30.81 -47.64 4.02
N GLY A 524 -29.99 -47.95 3.02
CA GLY A 524 -30.47 -48.05 1.62
C GLY A 524 -31.28 -46.91 1.01
N ARG A 525 -31.15 -45.70 1.54
CA ARG A 525 -31.83 -44.51 0.98
C ARG A 525 -31.28 -44.03 -0.37
N PHE A 526 -32.16 -43.96 -1.36
CA PHE A 526 -31.72 -43.69 -2.72
C PHE A 526 -31.94 -42.24 -3.07
N ILE A 527 -30.90 -41.59 -3.58
CA ILE A 527 -31.03 -40.23 -4.03
C ILE A 527 -30.85 -40.17 -5.54
N PRO A 528 -31.96 -39.94 -6.28
CA PRO A 528 -31.91 -39.97 -7.76
C PRO A 528 -31.28 -38.74 -8.43
N TYR A 529 -30.77 -38.88 -9.64
CA TYR A 529 -30.26 -37.73 -10.39
C TYR A 529 -30.54 -37.86 -11.90
N VAL A 530 -31.29 -36.90 -12.43
CA VAL A 530 -31.77 -36.89 -13.79
C VAL A 530 -31.65 -35.48 -14.34
N GLY A 531 -30.98 -35.33 -15.48
CA GLY A 531 -30.90 -34.03 -16.15
C GLY A 531 -30.65 -34.17 -17.65
N ALA A 532 -30.94 -33.10 -18.37
CA ALA A 532 -30.68 -33.07 -19.79
C ALA A 532 -30.27 -31.68 -20.22
N VAL A 533 -29.45 -31.62 -21.27
CA VAL A 533 -29.02 -30.38 -21.89
C VAL A 533 -29.17 -30.46 -23.42
N TYR A 534 -29.85 -29.47 -23.98
CA TYR A 534 -30.18 -29.47 -25.40
C TYR A 534 -29.61 -28.21 -26.05
N ASP A 535 -28.74 -28.40 -27.03
CA ASP A 535 -28.11 -27.28 -27.74
C ASP A 535 -29.08 -26.64 -28.75
N LEU A 536 -29.14 -25.31 -28.75
CA LEU A 536 -30.00 -24.60 -29.70
C LEU A 536 -29.21 -23.93 -30.83
N ASN A 537 -28.06 -23.34 -30.53
CA ASN A 537 -27.13 -22.86 -31.55
C ASN A 537 -25.74 -22.91 -30.94
N ASP A 538 -24.76 -22.36 -31.67
CA ASP A 538 -23.41 -22.16 -31.17
C ASP A 538 -23.44 -21.47 -29.81
N THR A 539 -24.45 -20.66 -29.54
CA THR A 539 -24.47 -19.83 -28.29
C THR A 539 -25.29 -20.36 -27.07
N TYR A 540 -26.47 -20.93 -27.32
CA TYR A 540 -27.46 -21.18 -26.25
C TYR A 540 -27.83 -22.66 -26.14
N SER A 541 -27.97 -23.12 -24.91
CA SER A 541 -28.48 -24.45 -24.64
C SER A 541 -29.61 -24.34 -23.63
N VAL A 542 -30.66 -25.15 -23.78
CA VAL A 542 -31.63 -25.30 -22.70
C VAL A 542 -31.42 -26.62 -21.97
N TYR A 543 -31.80 -26.64 -20.68
CA TYR A 543 -31.55 -27.76 -19.77
C TYR A 543 -32.66 -27.86 -18.73
N ALA A 544 -32.70 -29.04 -18.08
CA ALA A 544 -33.73 -29.38 -17.12
C ALA A 544 -33.16 -30.49 -16.27
N SER A 545 -33.52 -30.50 -14.98
CA SER A 545 -33.01 -31.51 -14.08
C SER A 545 -33.98 -31.71 -12.94
N TYR A 546 -33.86 -32.86 -12.28
CA TYR A 546 -34.65 -33.27 -11.15
C TYR A 546 -33.60 -33.85 -10.25
N THR A 547 -33.47 -33.24 -9.05
CA THR A 547 -32.44 -33.58 -8.08
C THR A 547 -33.06 -33.67 -6.70
N ASP A 548 -32.37 -34.37 -5.78
CA ASP A 548 -32.93 -34.73 -4.47
C ASP A 548 -31.91 -34.57 -3.32
N ILE A 549 -32.41 -34.50 -2.07
CA ILE A 549 -31.57 -34.56 -0.83
C ILE A 549 -32.43 -34.84 0.42
N PHE A 550 -31.81 -35.40 1.46
CA PHE A 550 -32.48 -35.64 2.71
C PHE A 550 -31.49 -35.46 3.85
N MET A 551 -32.03 -35.25 5.03
CA MET A 551 -31.22 -35.12 6.22
C MET A 551 -32.02 -35.80 7.35
N PRO A 552 -31.41 -36.80 8.02
CA PRO A 552 -32.11 -37.30 9.16
C PRO A 552 -32.14 -36.19 10.20
N GLN A 553 -33.22 -36.20 10.97
CA GLN A 553 -33.64 -35.12 11.80
C GLN A 553 -32.81 -35.08 13.10
N ASP A 554 -32.61 -33.91 13.72
CA ASP A 554 -32.12 -33.91 15.11
C ASP A 554 -33.07 -34.69 16.03
N SER A 555 -32.50 -35.35 17.03
CA SER A 555 -33.26 -36.29 17.84
C SER A 555 -34.31 -35.64 18.75
N TRP A 556 -34.29 -34.32 18.83
CA TRP A 556 -35.30 -33.69 19.66
C TRP A 556 -36.57 -33.44 18.86
N TYR A 557 -36.47 -33.63 17.55
CA TYR A 557 -37.61 -33.50 16.66
C TYR A 557 -38.49 -34.76 16.61
N ARG A 558 -39.15 -35.04 17.74
CA ARG A 558 -40.05 -36.16 17.86
C ARG A 558 -41.50 -35.67 17.70
N ASP A 559 -42.47 -36.59 17.71
CA ASP A 559 -43.85 -36.24 17.47
C ASP A 559 -44.74 -36.65 18.62
N SER A 560 -46.03 -36.32 18.52
CA SER A 560 -47.09 -36.80 19.35
C SER A 560 -46.76 -38.10 20.10
N SER A 561 -46.21 -39.08 19.39
CA SER A 561 -46.14 -40.44 19.89
C SER A 561 -44.73 -40.73 20.35
N ASN A 562 -43.89 -39.70 20.36
CA ASN A 562 -42.49 -39.82 20.72
C ASN A 562 -41.70 -40.49 19.61
N LYS A 563 -42.19 -40.43 18.38
CA LYS A 563 -41.42 -41.02 17.29
C LYS A 563 -40.69 -39.92 16.57
N LEU A 564 -39.40 -40.15 16.28
CA LEU A 564 -38.59 -39.22 15.50
C LEU A 564 -39.27 -39.08 14.15
N LEU A 565 -39.23 -37.86 13.64
CA LEU A 565 -39.86 -37.52 12.39
C LEU A 565 -39.08 -38.16 11.29
N GLU A 566 -39.74 -38.46 10.18
CA GLU A 566 -38.98 -38.94 9.02
C GLU A 566 -38.00 -37.85 8.51
N PRO A 567 -36.94 -38.26 7.80
CA PRO A 567 -35.92 -37.27 7.46
C PRO A 567 -36.45 -36.07 6.66
N ASP A 568 -35.84 -34.91 6.90
CA ASP A 568 -36.12 -33.69 6.19
C ASP A 568 -35.61 -33.84 4.75
N GLU A 569 -36.51 -33.79 3.79
CA GLU A 569 -36.24 -34.19 2.40
C GLU A 569 -36.65 -33.11 1.42
N GLY A 570 -36.09 -33.09 0.21
CA GLY A 570 -36.61 -32.19 -0.80
C GLY A 570 -36.13 -32.44 -2.22
N GLN A 571 -36.94 -32.01 -3.19
CA GLN A 571 -36.60 -32.12 -4.60
C GLN A 571 -36.57 -30.76 -5.27
N ASN A 572 -35.56 -30.53 -6.11
CA ASN A 572 -35.43 -29.29 -6.90
C ASN A 572 -35.82 -29.61 -8.32
N TYR A 573 -36.79 -28.88 -8.87
CA TYR A 573 -37.17 -29.03 -10.28
C TYR A 573 -36.70 -27.80 -10.99
N GLU A 574 -35.90 -27.97 -12.03
CA GLU A 574 -35.34 -26.80 -12.65
C GLU A 574 -35.39 -26.96 -14.16
N ILE A 575 -35.75 -25.85 -14.83
CA ILE A 575 -35.57 -25.74 -16.26
C ILE A 575 -34.92 -24.38 -16.56
N GLY A 576 -34.12 -24.32 -17.63
CA GLY A 576 -33.40 -23.08 -17.94
C GLY A 576 -32.68 -22.97 -19.26
N ILE A 577 -32.06 -21.82 -19.49
CA ILE A 577 -31.28 -21.61 -20.68
C ILE A 577 -29.99 -20.96 -20.25
N LYS A 578 -28.89 -21.41 -20.84
CA LYS A 578 -27.54 -20.94 -20.55
C LYS A 578 -26.91 -20.52 -21.86
N GLY A 579 -26.16 -19.42 -21.83
CA GLY A 579 -25.49 -18.93 -23.03
C GLY A 579 -23.99 -18.83 -22.84
N GLU A 580 -23.26 -18.95 -23.94
CA GLU A 580 -21.78 -18.98 -23.86
C GLU A 580 -21.18 -18.12 -24.97
N TYR A 581 -20.35 -17.14 -24.64
CA TYR A 581 -19.88 -16.24 -25.69
C TYR A 581 -18.36 -16.19 -25.65
N LEU A 582 -17.73 -15.63 -26.70
CA LEU A 582 -16.29 -15.32 -26.68
C LEU A 582 -15.47 -16.54 -26.27
N ASP A 583 -15.84 -17.71 -26.81
CA ASP A 583 -15.16 -18.98 -26.58
C ASP A 583 -15.08 -19.39 -25.07
N GLY A 584 -16.16 -19.16 -24.32
CA GLY A 584 -16.16 -19.48 -22.91
C GLY A 584 -15.63 -18.37 -22.02
N ARG A 585 -15.26 -17.21 -22.61
CA ARG A 585 -14.86 -16.05 -21.79
C ARG A 585 -16.09 -15.33 -21.13
N LEU A 586 -17.31 -15.63 -21.57
CA LEU A 586 -18.50 -15.02 -20.94
C LEU A 586 -19.68 -16.01 -20.88
N ASN A 587 -20.31 -16.10 -19.70
CA ASN A 587 -21.43 -17.04 -19.46
C ASN A 587 -22.71 -16.31 -19.06
N THR A 588 -23.85 -16.73 -19.61
CA THR A 588 -25.12 -16.22 -19.11
C THR A 588 -26.06 -17.36 -18.82
N SER A 589 -26.93 -17.13 -17.83
CA SER A 589 -27.90 -18.14 -17.49
C SER A 589 -29.16 -17.51 -16.97
N LEU A 590 -30.29 -18.16 -17.23
CA LEU A 590 -31.59 -17.77 -16.74
C LEU A 590 -32.31 -19.06 -16.40
N ALA A 591 -32.80 -19.16 -15.17
CA ALA A 591 -33.40 -20.39 -14.67
C ALA A 591 -34.72 -20.15 -13.95
N TYR A 592 -35.64 -21.12 -14.08
CA TYR A 592 -36.82 -21.23 -13.23
C TYR A 592 -36.70 -22.53 -12.45
N PHE A 593 -37.12 -22.49 -11.18
CA PHE A 593 -36.87 -23.60 -10.27
C PHE A 593 -37.88 -23.62 -9.17
N GLU A 594 -38.20 -24.83 -8.72
CA GLU A 594 -39.14 -25.03 -7.66
C GLU A 594 -38.53 -26.09 -6.78
N ILE A 595 -38.53 -25.83 -5.48
CA ILE A 595 -38.08 -26.83 -4.48
C ILE A 595 -39.32 -27.32 -3.71
N HIS A 596 -39.62 -28.62 -3.80
CA HIS A 596 -40.69 -29.26 -2.99
C HIS A 596 -39.99 -29.95 -1.80
N GLU A 597 -40.32 -29.52 -0.58
CA GLU A 597 -39.76 -30.12 0.62
C GLU A 597 -40.77 -30.99 1.32
N GLU A 598 -40.29 -32.06 1.93
CA GLU A 598 -41.17 -32.81 2.77
C GLU A 598 -40.55 -33.19 4.16
N ASN A 599 -41.39 -33.34 5.19
CA ASN A 599 -40.97 -33.53 6.60
C ASN A 599 -40.22 -32.31 7.22
N ARG A 600 -40.64 -31.09 6.90
CA ARG A 600 -40.02 -29.93 7.56
C ARG A 600 -40.58 -29.90 8.98
N ALA A 601 -39.66 -29.92 9.97
CA ALA A 601 -40.06 -30.01 11.38
C ALA A 601 -40.92 -28.80 11.68
N GLU A 602 -42.03 -29.03 12.40
CA GLU A 602 -42.88 -27.93 12.81
C GLU A 602 -43.50 -28.10 14.20
N GLU A 603 -43.01 -27.32 15.13
CA GLU A 603 -43.56 -27.16 16.45
C GLU A 603 -44.77 -28.07 16.87
N ASP A 604 -45.96 -28.02 16.25
CA ASP A 604 -47.13 -28.79 16.78
C ASP A 604 -47.80 -28.05 17.94
N ALA A 605 -48.49 -26.99 17.54
CA ALA A 605 -49.03 -26.00 18.43
C ALA A 605 -50.09 -26.61 19.27
N LEU A 606 -50.95 -27.40 18.63
CA LEU A 606 -52.12 -27.93 19.29
C LEU A 606 -51.82 -28.94 20.39
N TYR A 607 -50.87 -29.84 20.15
CA TYR A 607 -50.30 -30.68 21.20
C TYR A 607 -49.62 -29.82 22.27
N ASN A 608 -48.66 -29.02 21.81
CA ASN A 608 -47.85 -28.25 22.74
C ASN A 608 -48.58 -27.33 23.74
N SER A 609 -49.88 -27.15 23.59
CA SER A 609 -50.60 -26.34 24.55
C SER A 609 -50.96 -27.07 25.81
N LYS A 610 -50.78 -28.37 25.81
CA LYS A 610 -51.07 -29.19 26.97
C LYS A 610 -50.65 -30.58 26.56
N PRO A 611 -49.35 -30.90 26.78
CA PRO A 611 -48.78 -32.22 26.66
C PRO A 611 -49.60 -33.28 27.39
N THR A 612 -49.74 -34.44 26.75
CA THR A 612 -50.71 -35.45 27.19
C THR A 612 -50.03 -36.79 26.96
N ASN A 613 -48.82 -36.72 26.39
CA ASN A 613 -47.96 -37.88 26.47
C ASN A 613 -47.01 -37.63 27.59
N PRO A 614 -47.17 -38.39 28.69
CA PRO A 614 -46.27 -38.36 29.85
C PRO A 614 -44.90 -38.52 29.24
N ALA A 615 -44.82 -39.45 28.27
CA ALA A 615 -43.67 -39.64 27.39
C ALA A 615 -42.95 -38.36 26.91
N ILE A 616 -43.48 -37.64 25.90
CA ILE A 616 -42.81 -36.38 25.40
C ILE A 616 -43.53 -35.17 26.00
N THR A 617 -42.95 -34.00 25.69
CA THR A 617 -43.25 -32.74 26.37
C THR A 617 -43.17 -31.54 25.40
N TYR A 618 -42.68 -31.79 24.21
CA TYR A 618 -42.67 -30.75 23.21
C TYR A 618 -42.44 -31.39 21.86
N ALA A 619 -43.53 -31.86 21.26
CA ALA A 619 -43.48 -32.70 20.06
C ALA A 619 -43.51 -31.78 18.90
N TYR A 620 -43.02 -32.23 17.74
CA TYR A 620 -43.08 -31.50 16.49
C TYR A 620 -43.97 -32.28 15.53
N LYS A 621 -44.02 -31.81 14.29
CA LYS A 621 -45.02 -32.19 13.32
C LYS A 621 -44.28 -32.02 11.99
N GLY A 622 -44.36 -33.01 11.11
CA GLY A 622 -43.60 -33.00 9.85
C GLY A 622 -44.43 -32.53 8.68
N ILE A 623 -44.13 -31.33 8.15
CA ILE A 623 -44.97 -30.70 7.08
C ILE A 623 -44.29 -30.52 5.72
N LYS A 624 -45.11 -30.21 4.71
CA LYS A 624 -44.60 -29.95 3.39
C LYS A 624 -44.29 -28.45 3.29
N ALA A 625 -43.42 -28.09 2.33
CA ALA A 625 -43.11 -26.71 1.96
C ALA A 625 -42.61 -26.59 0.49
N LYS A 626 -42.81 -25.41 -0.08
CA LYS A 626 -42.49 -25.23 -1.48
C LYS A 626 -41.74 -23.92 -1.73
N THR A 627 -40.64 -23.98 -2.48
CA THR A 627 -40.01 -22.78 -2.98
C THR A 627 -40.29 -22.67 -4.47
N LYS A 628 -40.77 -21.51 -4.88
CA LYS A 628 -40.88 -21.14 -6.29
C LYS A 628 -40.01 -19.92 -6.51
N GLY A 629 -39.29 -19.88 -7.62
CA GLY A 629 -38.65 -18.69 -8.09
C GLY A 629 -37.74 -18.88 -9.29
N TYR A 630 -37.03 -17.80 -9.63
CA TYR A 630 -36.26 -17.79 -10.84
C TYR A 630 -35.03 -16.94 -10.62
N GLU A 631 -34.06 -17.07 -11.53
CA GLU A 631 -32.72 -16.55 -11.30
C GLU A 631 -32.00 -16.27 -12.62
N ALA A 632 -31.33 -15.12 -12.71
CA ALA A 632 -30.55 -14.70 -13.90
C ALA A 632 -29.15 -14.32 -13.47
N GLU A 633 -28.16 -14.71 -14.26
CA GLU A 633 -26.76 -14.41 -13.96
C GLU A 633 -25.89 -14.25 -15.17
N ILE A 634 -24.75 -13.59 -14.96
CA ILE A 634 -23.80 -13.28 -16.04
C ILE A 634 -22.45 -13.11 -15.36
N SER A 635 -21.39 -13.61 -15.99
CA SER A 635 -20.08 -13.50 -15.40
C SER A 635 -19.08 -13.63 -16.51
N GLY A 636 -18.01 -12.85 -16.44
CA GLY A 636 -17.01 -12.91 -17.49
C GLY A 636 -16.71 -11.58 -18.17
N GLU A 637 -16.32 -11.68 -19.44
CA GLU A 637 -15.84 -10.55 -20.21
C GLU A 637 -16.96 -9.86 -20.95
N LEU A 638 -17.13 -8.57 -20.65
CA LEU A 638 -18.10 -7.72 -21.34
C LEU A 638 -17.49 -6.98 -22.51
N ALA A 639 -16.18 -6.72 -22.39
CA ALA A 639 -15.34 -6.10 -23.42
C ALA A 639 -13.89 -6.39 -23.02
N PRO A 640 -12.93 -6.19 -23.95
CA PRO A 640 -11.56 -6.57 -23.55
C PRO A 640 -11.07 -6.35 -22.11
N GLY A 641 -11.09 -5.22 -21.47
CA GLY A 641 -10.61 -5.40 -20.06
C GLY A 641 -11.69 -5.33 -18.99
N TRP A 642 -12.87 -5.83 -19.30
CA TRP A 642 -14.03 -5.44 -18.56
C TRP A 642 -14.69 -6.70 -18.07
N GLN A 643 -14.62 -6.90 -16.78
CA GLN A 643 -15.11 -8.11 -16.17
C GLN A 643 -16.32 -7.79 -15.31
N VAL A 644 -17.34 -8.66 -15.34
CA VAL A 644 -18.44 -8.62 -14.37
C VAL A 644 -18.81 -9.93 -13.77
N GLN A 645 -19.48 -9.82 -12.63
CA GLN A 645 -20.33 -10.89 -12.14
C GLN A 645 -21.55 -10.26 -11.61
N ALA A 646 -22.70 -10.77 -12.04
CA ALA A 646 -24.01 -10.18 -11.68
C ALA A 646 -25.07 -11.24 -11.66
N GLY A 647 -26.13 -10.96 -10.90
CA GLY A 647 -27.21 -11.89 -10.76
C GLY A 647 -28.49 -11.25 -10.27
N TYR A 648 -29.58 -11.89 -10.66
CA TYR A 648 -30.87 -11.58 -10.08
C TYR A 648 -31.57 -12.88 -9.66
N THR A 649 -32.13 -12.86 -8.46
CA THR A 649 -32.86 -14.02 -7.97
C THR A 649 -34.13 -13.58 -7.30
N HIS A 650 -35.24 -14.18 -7.69
CA HIS A 650 -36.53 -14.01 -7.03
C HIS A 650 -36.99 -15.33 -6.40
N LYS A 651 -37.52 -15.30 -5.15
CA LYS A 651 -38.14 -16.48 -4.52
C LYS A 651 -39.27 -16.14 -3.58
N ILE A 652 -40.13 -17.12 -3.34
CA ILE A 652 -41.07 -17.09 -2.23
C ILE A 652 -41.19 -18.53 -1.81
N ILE A 653 -41.01 -18.78 -0.51
CA ILE A 653 -41.22 -20.09 0.03
C ILE A 653 -42.39 -20.12 1.04
N ARG A 654 -43.33 -21.03 0.78
CA ARG A 654 -44.49 -21.25 1.67
C ARG A 654 -44.44 -22.66 2.21
N ASP A 655 -45.01 -22.81 3.41
CA ASP A 655 -45.20 -24.13 4.06
C ASP A 655 -46.68 -24.55 4.07
N ASP A 656 -46.98 -25.77 4.53
CA ASP A 656 -48.36 -26.30 4.60
C ASP A 656 -49.34 -25.47 5.39
N SER A 657 -48.89 -24.36 5.95
CA SER A 657 -49.90 -23.42 6.49
C SER A 657 -50.48 -22.43 5.43
N GLY A 658 -49.84 -22.35 4.25
CA GLY A 658 -50.07 -21.30 3.26
C GLY A 658 -49.13 -20.12 3.47
N LYS A 659 -48.61 -19.97 4.68
CA LYS A 659 -47.94 -18.74 5.09
C LYS A 659 -46.50 -18.68 4.59
N LYS A 660 -46.07 -17.48 4.21
CA LYS A 660 -44.68 -17.29 3.80
C LYS A 660 -43.75 -17.64 4.93
N VAL A 661 -42.59 -18.16 4.57
CA VAL A 661 -41.60 -18.69 5.52
C VAL A 661 -40.16 -18.17 5.10
N SER A 662 -39.12 -18.35 5.93
CA SER A 662 -37.84 -17.68 5.65
C SER A 662 -38.03 -16.22 5.19
N THR A 663 -38.81 -15.47 5.94
CA THR A 663 -39.19 -14.14 5.58
C THR A 663 -38.10 -13.13 5.85
N TRP A 664 -36.98 -13.59 6.42
CA TRP A 664 -35.82 -12.72 6.61
C TRP A 664 -34.99 -12.67 5.35
N GLU A 665 -35.10 -13.70 4.52
CA GLU A 665 -34.43 -13.76 3.23
C GLU A 665 -35.31 -12.97 2.28
N PRO A 666 -34.77 -11.88 1.71
CA PRO A 666 -35.62 -11.03 0.86
C PRO A 666 -36.20 -11.82 -0.29
N GLN A 667 -37.34 -11.41 -0.82
CA GLN A 667 -37.96 -12.13 -1.98
C GLN A 667 -37.28 -11.82 -3.30
N ASP A 668 -36.41 -10.81 -3.29
CA ASP A 668 -35.84 -10.26 -4.51
C ASP A 668 -34.46 -9.76 -4.10
N GLN A 669 -33.45 -10.14 -4.88
CA GLN A 669 -32.10 -9.62 -4.69
C GLN A 669 -31.34 -9.56 -6.02
N LEU A 670 -30.26 -8.76 -6.04
CA LEU A 670 -29.43 -8.45 -7.20
C LEU A 670 -28.01 -8.15 -6.71
N SER A 671 -26.99 -8.64 -7.43
CA SER A 671 -25.61 -8.19 -7.29
C SER A 671 -25.07 -7.91 -8.65
N LEU A 672 -24.22 -6.89 -8.73
CA LEU A 672 -23.34 -6.62 -9.90
C LEU A 672 -22.01 -6.11 -9.34
N TYR A 673 -20.96 -6.85 -9.64
CA TYR A 673 -19.61 -6.44 -9.35
C TYR A 673 -18.79 -6.37 -10.64
N THR A 674 -17.97 -5.37 -10.78
CA THR A 674 -17.33 -5.21 -12.08
C THR A 674 -16.03 -4.48 -11.86
N SER A 675 -15.08 -4.66 -12.78
CA SER A 675 -13.83 -3.90 -12.74
C SER A 675 -13.34 -3.76 -14.14
N TYR A 676 -12.51 -2.74 -14.38
CA TYR A 676 -12.06 -2.42 -15.73
C TYR A 676 -10.57 -2.16 -15.70
N LYS A 677 -9.85 -2.69 -16.70
CA LYS A 677 -8.40 -2.48 -16.83
C LYS A 677 -8.20 -1.51 -17.96
N PHE A 678 -7.70 -0.29 -17.71
CA PHE A 678 -7.45 0.65 -18.82
C PHE A 678 -6.42 0.12 -19.83
N LYS A 679 -6.37 0.75 -21.01
CA LYS A 679 -5.18 0.60 -21.87
C LYS A 679 -4.52 1.91 -22.28
N GLY A 680 -3.40 1.82 -22.98
CA GLY A 680 -2.60 3.01 -23.33
C GLY A 680 -1.83 3.58 -22.14
N ALA A 681 -1.85 4.89 -22.02
CA ALA A 681 -1.13 5.57 -20.95
C ALA A 681 -1.48 4.99 -19.58
N LEU A 682 -2.72 4.56 -19.37
CA LEU A 682 -3.11 4.07 -18.04
C LEU A 682 -3.31 2.56 -17.85
N ASP A 683 -2.51 1.75 -18.55
CA ASP A 683 -2.71 0.30 -18.52
C ASP A 683 -2.28 -0.41 -17.23
N LYS A 684 -1.92 0.37 -16.21
CA LYS A 684 -1.42 -0.16 -14.94
C LYS A 684 -2.49 0.06 -13.84
N LEU A 685 -3.54 0.77 -14.22
CA LEU A 685 -4.68 1.08 -13.36
C LEU A 685 -5.86 0.13 -13.56
N THR A 686 -6.29 -0.51 -12.50
CA THR A 686 -7.56 -1.17 -12.52
C THR A 686 -8.55 -0.50 -11.58
N VAL A 687 -9.74 -0.29 -12.10
CA VAL A 687 -10.80 0.46 -11.41
C VAL A 687 -11.99 -0.48 -11.29
N GLY A 688 -12.81 -0.25 -10.30
CA GLY A 688 -13.84 -1.24 -9.99
C GLY A 688 -14.88 -0.78 -9.02
N GLY A 689 -16.04 -1.39 -9.12
CA GLY A 689 -17.16 -0.97 -8.32
C GLY A 689 -18.16 -2.08 -8.30
N GLY A 690 -19.15 -1.93 -7.45
CA GLY A 690 -20.18 -2.92 -7.30
C GLY A 690 -21.31 -2.45 -6.39
N ALA A 691 -22.44 -3.14 -6.51
CA ALA A 691 -23.66 -2.79 -5.80
C ALA A 691 -24.45 -4.06 -5.52
N ARG A 692 -25.08 -4.12 -4.37
CA ARG A 692 -25.91 -5.24 -4.01
C ARG A 692 -27.15 -4.56 -3.47
N TRP A 693 -28.32 -5.06 -3.87
CA TRP A 693 -29.64 -4.56 -3.43
C TRP A 693 -30.51 -5.73 -3.05
N GLN A 694 -31.30 -5.54 -2.00
CA GLN A 694 -32.35 -6.48 -1.68
C GLN A 694 -33.62 -5.78 -1.27
N GLY A 695 -34.76 -6.34 -1.70
CA GLY A 695 -36.09 -5.88 -1.30
C GLY A 695 -36.46 -6.05 0.16
N LYS A 696 -37.69 -5.71 0.55
CA LYS A 696 -38.18 -5.83 1.93
C LYS A 696 -37.90 -7.22 2.51
N SER A 697 -37.43 -7.24 3.76
CA SER A 697 -37.45 -8.44 4.61
C SER A 697 -38.01 -8.17 6.04
N TRP A 698 -38.50 -9.22 6.69
CA TRP A 698 -39.12 -9.08 7.98
C TRP A 698 -39.14 -10.33 8.85
N GLN A 699 -39.49 -10.11 10.11
CA GLN A 699 -39.67 -11.15 11.10
C GLN A 699 -40.79 -10.83 12.02
N MET A 700 -41.54 -11.88 12.37
CA MET A 700 -42.46 -11.83 13.49
C MET A 700 -41.71 -12.12 14.79
N VAL A 701 -41.79 -11.22 15.75
CA VAL A 701 -41.14 -11.49 17.02
C VAL A 701 -42.09 -11.15 18.18
N TYR A 702 -41.97 -11.86 19.29
CA TYR A 702 -42.96 -11.75 20.37
C TYR A 702 -42.45 -10.78 21.37
N ASN A 703 -43.29 -9.83 21.75
CA ASN A 703 -42.94 -8.83 22.73
C ASN A 703 -43.51 -9.32 24.06
N ASN A 704 -42.68 -10.01 24.83
CA ASN A 704 -43.11 -10.59 26.12
C ASN A 704 -43.81 -9.61 27.08
N PRO A 705 -43.18 -8.45 27.38
CA PRO A 705 -43.77 -7.47 28.32
C PRO A 705 -45.14 -6.88 27.93
N ARG A 706 -45.43 -6.87 26.62
CA ARG A 706 -46.72 -6.39 26.12
C ARG A 706 -47.65 -7.51 25.64
N SER A 707 -47.13 -8.74 25.68
CA SER A 707 -47.93 -9.93 25.36
C SER A 707 -48.52 -9.91 23.96
N ARG A 708 -47.72 -9.57 22.94
CA ARG A 708 -48.24 -9.45 21.59
C ARG A 708 -47.14 -9.74 20.57
N TRP A 709 -47.53 -10.13 19.36
CA TRP A 709 -46.60 -10.30 18.25
C TRP A 709 -46.39 -8.95 17.54
N GLU A 710 -45.21 -8.74 16.95
CA GLU A 710 -44.89 -7.52 16.20
C GLU A 710 -44.15 -7.89 14.94
N LYS A 711 -44.32 -7.11 13.88
CA LYS A 711 -43.59 -7.30 12.64
C LYS A 711 -42.35 -6.40 12.70
N PHE A 712 -41.17 -6.92 12.40
CA PHE A 712 -40.04 -6.00 12.26
C PHE A 712 -39.62 -6.04 10.83
N SER A 713 -39.51 -4.88 10.19
CA SER A 713 -39.08 -4.76 8.77
C SER A 713 -37.70 -4.14 8.59
N GLN A 714 -36.93 -4.70 7.65
CA GLN A 714 -35.81 -4.02 7.04
C GLN A 714 -36.29 -3.65 5.65
N GLU A 715 -36.66 -2.39 5.45
CA GLU A 715 -36.99 -1.84 4.14
C GLU A 715 -35.90 -2.20 3.11
N ASP A 716 -36.23 -2.17 1.82
CA ASP A 716 -35.20 -2.43 0.79
C ASP A 716 -34.06 -1.41 0.91
N TYR A 717 -32.86 -1.85 0.57
CA TYR A 717 -31.70 -0.99 0.55
C TYR A 717 -30.60 -1.45 -0.40
N TRP A 718 -29.70 -0.53 -0.74
CA TRP A 718 -28.57 -0.77 -1.60
C TRP A 718 -27.29 -0.76 -0.75
N LEU A 719 -26.26 -1.46 -1.21
CA LEU A 719 -24.93 -1.32 -0.68
C LEU A 719 -23.96 -1.17 -1.86
N VAL A 720 -22.99 -0.27 -1.73
CA VAL A 720 -22.13 0.06 -2.85
C VAL A 720 -20.66 -0.09 -2.47
N ASP A 721 -19.92 -0.76 -3.33
CA ASP A 721 -18.46 -0.94 -3.19
C ASP A 721 -17.69 -0.24 -4.34
N LEU A 722 -16.44 0.12 -4.04
CA LEU A 722 -15.59 0.80 -5.01
C LEU A 722 -14.21 0.27 -4.73
N MET A 723 -13.33 0.37 -5.71
CA MET A 723 -12.11 -0.37 -5.71
C MET A 723 -11.17 0.22 -6.77
N ALA A 724 -9.88 0.23 -6.47
CA ALA A 724 -8.87 0.65 -7.43
C ALA A 724 -7.51 0.06 -7.04
N ARG A 725 -6.78 -0.36 -8.06
CA ARG A 725 -5.42 -0.89 -7.93
C ARG A 725 -4.51 -0.24 -8.97
N TYR A 726 -3.26 0.03 -8.59
CA TYR A 726 -2.22 0.52 -9.50
C TYR A 726 -1.02 -0.39 -9.41
N GLN A 727 -0.60 -0.89 -10.56
CA GLN A 727 0.55 -1.75 -10.63
C GLN A 727 1.76 -0.84 -10.92
N ILE A 728 2.34 -0.27 -9.85
CA ILE A 728 3.39 0.76 -9.97
C ILE A 728 4.64 0.18 -10.54
N THR A 729 4.91 -1.07 -10.20
CA THR A 729 6.11 -1.77 -10.56
C THR A 729 5.73 -3.19 -10.96
N ASP A 730 6.52 -3.82 -11.84
CA ASP A 730 6.33 -5.26 -12.18
C ASP A 730 6.01 -6.15 -10.94
N LYS A 731 6.50 -5.75 -9.78
CA LYS A 731 6.64 -6.63 -8.64
C LYS A 731 5.80 -6.10 -7.47
N LEU A 732 5.31 -4.88 -7.63
CA LEU A 732 4.61 -4.25 -6.54
C LEU A 732 3.35 -3.53 -6.98
N SER A 733 2.23 -3.86 -6.32
CA SER A 733 1.00 -3.09 -6.47
C SER A 733 0.41 -2.55 -5.17
N ALA A 734 -0.50 -1.57 -5.33
CA ALA A 734 -1.26 -0.98 -4.25
C ALA A 734 -2.74 -0.84 -4.60
N SER A 735 -3.57 -1.15 -3.60
CA SER A 735 -5.01 -1.17 -3.72
C SER A 735 -5.65 -0.37 -2.61
N VAL A 736 -6.87 0.09 -2.88
CA VAL A 736 -7.80 0.58 -1.88
C VAL A 736 -9.15 -0.01 -2.22
N ASN A 737 -9.85 -0.51 -1.19
CA ASN A 737 -11.23 -0.94 -1.28
C ASN A 737 -12.08 -0.06 -0.34
N VAL A 738 -13.17 0.51 -0.88
CA VAL A 738 -14.13 1.22 -0.06
C VAL A 738 -15.47 0.46 -0.12
N ASN A 739 -16.01 0.15 1.07
CA ASN A 739 -17.23 -0.64 1.21
C ASN A 739 -18.35 0.10 1.87
N ASN A 740 -19.56 -0.09 1.33
CA ASN A 740 -20.75 0.62 1.79
C ASN A 740 -20.43 2.11 1.74
N VAL A 741 -20.09 2.56 0.53
CA VAL A 741 -19.72 3.95 0.22
C VAL A 741 -20.73 4.91 0.78
N PHE A 742 -22.03 4.61 0.67
CA PHE A 742 -23.06 5.54 1.14
C PHE A 742 -23.39 5.38 2.61
N ASP A 743 -22.53 4.65 3.30
CA ASP A 743 -22.67 4.36 4.73
C ASP A 743 -24.11 3.98 5.09
N LYS A 744 -24.76 3.16 4.25
CA LYS A 744 -26.12 2.75 4.58
C LYS A 744 -26.18 2.05 5.93
N THR A 745 -27.00 2.52 6.84
CA THR A 745 -27.20 1.78 8.06
C THR A 745 -28.43 0.84 7.97
N TYR A 746 -28.26 -0.43 8.32
CA TYR A 746 -29.27 -1.46 8.02
C TYR A 746 -29.04 -2.62 8.94
N TYR A 747 -29.98 -3.56 8.93
CA TYR A 747 -29.88 -4.76 9.83
C TYR A 747 -29.52 -6.10 9.16
N THR A 748 -28.62 -6.87 9.77
CA THR A 748 -28.37 -8.23 9.28
C THR A 748 -29.11 -9.30 10.06
N ASN A 749 -29.77 -8.89 11.15
CA ASN A 749 -30.45 -9.78 12.08
C ASN A 749 -31.50 -8.98 12.78
N ILE A 750 -32.77 -9.38 12.66
CA ILE A 750 -33.78 -8.87 13.58
C ILE A 750 -34.59 -10.06 13.98
N GLY A 751 -34.64 -10.37 15.24
CA GLY A 751 -35.53 -11.45 15.63
C GLY A 751 -34.86 -12.72 16.13
N PHE A 752 -33.55 -12.92 15.87
CA PHE A 752 -32.86 -14.11 16.45
C PHE A 752 -32.78 -14.06 17.97
N TYR A 753 -33.60 -14.86 18.64
CA TYR A 753 -33.83 -14.77 20.09
C TYR A 753 -34.09 -13.33 20.54
N THR A 754 -34.92 -12.60 19.77
CA THR A 754 -35.42 -11.30 20.23
C THR A 754 -34.26 -10.33 20.36
N SER A 755 -33.37 -10.37 19.37
CA SER A 755 -32.21 -9.49 19.35
C SER A 755 -32.02 -8.87 17.97
N ALA A 756 -31.00 -8.00 17.82
CA ALA A 756 -30.72 -7.34 16.55
C ALA A 756 -29.26 -7.17 16.29
N SER A 757 -28.89 -7.20 15.02
CA SER A 757 -27.52 -6.91 14.57
C SER A 757 -27.51 -5.95 13.40
N TYR A 758 -26.58 -5.01 13.43
CA TYR A 758 -26.33 -4.11 12.33
C TYR A 758 -25.34 -4.67 11.33
N GLY A 759 -25.43 -4.28 10.07
CA GLY A 759 -24.35 -4.57 9.14
C GLY A 759 -23.27 -3.52 9.19
N ASP A 760 -22.13 -3.84 8.57
CA ASP A 760 -20.94 -2.97 8.55
C ASP A 760 -21.18 -1.60 7.98
N PRO A 761 -20.82 -0.54 8.74
CA PRO A 761 -20.69 0.82 8.24
C PRO A 761 -19.60 0.93 7.18
N ARG A 762 -19.53 2.10 6.54
CA ARG A 762 -18.48 2.41 5.56
C ARG A 762 -17.15 2.00 6.19
N ASN A 763 -16.37 1.24 5.46
CA ASN A 763 -15.06 0.85 5.93
C ASN A 763 -14.10 0.80 4.74
N LEU A 764 -12.85 1.19 4.94
CA LEU A 764 -11.86 1.08 3.88
C LEU A 764 -10.83 0.01 4.24
N MET A 765 -10.22 -0.54 3.18
CA MET A 765 -9.05 -1.39 3.32
C MET A 765 -7.94 -0.95 2.36
N PHE A 766 -6.72 -0.86 2.82
CA PHE A 766 -5.63 -0.47 1.94
C PHE A 766 -4.59 -1.58 1.93
N SER A 767 -4.05 -1.94 0.77
CA SER A 767 -3.11 -3.06 0.70
C SER A 767 -2.04 -2.87 -0.29
N THR A 768 -0.90 -3.47 -0.03
CA THR A 768 0.12 -3.67 -1.03
C THR A 768 0.35 -5.14 -1.25
N ARG A 769 0.82 -5.49 -2.43
CA ARG A 769 1.11 -6.87 -2.75
C ARG A 769 2.41 -6.97 -3.52
N TRP A 770 3.31 -7.81 -3.04
CA TRP A 770 4.62 -8.04 -3.64
C TRP A 770 4.71 -9.42 -4.28
N ASP A 771 4.87 -9.49 -5.61
CA ASP A 771 5.11 -10.76 -6.33
C ASP A 771 6.61 -10.99 -6.56
N PHE A 772 7.15 -12.09 -6.02
CA PHE A 772 8.52 -12.47 -6.41
C PHE A 772 8.41 -13.22 -7.74
N GLN B 1 -8.11 15.52 24.74
CA GLN B 1 -9.42 14.92 25.17
C GLN B 1 -9.23 13.78 26.20
N GLU B 2 -10.35 13.30 26.76
CA GLU B 2 -10.35 12.48 28.00
C GLU B 2 -9.91 11.02 27.81
N VAL B 3 -8.77 10.67 28.41
CA VAL B 3 -8.19 9.32 28.29
C VAL B 3 -8.54 8.41 29.47
N GLU B 4 -8.76 7.13 29.20
CA GLU B 4 -9.12 6.12 30.19
C GLU B 4 -7.92 5.64 31.03
N PHE B 5 -7.96 5.85 32.35
CA PHE B 5 -6.85 5.41 33.24
C PHE B 5 -7.20 4.25 34.18
N ASP B 6 -6.20 3.42 34.47
CA ASP B 6 -6.23 2.51 35.63
C ASP B 6 -4.84 2.31 36.25
N ILE B 7 -4.49 3.11 37.24
CA ILE B 7 -3.20 2.98 37.96
C ILE B 7 -3.32 2.89 39.53
N PRO B 8 -3.24 1.65 40.09
CA PRO B 8 -3.41 1.45 41.52
C PRO B 8 -2.17 1.96 42.24
N PRO B 9 -2.29 2.26 43.57
CA PRO B 9 -1.17 2.79 44.40
C PRO B 9 0.02 1.83 44.46
N GLN B 10 1.20 2.33 44.06
CA GLN B 10 2.40 1.53 43.81
C GLN B 10 3.64 2.45 43.83
N ALA B 11 4.83 1.89 43.64
CA ALA B 11 6.00 2.74 43.59
C ALA B 11 5.80 3.89 42.56
N LEU B 12 6.10 5.13 42.96
CA LEU B 12 6.02 6.30 42.08
C LEU B 12 6.70 6.04 40.70
N GLY B 13 7.89 5.43 40.70
CA GLY B 13 8.61 5.18 39.46
C GLY B 13 7.76 4.42 38.44
N SER B 14 7.26 3.24 38.81
CA SER B 14 6.47 2.44 37.88
C SER B 14 5.08 3.01 37.58
N ALA B 15 4.47 3.64 38.58
CA ALA B 15 3.31 4.47 38.36
C ALA B 15 3.55 5.40 37.17
N LEU B 16 4.64 6.19 37.22
CA LEU B 16 4.95 7.21 36.18
C LEU B 16 5.16 6.58 34.77
N GLN B 17 5.83 5.43 34.76
CA GLN B 17 6.09 4.69 33.53
C GLN B 17 4.77 4.20 32.96
N GLU B 18 3.87 3.76 33.86
CA GLU B 18 2.52 3.35 33.46
C GLU B 18 1.64 4.52 33.06
N PHE B 19 1.84 5.67 33.66
CA PHE B 19 1.14 6.86 33.20
C PHE B 19 1.44 7.13 31.74
N GLY B 20 2.71 6.92 31.35
CA GLY B 20 3.21 7.22 30.01
C GLY B 20 2.58 6.30 29.00
N ARG B 21 2.48 5.03 29.38
CA ARG B 21 1.88 3.99 28.57
C ARG B 21 0.40 4.26 28.31
N GLN B 22 -0.35 4.54 29.38
CA GLN B 22 -1.78 4.75 29.28
C GLN B 22 -2.17 6.06 28.58
N ALA B 23 -1.36 7.08 28.75
CA ALA B 23 -1.68 8.39 28.18
C ALA B 23 -1.07 8.56 26.82
N ASP B 24 -0.14 7.67 26.47
CA ASP B 24 0.68 7.77 25.24
C ASP B 24 1.29 9.19 25.11
N ILE B 25 1.90 9.62 26.21
CA ILE B 25 2.60 10.90 26.31
C ILE B 25 3.82 10.59 27.22
N GLN B 26 5.02 10.98 26.78
CA GLN B 26 6.29 10.66 27.46
C GLN B 26 6.46 11.40 28.78
N VAL B 27 6.97 10.66 29.78
CA VAL B 27 7.17 11.19 31.13
C VAL B 27 8.65 11.21 31.56
N LEU B 28 9.08 12.36 32.09
CA LEU B 28 10.47 12.59 32.48
C LEU B 28 10.59 12.86 33.98
N TYR B 29 11.61 12.24 34.57
CA TYR B 29 11.86 12.29 36.01
C TYR B 29 13.24 11.75 36.33
N ARG B 30 13.74 12.16 37.48
CA ARG B 30 15.02 11.72 37.97
C ARG B 30 14.69 10.56 38.87
N PRO B 31 15.28 9.37 38.61
CA PRO B 31 14.94 8.18 39.40
C PRO B 31 15.20 8.37 40.90
N GLU B 32 16.35 8.98 41.23
CA GLU B 32 16.70 9.30 42.61
C GLU B 32 15.64 10.15 43.36
N GLU B 33 14.92 11.03 42.65
CA GLU B 33 13.94 11.92 43.29
C GLU B 33 12.59 11.26 43.58
N VAL B 34 12.25 10.23 42.81
CA VAL B 34 10.99 9.51 42.99
C VAL B 34 11.18 8.17 43.73
N ARG B 35 12.43 7.87 44.10
CA ARG B 35 12.79 6.53 44.53
C ARG B 35 12.05 5.96 45.75
N ASN B 36 11.53 6.79 46.66
CA ASN B 36 10.83 6.18 47.82
C ASN B 36 9.48 6.82 48.12
N LYS B 37 8.70 6.98 47.05
CA LYS B 37 7.42 7.65 47.09
C LYS B 37 6.35 6.74 46.49
N ARG B 38 5.11 6.99 46.90
CA ARG B 38 3.97 6.14 46.58
C ARG B 38 2.99 6.95 45.74
N SER B 39 2.54 6.40 44.62
CA SER B 39 1.49 7.08 43.84
C SER B 39 0.13 6.95 44.50
N SER B 40 -0.77 7.93 44.30
CA SER B 40 -2.17 7.74 44.73
C SER B 40 -2.98 7.22 43.58
N ALA B 41 -4.02 6.44 43.90
CA ALA B 41 -4.86 5.74 42.90
C ALA B 41 -5.54 6.71 41.92
N ILE B 42 -5.33 6.46 40.62
CA ILE B 42 -6.20 7.04 39.59
C ILE B 42 -7.00 5.93 38.88
N LYS B 43 -8.23 6.24 38.49
CA LYS B 43 -9.13 5.27 37.83
C LYS B 43 -10.31 5.97 37.14
N GLY B 44 -10.64 5.51 35.93
CA GLY B 44 -11.75 6.05 35.16
C GLY B 44 -11.28 7.06 34.12
N LYS B 45 -12.19 7.44 33.23
CA LYS B 45 -11.91 8.36 32.14
C LYS B 45 -11.66 9.79 32.65
N LEU B 46 -10.39 10.21 32.73
CA LEU B 46 -10.03 11.56 33.18
C LEU B 46 -9.23 12.35 32.14
N GLU B 47 -9.17 13.67 32.32
CA GLU B 47 -8.22 14.51 31.61
C GLU B 47 -6.81 14.06 32.01
N PRO B 48 -5.86 14.00 31.04
CA PRO B 48 -4.45 13.73 31.32
C PRO B 48 -3.85 14.62 32.43
N ASN B 49 -4.05 15.94 32.34
CA ASN B 49 -3.48 16.88 33.33
C ASN B 49 -4.05 16.70 34.76
N GLN B 50 -5.32 16.37 34.84
CA GLN B 50 -5.97 16.02 36.08
C GLN B 50 -5.53 14.63 36.59
N ALA B 51 -5.11 13.78 35.66
CA ALA B 51 -4.78 12.41 35.98
C ALA B 51 -3.42 12.30 36.72
N ILE B 52 -2.41 12.92 36.10
CA ILE B 52 -1.06 13.03 36.65
C ILE B 52 -1.11 13.81 37.97
N THR B 53 -2.01 14.76 38.03
CA THR B 53 -2.04 15.63 39.15
C THR B 53 -2.52 14.91 40.40
N GLU B 54 -3.43 13.95 40.21
CA GLU B 54 -3.96 13.19 41.33
C GLU B 54 -3.07 11.99 41.71
N LEU B 55 -2.39 11.41 40.70
CA LEU B 55 -1.46 10.32 40.95
C LEU B 55 -0.30 10.80 41.82
N LEU B 56 0.01 12.10 41.72
CA LEU B 56 1.10 12.67 42.48
C LEU B 56 0.71 13.23 43.86
N ARG B 57 -0.55 13.05 44.28
CA ARG B 57 -0.95 13.62 45.57
C ARG B 57 -0.25 12.86 46.71
N GLY B 58 0.27 13.61 47.70
CA GLY B 58 1.06 13.05 48.80
C GLY B 58 2.54 12.86 48.49
N THR B 59 2.90 12.80 47.20
CA THR B 59 4.31 12.70 46.81
C THR B 59 5.14 13.99 47.02
N GLY B 60 4.48 15.15 46.91
CA GLY B 60 5.15 16.45 46.98
C GLY B 60 5.97 16.74 45.74
N ALA B 61 5.53 16.16 44.62
CA ALA B 61 6.10 16.45 43.30
C ALA B 61 5.13 17.30 42.49
N SER B 62 5.69 18.16 41.65
CA SER B 62 4.90 18.96 40.72
C SER B 62 5.15 18.52 39.28
N VAL B 63 4.35 19.06 38.36
CA VAL B 63 4.36 18.60 36.97
C VAL B 63 4.52 19.79 36.07
N ASP B 64 5.41 19.65 35.10
CA ASP B 64 5.51 20.61 34.00
C ASP B 64 4.96 20.00 32.72
N PHE B 65 4.39 20.85 31.87
CA PHE B 65 3.97 20.48 30.51
C PHE B 65 4.69 21.36 29.48
N GLN B 66 6.02 21.46 29.54
CA GLN B 66 6.77 22.17 28.47
C GLN B 66 7.48 21.17 27.53
N GLY B 67 7.46 21.50 26.23
CA GLY B 67 7.80 20.56 25.16
C GLY B 67 6.62 19.61 24.94
N ASN B 68 6.86 18.45 24.33
CA ASN B 68 5.78 17.49 24.14
C ASN B 68 5.82 16.38 25.19
N ALA B 69 6.41 16.69 26.35
CA ALA B 69 6.60 15.72 27.44
C ALA B 69 6.28 16.33 28.77
N ILE B 70 5.69 15.55 29.66
CA ILE B 70 5.51 15.98 31.02
C ILE B 70 6.78 15.73 31.85
N THR B 71 7.17 16.68 32.69
CA THR B 71 8.34 16.49 33.55
C THR B 71 7.99 16.63 35.03
N ILE B 72 8.60 15.79 35.84
CA ILE B 72 8.29 15.64 37.27
C ILE B 72 9.52 16.03 38.11
N SER B 73 9.28 16.76 39.20
CA SER B 73 10.34 17.25 40.08
C SER B 73 9.88 17.36 41.53
N VAL B 74 10.82 17.56 42.44
CA VAL B 74 10.50 17.70 43.86
C VAL B 74 10.99 19.02 44.47
N GLN B 93 17.85 28.27 18.49
CA GLN B 93 18.89 29.20 18.00
C GLN B 93 18.98 29.26 16.46
N LEU B 94 18.51 28.20 15.80
CA LEU B 94 18.43 28.16 14.33
C LEU B 94 17.00 28.50 13.91
N GLY B 95 16.15 28.72 14.92
CA GLY B 95 14.70 29.00 14.76
C GLY B 95 13.75 27.92 15.30
N THR B 96 12.44 28.11 15.11
CA THR B 96 11.47 27.05 15.48
C THR B 96 11.39 25.92 14.44
N ILE B 97 11.64 24.70 14.92
CA ILE B 97 11.37 23.43 14.26
C ILE B 97 10.01 23.47 13.56
N THR B 98 9.90 22.88 12.36
CA THR B 98 8.62 22.92 11.62
C THR B 98 7.89 21.60 11.65
N GLU B 99 8.67 20.54 11.83
CA GLU B 99 8.21 19.19 12.14
C GLU B 99 7.20 19.26 13.29
N ASP B 100 6.07 18.57 13.11
CA ASP B 100 4.99 18.56 14.14
C ASP B 100 4.09 19.83 14.27
N SER B 101 4.53 20.96 13.72
CA SER B 101 3.70 22.16 13.68
C SER B 101 2.56 21.96 12.70
N GLY B 102 2.78 21.18 11.65
CA GLY B 102 1.79 20.94 10.62
C GLY B 102 1.75 22.01 9.53
N SER B 103 2.61 23.01 9.64
CA SER B 103 2.52 24.25 8.83
C SER B 103 3.53 24.34 7.67
N TYR B 104 3.13 25.07 6.64
CA TYR B 104 3.98 25.37 5.50
C TYR B 104 4.72 26.71 5.71
N THR B 105 4.43 27.41 6.80
CA THR B 105 5.14 28.63 7.14
C THR B 105 6.17 28.37 8.25
N PRO B 106 7.31 29.07 8.19
CA PRO B 106 8.34 28.98 9.18
C PRO B 106 7.96 29.82 10.42
N GLY B 107 8.48 29.47 11.57
CA GLY B 107 8.16 30.23 12.79
C GLY B 107 9.11 31.40 12.85
N THR B 108 10.35 31.13 13.23
CA THR B 108 11.40 32.15 13.30
C THR B 108 12.59 31.66 12.52
N ILE B 109 13.52 32.55 12.16
CA ILE B 109 14.76 32.17 11.48
C ILE B 109 15.99 33.03 11.80
N ALA B 110 17.17 32.40 11.82
CA ALA B 110 18.48 33.04 12.05
C ALA B 110 19.40 33.00 10.82
N THR B 111 18.82 32.95 9.63
CA THR B 111 19.58 32.73 8.39
C THR B 111 20.28 34.01 7.93
N ALA B 112 19.58 35.13 8.07
CA ALA B 112 20.00 36.47 7.67
C ALA B 112 21.14 37.01 8.52
N THR B 113 20.99 37.04 9.85
CA THR B 113 21.98 37.71 10.71
C THR B 113 22.54 36.89 11.88
N ARG B 114 21.95 35.71 12.15
CA ARG B 114 22.23 34.95 13.37
C ARG B 114 21.30 35.40 14.51
N LEU B 115 20.63 36.53 14.34
CA LEU B 115 19.52 36.89 15.25
C LEU B 115 18.29 36.06 14.91
N VAL B 116 17.70 35.47 15.93
CA VAL B 116 16.46 34.69 15.83
C VAL B 116 15.25 35.62 15.61
N LEU B 117 14.89 35.84 14.35
CA LEU B 117 13.81 36.77 13.99
C LEU B 117 12.66 36.10 13.25
N THR B 118 11.49 36.74 13.26
CA THR B 118 10.39 36.27 12.42
C THR B 118 10.64 36.77 11.00
N PRO B 119 9.94 36.19 10.00
CA PRO B 119 10.15 36.70 8.63
C PRO B 119 9.83 38.21 8.47
N ARG B 120 8.74 38.65 9.08
CA ARG B 120 8.30 40.03 9.08
C ARG B 120 9.45 40.87 9.62
N GLU B 121 10.18 40.29 10.57
CA GLU B 121 11.26 40.98 11.25
C GLU B 121 12.59 41.00 10.48
N THR B 122 12.74 40.12 9.47
CA THR B 122 13.95 40.07 8.62
C THR B 122 13.86 41.01 7.40
N PRO B 123 14.82 41.94 7.26
CA PRO B 123 14.63 42.90 6.17
C PRO B 123 15.22 42.39 4.88
N GLN B 124 14.95 41.13 4.57
CA GLN B 124 15.57 40.37 3.47
C GLN B 124 14.58 39.32 2.93
N SER B 125 14.67 38.99 1.65
CA SER B 125 13.80 37.94 1.08
C SER B 125 14.20 36.60 1.66
N ILE B 126 13.30 35.98 2.41
CA ILE B 126 13.62 34.65 2.88
C ILE B 126 12.52 33.64 2.58
N THR B 127 12.91 32.52 1.96
CA THR B 127 11.99 31.43 1.60
C THR B 127 12.38 30.09 2.24
N VAL B 128 11.37 29.39 2.74
CA VAL B 128 11.58 28.14 3.46
C VAL B 128 10.62 27.02 3.01
N VAL B 129 11.09 25.80 3.02
CA VAL B 129 10.25 24.69 2.69
C VAL B 129 10.24 23.87 3.96
N THR B 130 9.09 23.84 4.63
CA THR B 130 8.99 23.22 5.95
C THR B 130 8.83 21.70 5.83
N ARG B 131 9.06 21.02 6.96
CA ARG B 131 8.98 19.55 7.05
C ARG B 131 7.66 19.00 6.51
N GLN B 132 6.55 19.66 6.84
CA GLN B 132 5.21 19.20 6.47
C GLN B 132 5.02 19.29 4.98
N ASN B 133 5.53 20.36 4.37
CA ASN B 133 5.56 20.46 2.91
C ASN B 133 6.24 19.25 2.29
N MET B 134 7.47 18.98 2.75
CA MET B 134 8.30 17.83 2.33
C MET B 134 7.57 16.49 2.39
N ASP B 135 6.94 16.21 3.54
CA ASP B 135 6.19 14.98 3.77
C ASP B 135 5.00 14.88 2.82
N ASP B 136 4.21 15.95 2.75
CA ASP B 136 3.05 15.99 1.91
C ASP B 136 3.35 15.73 0.41
N PHE B 137 4.46 16.24 -0.12
CA PHE B 137 4.72 16.12 -1.53
C PHE B 137 5.88 15.16 -1.80
N GLY B 138 6.29 14.42 -0.78
CA GLY B 138 7.42 13.47 -0.92
C GLY B 138 8.69 14.08 -1.55
N LEU B 139 9.03 15.27 -1.07
CA LEU B 139 10.25 15.91 -1.55
C LEU B 139 11.34 15.13 -0.86
N ASN B 140 11.99 14.23 -1.60
CA ASN B 140 12.93 13.35 -0.89
C ASN B 140 14.37 13.81 -0.87
N ASN B 141 14.72 14.66 -1.85
CA ASN B 141 16.07 15.22 -1.93
C ASN B 141 16.03 16.71 -2.25
N ILE B 142 17.21 17.34 -2.14
CA ILE B 142 17.33 18.78 -2.34
C ILE B 142 16.80 19.28 -3.68
N ASP B 143 17.05 18.54 -4.77
CA ASP B 143 16.52 18.93 -6.07
C ASP B 143 15.01 18.99 -5.99
N ASP B 144 14.42 17.93 -5.44
CA ASP B 144 12.96 17.85 -5.27
C ASP B 144 12.47 19.13 -4.55
N VAL B 145 13.11 19.47 -3.43
CA VAL B 145 12.81 20.72 -2.71
C VAL B 145 12.93 21.95 -3.63
N MET B 146 14.09 22.17 -4.27
CA MET B 146 14.27 23.32 -5.18
C MET B 146 13.16 23.40 -6.24
N ARG B 147 12.80 22.26 -6.83
CA ARG B 147 11.70 22.25 -7.77
C ARG B 147 10.37 22.75 -7.22
N HIS B 148 10.17 22.70 -5.89
CA HIS B 148 8.99 23.32 -5.27
C HIS B 148 9.27 24.66 -4.60
N THR B 149 10.43 25.25 -4.85
CA THR B 149 10.70 26.51 -4.16
C THR B 149 10.29 27.75 -4.96
N PRO B 150 9.47 28.59 -4.36
CA PRO B 150 9.18 29.80 -5.08
C PRO B 150 10.41 30.64 -5.39
N GLY B 151 10.52 31.02 -6.68
CA GLY B 151 11.56 31.90 -7.21
C GLY B 151 12.74 31.14 -7.73
N ILE B 152 12.63 29.81 -7.72
CA ILE B 152 13.77 28.96 -8.07
C ILE B 152 13.49 28.13 -9.29
N THR B 153 14.49 28.08 -10.17
CA THR B 153 14.38 27.38 -11.42
C THR B 153 15.47 26.36 -11.47
N VAL B 154 15.07 25.13 -11.69
CA VAL B 154 16.01 24.06 -11.66
C VAL B 154 16.19 23.66 -13.11
N SER B 155 17.44 23.75 -13.61
CA SER B 155 17.84 23.29 -14.92
C SER B 155 18.85 22.14 -14.81
N ALA B 156 19.04 21.38 -15.90
CA ALA B 156 19.94 20.22 -15.84
C ALA B 156 21.31 20.45 -16.48
N TYR B 157 22.31 19.75 -15.95
CA TYR B 157 23.60 19.57 -16.59
C TYR B 157 23.63 18.19 -17.22
N ASP B 158 23.31 17.19 -16.40
CA ASP B 158 23.37 15.81 -16.83
C ASP B 158 22.74 14.98 -15.74
N THR B 159 22.61 13.67 -15.94
CA THR B 159 21.74 12.85 -15.04
C THR B 159 22.00 13.06 -13.55
N ASP B 160 23.22 13.43 -13.19
CA ASP B 160 23.60 13.49 -11.79
C ASP B 160 24.09 14.87 -11.34
N ARG B 161 23.63 15.93 -12.02
CA ARG B 161 23.99 17.31 -11.66
C ARG B 161 22.90 18.28 -12.16
N ASN B 162 22.37 19.09 -11.26
CA ASN B 162 21.43 20.08 -11.67
C ASN B 162 21.95 21.43 -11.22
N ASN B 163 21.29 22.47 -11.71
CA ASN B 163 21.69 23.84 -11.50
C ASN B 163 20.50 24.56 -10.88
N TYR B 164 20.74 25.52 -10.01
CA TYR B 164 19.61 26.24 -9.42
C TYR B 164 19.85 27.69 -9.67
N TYR B 165 18.85 28.39 -10.19
CA TYR B 165 18.98 29.82 -10.38
C TYR B 165 18.11 30.59 -9.41
N ALA B 166 18.66 31.66 -8.85
CA ALA B 166 17.86 32.76 -8.28
C ALA B 166 18.27 34.09 -8.90
N ARG B 167 17.25 34.85 -9.34
CA ARG B 167 17.43 36.28 -9.66
C ARG B 167 18.55 36.53 -10.64
N GLY B 168 18.68 35.63 -11.62
CA GLY B 168 19.64 35.77 -12.69
C GLY B 168 20.94 35.07 -12.43
N PHE B 169 21.08 34.39 -11.29
CA PHE B 169 22.34 33.76 -10.95
C PHE B 169 22.31 32.26 -10.68
N SER B 170 23.42 31.57 -10.90
CA SER B 170 23.50 30.21 -10.42
C SER B 170 23.79 30.24 -8.96
N ILE B 171 22.96 29.57 -8.17
CA ILE B 171 23.24 29.40 -6.75
C ILE B 171 24.45 28.50 -6.65
N ASN B 172 25.45 28.95 -5.93
CA ASN B 172 26.62 28.10 -5.64
C ASN B 172 27.03 28.21 -4.17
N ASN B 173 26.11 28.58 -3.27
CA ASN B 173 26.35 28.58 -1.81
C ASN B 173 25.47 27.63 -1.01
N PHE B 174 26.08 26.73 -0.26
CA PHE B 174 25.30 25.80 0.54
C PHE B 174 25.69 25.89 2.00
N GLN B 175 24.70 25.91 2.87
CA GLN B 175 24.98 25.79 4.28
C GLN B 175 24.36 24.54 4.88
N TYR B 176 25.09 23.91 5.80
CA TYR B 176 24.62 22.81 6.65
C TYR B 176 24.68 23.26 8.10
N ASP B 177 23.49 23.53 8.66
CA ASP B 177 23.36 24.08 10.00
C ASP B 177 24.20 25.33 10.09
N GLY B 178 24.10 26.17 9.06
CA GLY B 178 24.83 27.45 8.98
C GLY B 178 26.34 27.32 8.82
N ILE B 179 26.82 26.11 8.56
CA ILE B 179 28.21 25.92 8.20
C ILE B 179 28.25 25.88 6.66
N PRO B 180 28.98 26.83 6.04
CA PRO B 180 29.09 26.93 4.56
C PRO B 180 29.95 25.85 3.89
N SER B 181 29.48 25.32 2.78
CA SER B 181 30.19 24.28 2.06
C SER B 181 31.36 24.90 1.32
N THR B 182 32.44 24.15 1.20
CA THR B 182 33.54 24.61 0.38
C THR B 182 33.70 23.72 -0.85
N ALA B 183 32.81 22.76 -1.06
CA ALA B 183 32.75 22.05 -2.35
C ALA B 183 31.87 22.87 -3.30
N ARG B 184 32.51 23.84 -3.96
CA ARG B 184 31.81 24.81 -4.77
C ARG B 184 31.99 24.64 -6.27
N ASN B 185 32.78 23.64 -6.69
CA ASN B 185 32.97 23.38 -8.13
C ASN B 185 32.16 22.19 -8.73
N VAL B 186 31.10 22.49 -9.48
CA VAL B 186 30.16 21.44 -10.00
C VAL B 186 30.77 20.55 -11.08
N GLY B 187 31.86 21.05 -11.68
CA GLY B 187 32.66 20.22 -12.59
C GLY B 187 33.10 18.96 -11.87
N TYR B 188 33.13 19.04 -10.54
CA TYR B 188 33.52 17.94 -9.70
C TYR B 188 32.46 17.70 -8.63
N SER B 189 31.19 17.64 -9.08
CA SER B 189 30.00 17.47 -8.19
C SER B 189 30.21 16.43 -7.09
N ALA B 190 30.03 16.88 -5.84
CA ALA B 190 30.27 16.04 -4.71
C ALA B 190 29.06 15.99 -3.76
N GLY B 191 27.88 15.91 -4.34
CA GLY B 191 26.72 15.67 -3.56
C GLY B 191 25.88 16.82 -3.07
N ASN B 192 26.34 18.07 -3.17
CA ASN B 192 25.50 19.22 -2.69
C ASN B 192 24.11 19.30 -3.37
N THR B 193 24.01 18.63 -4.47
CA THR B 193 22.89 18.76 -5.35
C THR B 193 21.93 17.56 -5.04
N LEU B 194 22.40 16.62 -4.21
CA LEU B 194 21.76 15.30 -4.08
C LEU B 194 21.33 14.97 -2.65
N SER B 195 21.58 15.92 -1.74
CA SER B 195 21.25 15.73 -0.32
C SER B 195 19.86 15.16 -0.15
N ASP B 196 19.80 14.07 0.59
CA ASP B 196 18.54 13.41 0.85
C ASP B 196 17.90 14.05 2.08
N MET B 197 16.61 14.32 1.95
CA MET B 197 15.89 15.08 2.96
C MET B 197 15.62 14.36 4.26
N ALA B 198 15.90 13.05 4.34
CA ALA B 198 15.45 12.30 5.51
C ALA B 198 16.08 12.77 6.84
N ILE B 199 17.15 13.56 6.75
CA ILE B 199 17.85 14.02 7.95
C ILE B 199 17.62 15.49 8.31
N TYR B 200 16.82 16.19 7.49
CA TYR B 200 16.62 17.62 7.66
C TYR B 200 15.23 18.00 8.09
N ASP B 201 15.19 19.04 8.91
CA ASP B 201 13.92 19.60 9.33
C ASP B 201 13.34 20.55 8.32
N ARG B 202 14.17 21.43 7.75
CA ARG B 202 13.64 22.40 6.78
C ARG B 202 14.75 22.83 5.85
N VAL B 203 14.41 23.55 4.78
CA VAL B 203 15.45 24.11 3.92
C VAL B 203 15.21 25.62 3.84
N GLU B 204 16.22 26.43 4.10
CA GLU B 204 16.01 27.87 4.07
C GLU B 204 16.70 28.39 2.85
N VAL B 205 15.97 29.10 2.02
CA VAL B 205 16.61 29.75 0.90
C VAL B 205 16.60 31.25 1.09
N LEU B 206 17.77 31.81 1.38
CA LEU B 206 17.85 33.24 1.57
C LEU B 206 18.29 33.88 0.26
N LYS B 207 17.46 34.77 -0.29
CA LYS B 207 17.72 35.35 -1.61
C LYS B 207 18.26 36.77 -1.64
N GLY B 208 19.13 37.02 -2.63
CA GLY B 208 19.77 38.29 -2.80
C GLY B 208 21.26 38.12 -2.71
N ALA B 209 21.83 38.70 -1.65
CA ALA B 209 23.28 38.78 -1.47
C ALA B 209 23.56 38.49 0.02
N THR B 210 24.28 37.40 0.25
CA THR B 210 24.31 36.81 1.57
C THR B 210 25.73 36.72 2.11
N GLY B 211 26.62 37.57 1.63
CA GLY B 211 27.97 37.70 2.20
C GLY B 211 28.06 37.83 3.72
N LEU B 212 27.02 38.32 4.39
CA LEU B 212 27.14 38.59 5.84
C LEU B 212 27.53 37.33 6.60
N LEU B 213 26.76 36.27 6.40
CA LEU B 213 27.05 35.02 7.08
C LEU B 213 27.72 34.02 6.17
N THR B 214 27.52 34.12 4.88
CA THR B 214 28.09 33.15 3.94
C THR B 214 29.59 33.32 3.76
N GLY B 215 30.11 34.54 3.90
CA GLY B 215 31.46 34.83 3.51
C GLY B 215 31.52 34.95 2.02
N ALA B 216 32.67 34.61 1.42
CA ALA B 216 32.81 34.59 -0.04
C ALA B 216 31.80 33.62 -0.66
N GLY B 217 31.20 33.99 -1.78
CA GLY B 217 30.19 33.15 -2.41
C GLY B 217 29.64 33.82 -3.66
N SER B 218 28.65 33.16 -4.29
CA SER B 218 28.01 33.68 -5.49
C SER B 218 26.85 34.61 -5.14
N LEU B 219 26.31 35.30 -6.14
CA LEU B 219 25.13 36.12 -5.97
C LEU B 219 23.95 35.17 -6.05
N GLY B 220 22.74 35.66 -5.81
CA GLY B 220 21.53 34.91 -6.05
C GLY B 220 20.85 34.49 -4.77
N ALA B 221 21.51 33.57 -4.04
CA ALA B 221 20.93 32.91 -2.88
C ALA B 221 21.99 32.13 -2.11
N THR B 222 21.72 31.85 -0.84
CA THR B 222 22.28 30.68 -0.17
C THR B 222 21.15 29.70 0.11
N ILE B 223 21.45 28.40 0.05
CA ILE B 223 20.53 27.33 0.48
C ILE B 223 21.07 26.71 1.79
N ASN B 224 20.29 26.81 2.86
CA ASN B 224 20.71 26.41 4.19
C ASN B 224 19.82 25.29 4.70
N LEU B 225 20.43 24.15 4.97
CA LEU B 225 19.72 22.97 5.38
C LEU B 225 19.95 22.84 6.86
N ILE B 226 18.87 22.61 7.60
CA ILE B 226 18.88 22.48 9.04
C ILE B 226 18.54 21.03 9.37
N ARG B 227 19.42 20.36 10.12
CA ARG B 227 19.27 18.92 10.45
C ARG B 227 18.16 18.68 11.47
N LYS B 228 17.47 17.55 11.39
CA LYS B 228 16.66 17.07 12.52
C LYS B 228 17.51 16.98 13.83
N LYS B 229 16.85 17.19 14.98
CA LYS B 229 17.53 17.21 16.30
C LYS B 229 16.79 16.28 17.27
N PRO B 230 17.45 15.86 18.37
CA PRO B 230 16.77 14.91 19.25
C PRO B 230 15.62 15.55 20.03
N THR B 231 14.78 14.70 20.61
CA THR B 231 13.60 15.19 21.29
C THR B 231 13.47 14.68 22.70
N HIS B 232 12.75 15.45 23.50
CA HIS B 232 12.47 15.06 24.87
C HIS B 232 11.49 13.89 24.95
N GLU B 233 10.61 13.72 23.95
CA GLU B 233 9.63 12.61 23.92
C GLU B 233 10.03 11.55 22.89
N PHE B 234 9.65 10.30 23.14
CA PHE B 234 9.98 9.26 22.19
C PHE B 234 9.02 9.31 20.99
N LYS B 235 9.58 9.41 19.80
CA LYS B 235 8.76 9.36 18.61
C LYS B 235 9.56 8.70 17.53
N GLY B 236 8.88 8.15 16.53
CA GLY B 236 9.55 7.85 15.28
C GLY B 236 8.66 7.35 14.17
N HIS B 237 9.22 7.08 13.01
CA HIS B 237 8.46 6.38 12.00
C HIS B 237 9.27 5.42 11.17
N VAL B 238 8.59 4.48 10.52
CA VAL B 238 9.14 3.77 9.39
C VAL B 238 8.30 4.25 8.24
N GLU B 239 8.92 4.43 7.08
CA GLU B 239 8.19 4.76 5.88
C GLU B 239 8.70 3.98 4.69
N LEU B 240 7.79 3.32 3.94
CA LEU B 240 8.15 2.59 2.70
C LEU B 240 7.47 3.20 1.47
N GLY B 241 8.16 3.27 0.35
CA GLY B 241 7.60 3.92 -0.83
C GLY B 241 7.95 3.20 -2.12
N ALA B 242 7.16 3.45 -3.17
CA ALA B 242 7.27 2.66 -4.43
C ALA B 242 6.75 3.57 -5.49
N GLY B 243 7.53 3.80 -6.53
CA GLY B 243 7.11 4.75 -7.56
C GLY B 243 7.49 4.39 -8.99
N SER B 244 7.05 5.24 -9.93
CA SER B 244 7.35 5.07 -11.34
C SER B 244 8.80 4.69 -11.63
N TRP B 245 8.98 3.74 -12.55
CA TRP B 245 10.32 3.28 -13.03
C TRP B 245 11.07 2.59 -11.91
N ASP B 246 10.45 1.55 -11.36
CA ASP B 246 11.00 0.81 -10.21
C ASP B 246 11.74 1.74 -9.23
N ASN B 247 11.01 2.68 -8.65
CA ASN B 247 11.56 3.59 -7.64
C ASN B 247 11.12 3.17 -6.23
N TYR B 248 12.04 2.49 -5.53
CA TYR B 248 11.82 1.94 -4.16
C TYR B 248 12.55 2.73 -3.10
N ARG B 249 11.94 2.87 -1.92
CA ARG B 249 12.51 3.67 -0.84
C ARG B 249 12.06 3.20 0.52
N SER B 250 13.01 3.20 1.47
CA SER B 250 12.71 2.88 2.84
C SER B 250 13.45 3.86 3.74
N GLU B 251 12.84 4.24 4.86
CA GLU B 251 13.38 5.26 5.73
C GLU B 251 13.01 4.94 7.18
N LEU B 252 13.99 5.03 8.07
CA LEU B 252 13.79 4.82 9.51
C LEU B 252 14.32 6.04 10.25
N ASP B 253 13.59 6.42 11.31
CA ASP B 253 13.85 7.65 12.10
C ASP B 253 13.42 7.40 13.54
N VAL B 254 14.35 7.23 14.47
CA VAL B 254 13.97 7.03 15.88
C VAL B 254 14.51 8.20 16.70
N SER B 255 13.70 8.77 17.57
CA SER B 255 14.18 9.87 18.41
C SER B 255 13.68 9.77 19.82
N GLY B 256 14.45 10.24 20.81
CA GLY B 256 13.94 10.24 22.20
C GLY B 256 15.00 10.41 23.27
N PRO B 257 14.60 10.43 24.55
CA PRO B 257 15.53 10.47 25.68
C PRO B 257 16.27 9.15 25.90
N LEU B 258 17.54 9.26 26.28
CA LEU B 258 18.33 8.08 26.57
C LEU B 258 18.39 7.83 28.06
N THR B 259 18.32 8.87 28.87
CA THR B 259 18.15 8.70 30.32
C THR B 259 16.70 8.97 30.68
N GLU B 260 16.26 8.51 31.83
CA GLU B 260 14.84 8.67 32.15
C GLU B 260 14.48 10.11 32.59
N SER B 261 15.47 10.86 33.10
CA SER B 261 15.32 12.30 33.38
C SER B 261 15.25 13.14 32.12
N GLY B 262 15.76 12.61 31.01
CA GLY B 262 15.81 13.35 29.74
C GLY B 262 17.08 14.17 29.46
N ASN B 263 17.98 14.27 30.44
CA ASN B 263 19.22 15.03 30.24
C ASN B 263 20.07 14.51 29.05
N VAL B 264 19.97 13.24 28.72
CA VAL B 264 20.59 12.79 27.48
C VAL B 264 19.52 12.39 26.46
N ARG B 265 19.68 12.89 25.25
CA ARG B 265 18.74 12.62 24.17
C ARG B 265 19.49 12.19 22.89
N GLY B 266 18.81 11.46 22.01
CA GLY B 266 19.41 10.99 20.77
C GLY B 266 18.41 10.85 19.62
N ARG B 267 18.92 10.89 18.41
CA ARG B 267 18.13 10.60 17.23
C ARG B 267 19.01 9.88 16.25
N ALA B 268 18.41 8.91 15.54
CA ALA B 268 19.11 8.17 14.46
C ALA B 268 18.17 8.06 13.26
N VAL B 269 18.73 8.26 12.07
CA VAL B 269 17.99 8.09 10.80
C VAL B 269 18.80 7.23 9.81
N ALA B 270 18.11 6.31 9.14
CA ALA B 270 18.68 5.59 7.97
C ALA B 270 17.67 5.65 6.83
N ALA B 271 18.18 5.69 5.61
CA ALA B 271 17.33 5.65 4.44
C ALA B 271 18.11 5.00 3.29
N TYR B 272 17.39 4.35 2.39
CA TYR B 272 18.01 3.66 1.27
C TYR B 272 17.04 3.86 0.15
N GLN B 273 17.54 4.15 -1.04
CA GLN B 273 16.65 4.35 -2.21
C GLN B 273 17.29 3.79 -3.47
N ASP B 274 16.50 3.07 -4.25
CA ASP B 274 17.03 2.34 -5.39
C ASP B 274 16.00 2.65 -6.44
N LYS B 275 16.43 3.22 -7.54
CA LYS B 275 15.48 3.55 -8.60
C LYS B 275 16.08 3.29 -9.97
N HIS B 276 15.21 3.16 -10.95
CA HIS B 276 15.62 3.27 -12.34
C HIS B 276 15.06 4.57 -12.78
N SER B 277 14.90 4.78 -14.08
CA SER B 277 14.20 5.98 -14.52
C SER B 277 13.56 5.92 -15.90
N PHE B 278 12.82 6.97 -16.21
CA PHE B 278 12.22 7.06 -17.51
C PHE B 278 13.31 6.99 -18.58
N MET B 279 14.56 7.14 -18.16
CA MET B 279 15.70 7.14 -19.05
C MET B 279 16.34 5.78 -19.10
N ASP B 280 16.59 5.32 -20.32
CA ASP B 280 17.10 3.97 -20.59
C ASP B 280 18.41 3.67 -19.85
N HIS B 281 18.59 2.41 -19.45
CA HIS B 281 19.81 1.91 -18.76
C HIS B 281 20.39 2.78 -17.63
N TYR B 282 19.56 3.51 -16.90
CA TYR B 282 20.06 4.27 -15.75
C TYR B 282 19.38 3.88 -14.45
N GLU B 283 20.20 3.61 -13.45
CA GLU B 283 19.74 3.40 -12.08
C GLU B 283 20.62 4.11 -11.03
N ARG B 284 20.10 4.36 -9.83
CA ARG B 284 20.85 5.06 -8.77
C ARG B 284 20.50 4.53 -7.40
N LYS B 285 21.51 4.06 -6.67
CA LYS B 285 21.28 3.52 -5.33
C LYS B 285 21.77 4.60 -4.35
N THR B 286 20.94 5.05 -3.42
CA THR B 286 21.35 6.05 -2.45
C THR B 286 21.17 5.61 -0.98
N SER B 287 22.19 5.82 -0.16
CA SER B 287 22.25 5.33 1.22
C SER B 287 22.50 6.47 2.17
N VAL B 288 21.70 6.59 3.23
CA VAL B 288 21.95 7.65 4.22
C VAL B 288 21.83 7.21 5.68
N TYR B 289 22.86 7.51 6.45
CA TYR B 289 22.82 7.30 7.92
C TYR B 289 23.06 8.61 8.68
N TYR B 290 22.51 8.66 9.89
CA TYR B 290 22.62 9.89 10.69
C TYR B 290 22.32 9.55 12.10
N GLY B 291 23.25 9.92 12.98
CA GLY B 291 23.09 9.78 14.42
C GLY B 291 23.51 11.09 15.04
N ILE B 292 22.80 11.50 16.08
CA ILE B 292 23.07 12.72 16.87
C ILE B 292 22.73 12.50 18.35
N LEU B 293 23.51 13.14 19.23
CA LEU B 293 23.32 13.07 20.68
C LEU B 293 23.33 14.48 21.28
N GLU B 294 22.47 14.68 22.28
CA GLU B 294 22.45 15.91 23.06
C GLU B 294 22.64 15.53 24.51
N PHE B 295 23.66 16.13 25.11
CA PHE B 295 23.99 15.95 26.52
C PHE B 295 23.77 17.29 27.21
N ASP B 296 23.15 17.26 28.37
CA ASP B 296 23.04 18.45 29.20
C ASP B 296 24.08 18.35 30.29
N LEU B 297 25.08 19.22 30.19
CA LEU B 297 26.18 19.27 31.13
C LEU B 297 25.71 19.85 32.47
N ASN B 298 24.96 20.95 32.36
CA ASN B 298 24.19 21.51 33.47
C ASN B 298 22.94 22.18 32.89
N PRO B 299 22.02 22.70 33.75
CA PRO B 299 20.79 23.37 33.20
C PRO B 299 21.04 24.56 32.24
N ASP B 300 22.27 25.09 32.22
CA ASP B 300 22.66 26.21 31.36
C ASP B 300 23.55 25.81 30.17
N THR B 301 23.96 24.54 30.11
CA THR B 301 24.96 24.09 29.12
C THR B 301 24.65 22.77 28.40
N MET B 302 24.73 22.83 27.07
CA MET B 302 24.46 21.69 26.21
C MET B 302 25.61 21.40 25.25
N LEU B 303 26.03 20.15 25.23
CA LEU B 303 26.98 19.65 24.24
C LEU B 303 26.25 18.77 23.22
N THR B 304 26.56 18.94 21.95
CA THR B 304 26.00 18.11 20.86
C THR B 304 27.11 17.49 20.04
N VAL B 305 27.06 16.17 19.89
CA VAL B 305 27.91 15.47 18.93
C VAL B 305 27.04 14.78 17.89
N GLY B 306 27.52 14.73 16.64
CA GLY B 306 26.79 14.02 15.59
C GLY B 306 27.62 13.65 14.36
N ALA B 307 27.09 12.72 13.58
CA ALA B 307 27.69 12.30 12.31
C ALA B 307 26.58 12.06 11.31
N ASP B 308 26.91 12.18 10.01
CA ASP B 308 25.99 11.83 8.96
C ASP B 308 26.78 11.38 7.75
N TYR B 309 26.11 10.71 6.81
CA TYR B 309 26.79 9.98 5.76
C TYR B 309 25.79 9.78 4.66
N GLN B 310 26.18 10.05 3.42
CA GLN B 310 25.31 9.80 2.27
C GLN B 310 26.05 9.43 1.02
N ASP B 311 25.51 8.43 0.34
CA ASP B 311 26.16 7.79 -0.80
C ASP B 311 25.20 7.77 -1.98
N ASN B 312 25.62 8.37 -3.07
CA ASN B 312 24.87 8.35 -4.31
C ASN B 312 25.71 7.55 -5.31
N ASP B 313 25.14 6.45 -5.76
CA ASP B 313 25.84 5.49 -6.57
C ASP B 313 25.03 5.12 -7.83
N PRO B 314 25.26 5.76 -8.97
CA PRO B 314 24.43 5.44 -10.12
C PRO B 314 25.11 4.49 -11.16
N LYS B 315 24.39 4.04 -12.17
CA LYS B 315 25.02 3.44 -13.37
C LYS B 315 24.30 4.03 -14.56
N GLY B 316 24.93 4.04 -15.73
CA GLY B 316 24.35 4.68 -16.92
C GLY B 316 24.24 6.20 -16.75
N SER B 317 25.11 6.77 -15.93
CA SER B 317 25.19 8.20 -15.75
C SER B 317 25.53 8.86 -17.05
N GLY B 318 24.79 9.92 -17.38
CA GLY B 318 25.15 10.68 -18.57
C GLY B 318 26.19 11.72 -18.24
N TRP B 319 26.69 12.39 -19.25
CA TRP B 319 27.63 13.45 -19.04
C TRP B 319 27.28 14.44 -20.11
N SER B 320 27.09 15.71 -19.67
CA SER B 320 26.90 16.79 -20.61
C SER B 320 25.54 16.62 -21.39
N GLY B 321 24.41 16.84 -20.72
CA GLY B 321 23.09 16.63 -21.33
C GLY B 321 22.75 15.17 -21.59
N SER B 322 21.62 14.90 -22.25
CA SER B 322 21.16 13.53 -22.46
C SER B 322 21.37 12.99 -23.88
N PHE B 323 21.60 13.91 -24.85
CA PHE B 323 21.82 13.61 -26.28
C PHE B 323 22.30 14.89 -26.96
N PRO B 324 23.06 14.73 -28.06
CA PRO B 324 23.53 15.87 -28.82
C PRO B 324 22.39 16.53 -29.59
N LEU B 325 22.36 17.86 -29.61
CA LEU B 325 21.40 18.58 -30.45
C LEU B 325 21.47 18.32 -31.95
N PHE B 326 22.67 18.06 -32.47
CA PHE B 326 22.84 17.93 -33.90
C PHE B 326 23.59 16.63 -34.25
N ASP B 327 23.23 16.02 -35.39
CA ASP B 327 24.02 14.95 -35.97
C ASP B 327 25.22 15.53 -36.71
N SER B 328 25.90 14.70 -37.49
CA SER B 328 27.18 15.07 -38.06
C SER B 328 27.02 16.09 -39.14
N GLN B 329 25.81 16.17 -39.69
CA GLN B 329 25.56 17.04 -40.82
C GLN B 329 24.87 18.29 -40.30
N GLY B 330 24.59 18.30 -39.00
CA GLY B 330 23.94 19.43 -38.34
C GLY B 330 22.43 19.60 -38.52
N ASN B 331 21.70 18.51 -38.70
CA ASN B 331 20.25 18.55 -38.60
C ASN B 331 19.89 18.37 -37.12
N ARG B 332 18.75 18.92 -36.66
CA ARG B 332 18.33 18.64 -35.28
C ARG B 332 18.07 17.14 -35.07
N ASN B 333 18.72 16.53 -34.08
CA ASN B 333 18.43 15.14 -33.71
C ASN B 333 17.03 15.06 -33.11
N ASP B 334 16.31 13.99 -33.46
CA ASP B 334 15.01 13.68 -32.89
C ASP B 334 15.14 12.37 -32.08
N VAL B 335 14.95 12.43 -30.75
CA VAL B 335 14.99 11.19 -29.93
C VAL B 335 13.91 11.11 -28.87
N SER B 336 13.61 9.87 -28.43
CA SER B 336 12.68 9.63 -27.33
C SER B 336 13.10 10.32 -26.05
N ARG B 337 12.13 10.62 -25.20
CA ARG B 337 12.45 11.02 -23.84
C ARG B 337 13.34 9.99 -23.11
N SER B 338 13.30 8.73 -23.50
CA SER B 338 14.02 7.70 -22.77
C SER B 338 15.49 7.62 -23.21
N PHE B 339 15.89 8.44 -24.17
CA PHE B 339 17.25 8.31 -24.68
C PHE B 339 18.31 8.77 -23.69
N ASN B 340 19.35 7.96 -23.53
CA ASN B 340 20.40 8.19 -22.54
C ASN B 340 21.80 8.03 -23.09
N ASN B 341 22.55 9.12 -23.31
CA ASN B 341 23.81 9.06 -24.05
C ASN B 341 24.91 8.31 -23.31
N GLY B 342 24.69 7.98 -22.04
CA GLY B 342 25.76 7.39 -21.22
C GLY B 342 25.96 5.91 -21.49
N ALA B 343 27.17 5.39 -21.27
CA ALA B 343 27.48 3.96 -21.36
C ALA B 343 26.93 3.21 -20.14
N LYS B 344 26.57 1.93 -20.32
CA LYS B 344 25.98 1.11 -19.24
C LYS B 344 26.76 1.23 -17.92
N TRP B 345 28.07 1.34 -18.06
CA TRP B 345 28.99 1.34 -16.94
C TRP B 345 29.33 2.73 -16.42
N SER B 346 28.87 3.76 -17.12
CA SER B 346 29.15 5.12 -16.69
C SER B 346 28.51 5.50 -15.37
N SER B 347 29.28 6.11 -14.49
CA SER B 347 28.80 6.42 -13.14
C SER B 347 29.38 7.71 -12.54
N TRP B 348 28.54 8.64 -12.11
CA TRP B 348 29.01 9.78 -11.33
C TRP B 348 28.75 9.61 -9.84
N GLU B 349 29.38 8.65 -9.21
CA GLU B 349 29.19 8.41 -7.78
C GLU B 349 29.58 9.62 -6.91
N GLN B 350 28.69 10.06 -6.02
CA GLN B 350 28.99 11.22 -5.13
C GLN B 350 28.65 10.91 -3.68
N TYR B 351 29.61 11.17 -2.79
CA TYR B 351 29.40 10.85 -1.38
C TYR B 351 29.79 11.99 -0.45
N THR B 352 29.05 12.13 0.65
CA THR B 352 29.32 13.16 1.64
C THR B 352 29.35 12.53 3.00
N ARG B 353 30.07 13.15 3.93
CA ARG B 353 29.92 12.75 5.31
C ARG B 353 30.47 13.74 6.29
N THR B 354 29.79 13.95 7.41
CA THR B 354 30.15 15.02 8.34
C THR B 354 30.26 14.43 9.72
N VAL B 355 31.25 14.89 10.50
CA VAL B 355 31.31 14.68 11.94
C VAL B 355 31.38 16.09 12.52
N PHE B 356 30.64 16.35 13.60
CA PHE B 356 30.48 17.69 14.19
C PHE B 356 30.14 17.70 15.69
N ALA B 357 30.52 18.80 16.34
CA ALA B 357 30.24 19.03 17.74
C ALA B 357 29.79 20.49 17.98
N ASN B 358 28.82 20.64 18.87
CA ASN B 358 28.26 21.94 19.30
C ASN B 358 28.40 22.05 20.80
N LEU B 359 28.64 23.25 21.30
CA LEU B 359 28.54 23.49 22.73
C LEU B 359 27.89 24.84 22.80
N GLU B 360 26.78 24.97 23.50
CA GLU B 360 26.21 26.29 23.64
C GLU B 360 25.90 26.61 25.10
N HIS B 361 26.08 27.87 25.48
CA HIS B 361 25.96 28.29 26.88
C HIS B 361 25.02 29.49 27.01
N ASN B 362 24.09 29.39 27.94
CA ASN B 362 23.27 30.53 28.32
C ASN B 362 23.98 31.21 29.48
N PHE B 363 24.18 32.52 29.38
CA PHE B 363 24.83 33.27 30.45
C PHE B 363 23.78 33.82 31.43
N ALA B 364 24.15 33.96 32.71
CA ALA B 364 23.28 34.59 33.73
C ALA B 364 23.15 36.09 33.49
N ASN B 365 22.65 36.47 32.31
CA ASN B 365 22.84 37.78 31.73
C ASN B 365 21.95 38.01 30.49
N GLY B 366 21.40 36.93 29.94
CA GLY B 366 20.53 37.03 28.75
C GLY B 366 21.21 36.70 27.43
N TRP B 367 22.51 36.40 27.48
CA TRP B 367 23.36 36.17 26.29
C TRP B 367 23.56 34.70 26.02
N VAL B 368 23.84 34.35 24.77
CA VAL B 368 24.25 32.99 24.45
C VAL B 368 25.55 32.97 23.65
N GLY B 369 26.40 32.00 23.95
CA GLY B 369 27.59 31.72 23.17
C GLY B 369 27.45 30.36 22.52
N LYS B 370 27.97 30.23 21.31
CA LYS B 370 27.92 28.95 20.61
C LYS B 370 29.23 28.61 19.92
N VAL B 371 29.66 27.37 20.07
CA VAL B 371 30.88 26.86 19.46
C VAL B 371 30.49 25.72 18.53
N GLN B 372 31.01 25.76 17.30
CA GLN B 372 30.72 24.76 16.29
C GLN B 372 31.97 24.23 15.64
N LEU B 373 32.17 22.92 15.74
CA LEU B 373 33.27 22.23 15.06
C LEU B 373 32.75 21.29 13.98
N ASP B 374 33.31 21.41 12.78
CA ASP B 374 32.88 20.61 11.66
C ASP B 374 34.00 19.98 10.87
N HIS B 375 33.89 18.69 10.68
CA HIS B 375 34.76 17.98 9.78
C HIS B 375 33.83 17.44 8.68
N LYS B 376 33.95 17.96 7.45
CA LYS B 376 33.03 17.60 6.35
C LYS B 376 33.76 17.01 5.15
N ILE B 377 33.17 16.01 4.49
CA ILE B 377 33.83 15.31 3.39
C ILE B 377 32.93 15.32 2.19
N ASN B 378 33.47 15.67 1.04
CA ASN B 378 32.69 15.71 -0.17
C ASN B 378 33.49 14.95 -1.21
N GLY B 379 32.98 13.80 -1.65
CA GLY B 379 33.75 12.94 -2.52
C GLY B 379 33.03 12.51 -3.78
N TYR B 380 33.81 12.04 -4.76
CA TYR B 380 33.29 11.57 -6.03
C TYR B 380 34.13 10.49 -6.63
N HIS B 381 33.51 9.65 -7.44
CA HIS B 381 34.16 8.55 -8.13
C HIS B 381 33.39 8.48 -9.43
N ALA B 382 34.06 8.77 -10.54
CA ALA B 382 33.34 9.11 -11.75
C ALA B 382 34.00 8.55 -13.00
N PRO B 383 33.79 7.27 -13.26
CA PRO B 383 34.20 6.82 -14.57
C PRO B 383 33.03 7.08 -15.53
N LEU B 384 33.15 8.14 -16.31
CA LEU B 384 32.06 8.60 -17.13
C LEU B 384 32.35 8.20 -18.52
N GLY B 385 31.30 7.99 -19.31
CA GLY B 385 31.43 7.62 -20.73
C GLY B 385 30.12 7.90 -21.44
N ALA B 386 30.16 8.64 -22.53
CA ALA B 386 28.89 9.10 -23.08
C ALA B 386 29.10 9.46 -24.51
N ILE B 387 28.07 9.26 -25.35
CA ILE B 387 28.07 9.74 -26.71
C ILE B 387 28.06 11.27 -26.63
N MET B 388 29.15 11.88 -27.07
CA MET B 388 29.21 13.33 -27.29
C MET B 388 29.95 13.78 -28.55
N GLY B 389 29.54 14.98 -28.98
CA GLY B 389 29.89 15.55 -30.27
C GLY B 389 28.69 15.58 -31.20
N ASP B 390 28.96 15.87 -32.46
CA ASP B 390 27.92 15.91 -33.46
C ASP B 390 27.66 14.50 -33.95
N TRP B 391 26.64 13.83 -33.44
CA TRP B 391 26.37 12.44 -33.81
C TRP B 391 24.84 12.17 -33.88
N PRO B 392 24.39 11.19 -34.71
CA PRO B 392 25.11 10.18 -35.53
C PRO B 392 25.79 10.74 -36.75
N ALA B 393 26.63 9.89 -37.34
CA ALA B 393 27.11 10.05 -38.70
C ALA B 393 26.08 9.45 -39.67
N PRO B 394 26.25 9.68 -40.98
CA PRO B 394 25.17 9.29 -41.90
C PRO B 394 24.87 7.79 -41.93
N ASP B 395 25.85 6.98 -41.52
CA ASP B 395 25.71 5.52 -41.36
C ASP B 395 25.29 5.06 -39.95
N ASN B 396 24.76 5.97 -39.14
CA ASN B 396 24.21 5.66 -37.80
C ASN B 396 25.24 5.29 -36.73
N SER B 397 26.51 5.56 -37.03
CA SER B 397 27.59 5.36 -36.08
C SER B 397 27.83 6.61 -35.22
N ALA B 398 28.47 6.43 -34.07
CA ALA B 398 28.79 7.54 -33.16
C ALA B 398 29.99 7.25 -32.25
N LYS B 399 30.48 8.29 -31.60
CA LYS B 399 31.67 8.16 -30.77
C LYS B 399 31.46 8.55 -29.31
N ILE B 400 32.10 7.78 -28.46
CA ILE B 400 31.98 7.92 -27.01
C ILE B 400 33.21 8.69 -26.53
N VAL B 401 32.96 9.69 -25.70
CA VAL B 401 34.02 10.37 -24.96
C VAL B 401 34.02 9.76 -23.57
N ALA B 402 35.16 9.21 -23.14
CA ALA B 402 35.34 8.60 -21.79
C ALA B 402 36.50 9.22 -20.98
N GLN B 403 36.24 9.52 -19.69
CA GLN B 403 37.21 10.11 -18.74
C GLN B 403 36.76 9.78 -17.34
N LYS B 404 37.72 9.60 -16.43
CA LYS B 404 37.42 9.22 -15.05
C LYS B 404 37.94 10.31 -14.12
N TYR B 405 37.11 10.75 -13.18
CA TYR B 405 37.45 11.80 -12.22
C TYR B 405 37.16 11.28 -10.85
N THR B 406 38.20 11.18 -10.05
CA THR B 406 38.10 10.71 -8.67
C THR B 406 38.84 11.69 -7.78
N GLY B 407 38.17 12.08 -6.71
CA GLY B 407 38.80 12.92 -5.74
C GLY B 407 37.94 13.07 -4.52
N GLU B 408 38.45 13.88 -3.60
CA GLU B 408 37.80 14.10 -2.31
C GLU B 408 38.22 15.48 -1.73
N THR B 409 37.28 16.13 -1.04
CA THR B 409 37.53 17.38 -0.33
C THR B 409 37.19 17.21 1.16
N LYS B 410 38.17 17.39 2.04
CA LYS B 410 37.99 17.37 3.50
C LYS B 410 38.02 18.82 4.00
N SER B 411 37.10 19.21 4.91
CA SER B 411 36.98 20.60 5.41
C SER B 411 36.70 20.67 6.89
N ASN B 412 37.57 21.36 7.61
CA ASN B 412 37.38 21.59 9.04
C ASN B 412 36.99 23.02 9.31
N SER B 413 35.91 23.21 10.06
CA SER B 413 35.37 24.54 10.30
C SER B 413 35.16 24.88 11.77
N LEU B 414 35.62 26.05 12.15
CA LEU B 414 35.42 26.53 13.51
C LEU B 414 34.53 27.77 13.42
N ASP B 415 33.51 27.81 14.26
CA ASP B 415 32.60 28.95 14.32
C ASP B 415 32.13 29.18 15.74
N ILE B 416 32.46 30.33 16.29
CA ILE B 416 31.93 30.76 17.57
C ILE B 416 31.21 32.08 17.35
N TYR B 417 30.26 32.38 18.22
CA TYR B 417 29.61 33.67 18.20
C TYR B 417 28.88 33.94 19.50
N LEU B 418 28.82 35.20 19.90
CA LEU B 418 28.00 35.63 21.01
C LEU B 418 26.84 36.49 20.50
N THR B 419 25.71 36.43 21.19
CA THR B 419 24.54 37.23 20.87
C THR B 419 23.66 37.48 22.10
N GLY B 420 23.10 38.68 22.17
CA GLY B 420 22.27 39.10 23.30
C GLY B 420 22.01 40.61 23.38
N PRO B 421 21.30 41.05 24.44
CA PRO B 421 20.87 42.44 24.68
C PRO B 421 21.94 43.46 25.11
N PHE B 422 21.62 44.75 24.98
CA PHE B 422 22.36 45.89 25.58
C PHE B 422 21.57 47.19 25.45
N GLN B 423 21.73 48.11 26.42
CA GLN B 423 20.99 49.38 26.39
C GLN B 423 21.85 50.53 25.84
N PHE B 424 21.26 51.43 25.05
CA PHE B 424 22.05 52.56 24.50
C PHE B 424 21.48 53.97 24.80
N LEU B 425 20.21 54.23 24.45
CA LEU B 425 19.59 55.53 24.87
C LEU B 425 18.34 55.29 25.74
N GLY B 426 18.57 54.52 26.85
CA GLY B 426 17.48 53.94 27.64
C GLY B 426 16.55 52.94 26.93
N ARG B 427 17.07 52.15 25.99
CA ARG B 427 16.27 51.13 25.27
C ARG B 427 17.08 49.89 24.93
N GLU B 428 16.51 48.71 25.12
CA GLU B 428 17.28 47.47 24.90
C GLU B 428 17.30 47.09 23.41
N HIS B 429 18.49 46.73 22.93
CA HIS B 429 18.70 46.29 21.55
C HIS B 429 19.37 44.93 21.61
N GLU B 430 19.79 44.43 20.44
CA GLU B 430 20.57 43.21 20.43
C GLU B 430 21.73 43.19 19.42
N LEU B 431 22.73 42.36 19.73
CA LEU B 431 24.00 42.29 19.01
C LEU B 431 24.45 40.84 18.67
N VAL B 432 25.22 40.68 17.59
CA VAL B 432 25.98 39.47 17.34
C VAL B 432 27.41 39.80 16.99
N VAL B 433 28.35 39.20 17.72
CA VAL B 433 29.75 39.19 17.29
C VAL B 433 30.18 37.74 17.09
N GLY B 434 30.91 37.48 16.01
CA GLY B 434 31.31 36.11 15.73
C GLY B 434 32.50 36.03 14.82
N THR B 435 33.16 34.87 14.81
CA THR B 435 34.37 34.67 14.03
C THR B 435 34.46 33.23 13.53
N SER B 436 34.91 33.07 12.29
CA SER B 436 34.92 31.75 11.69
C SER B 436 36.25 31.49 10.95
N ALA B 437 36.62 30.21 10.90
CA ALA B 437 37.81 29.78 10.21
C ALA B 437 37.44 28.52 9.45
N SER B 438 38.08 28.31 8.32
CA SER B 438 37.69 27.26 7.41
C SER B 438 38.89 26.82 6.58
N PHE B 439 39.26 25.56 6.79
CA PHE B 439 40.38 24.90 6.15
C PHE B 439 39.86 23.74 5.31
N SER B 440 40.14 23.75 4.02
CA SER B 440 39.75 22.62 3.22
C SER B 440 40.82 22.27 2.23
N HIS B 441 40.87 20.97 1.95
CA HIS B 441 41.90 20.33 1.15
C HIS B 441 41.19 19.43 0.12
N TRP B 442 41.23 19.83 -1.15
CA TRP B 442 40.69 19.03 -2.25
C TRP B 442 41.80 18.31 -3.02
N GLU B 443 41.74 16.98 -3.06
CA GLU B 443 42.75 16.17 -3.77
C GLU B 443 42.04 15.33 -4.80
N GLY B 444 42.65 15.14 -5.97
CA GLY B 444 41.95 14.52 -7.09
C GLY B 444 42.84 13.97 -8.18
N LYS B 445 42.40 12.89 -8.82
CA LYS B 445 43.06 12.30 -9.99
C LYS B 445 42.08 12.41 -11.18
N SER B 446 42.60 12.69 -12.37
CA SER B 446 41.78 12.66 -13.58
C SER B 446 42.43 11.77 -14.61
N TYR B 447 41.63 11.00 -15.33
CA TYR B 447 42.13 10.05 -16.33
C TYR B 447 41.58 10.40 -17.71
N TRP B 448 42.44 10.36 -18.74
CA TRP B 448 41.97 10.51 -20.12
C TRP B 448 42.90 10.06 -21.23
N ASN B 449 43.99 9.39 -20.90
CA ASN B 449 44.74 8.74 -21.94
C ASN B 449 44.45 7.28 -21.86
N LEU B 450 43.58 6.82 -22.75
CA LEU B 450 43.14 5.44 -22.73
C LEU B 450 44.05 4.56 -23.60
N ARG B 451 44.51 3.46 -23.02
CA ARG B 451 45.13 2.37 -23.77
C ARG B 451 44.18 2.00 -24.91
N ASN B 452 44.69 1.98 -26.15
CA ASN B 452 43.81 1.98 -27.34
C ASN B 452 42.50 1.21 -27.17
N TYR B 453 41.44 2.01 -27.22
CA TYR B 453 40.10 1.65 -26.83
C TYR B 453 39.22 2.01 -28.01
N ASP B 454 38.44 1.03 -28.49
CA ASP B 454 37.46 1.30 -29.56
C ASP B 454 36.31 2.13 -28.99
N ASN B 455 36.28 3.44 -29.34
CA ASN B 455 35.31 4.38 -28.74
C ASN B 455 34.15 4.71 -29.67
N THR B 456 34.03 3.95 -30.76
CA THR B 456 32.90 4.02 -31.68
C THR B 456 31.80 2.98 -31.35
N THR B 457 30.55 3.33 -31.65
CA THR B 457 29.44 2.36 -31.69
C THR B 457 28.80 2.23 -33.09
N ASP B 458 28.18 1.08 -33.36
CA ASP B 458 27.59 0.71 -34.67
C ASP B 458 26.12 1.16 -34.86
N ASP B 459 25.50 1.66 -33.79
CA ASP B 459 24.09 1.93 -33.82
C ASP B 459 23.74 3.03 -32.84
N PHE B 460 23.49 4.22 -33.37
CA PHE B 460 22.99 5.34 -32.58
C PHE B 460 21.50 5.20 -32.26
N ILE B 461 20.69 5.03 -33.30
CA ILE B 461 19.24 5.01 -33.14
C ILE B 461 18.76 4.10 -31.98
N ASN B 462 19.40 2.94 -31.82
CA ASN B 462 19.10 1.89 -30.83
C ASN B 462 20.12 1.78 -29.69
N TRP B 463 20.90 2.83 -29.48
CA TRP B 463 21.85 2.89 -28.36
C TRP B 463 21.15 2.61 -27.01
N ASP B 464 21.75 1.69 -26.29
CA ASP B 464 21.22 1.02 -25.11
C ASP B 464 22.33 1.22 -24.08
N GLY B 465 23.28 2.09 -24.39
CA GLY B 465 24.52 2.22 -23.61
C GLY B 465 25.57 1.13 -23.75
N ASP B 466 25.44 0.24 -24.72
CA ASP B 466 26.23 -1.00 -24.67
C ASP B 466 27.58 -0.88 -25.35
N ILE B 467 28.59 -0.46 -24.60
CA ILE B 467 29.95 -0.36 -25.12
C ILE B 467 30.92 -0.79 -24.04
N GLY B 468 32.05 -1.37 -24.48
CA GLY B 468 33.18 -1.70 -23.62
C GLY B 468 33.59 -0.58 -22.68
N LYS B 469 34.02 -0.98 -21.49
CA LYS B 469 34.65 -0.08 -20.52
C LYS B 469 36.10 0.02 -20.96
N PRO B 470 36.72 1.18 -20.76
CA PRO B 470 38.10 1.30 -21.19
C PRO B 470 39.07 0.99 -20.08
N ASP B 471 40.32 0.84 -20.45
CA ASP B 471 41.42 0.69 -19.53
C ASP B 471 41.86 2.13 -19.40
N TRP B 472 41.73 2.66 -18.19
CA TRP B 472 41.91 4.09 -17.94
C TRP B 472 43.36 4.58 -18.04
N GLY B 473 44.30 3.65 -17.85
CA GLY B 473 45.73 3.99 -17.78
C GLY B 473 46.14 4.62 -16.46
N THR B 474 47.19 5.42 -16.51
CA THR B 474 47.77 6.07 -15.35
C THR B 474 47.16 7.47 -15.32
N PRO B 475 47.09 8.11 -14.15
CA PRO B 475 46.42 9.43 -14.09
C PRO B 475 47.05 10.49 -14.96
N SER B 476 46.24 11.36 -15.51
CA SER B 476 46.66 12.41 -16.44
C SER B 476 46.74 13.75 -15.74
N GLN B 477 46.30 13.80 -14.47
CA GLN B 477 46.24 15.06 -13.72
C GLN B 477 46.06 14.80 -12.24
N TYR B 478 46.74 15.59 -11.42
CA TYR B 478 46.69 15.44 -9.95
C TYR B 478 46.29 16.79 -9.39
N ILE B 479 45.10 16.88 -8.81
CA ILE B 479 44.65 18.13 -8.18
C ILE B 479 45.04 18.11 -6.71
N ASP B 480 45.51 19.26 -6.21
CA ASP B 480 45.89 19.46 -4.82
C ASP B 480 45.55 20.94 -4.61
N ASP B 481 44.30 21.25 -4.29
CA ASP B 481 43.93 22.62 -3.96
C ASP B 481 43.65 22.73 -2.49
N LYS B 482 43.97 23.89 -1.91
CA LYS B 482 43.78 24.14 -0.47
C LYS B 482 43.17 25.50 -0.27
N THR B 483 41.87 25.59 0.05
CA THR B 483 41.26 26.86 0.40
C THR B 483 41.37 27.08 1.91
N ARG B 484 41.67 28.32 2.32
CA ARG B 484 41.53 28.78 3.72
C ARG B 484 40.73 30.08 3.80
N GLN B 485 39.75 30.12 4.69
CA GLN B 485 38.89 31.31 4.84
C GLN B 485 38.56 31.65 6.28
N LEU B 486 38.87 32.89 6.66
CA LEU B 486 38.61 33.43 7.98
C LEU B 486 37.50 34.46 7.88
N GLY B 487 36.75 34.65 8.96
CA GLY B 487 35.65 35.62 8.99
C GLY B 487 35.48 36.21 10.38
N SER B 488 35.13 37.48 10.44
CA SER B 488 34.78 38.13 11.68
C SER B 488 33.64 39.07 11.36
N TYR B 489 32.59 38.98 12.16
CA TYR B 489 31.35 39.69 11.86
C TYR B 489 30.65 40.22 13.09
N MET B 490 29.97 41.35 12.88
CA MET B 490 29.25 42.12 13.90
C MET B 490 27.95 42.58 13.25
N THR B 491 26.83 42.31 13.92
CA THR B 491 25.52 42.79 13.48
C THR B 491 24.71 43.31 14.66
N ALA B 492 24.25 44.54 14.52
CA ALA B 492 23.40 45.15 15.51
C ALA B 492 22.02 45.46 14.94
N ARG B 493 20.98 45.02 15.66
CA ARG B 493 19.62 45.47 15.42
C ARG B 493 19.26 46.42 16.56
N PHE B 494 19.11 47.69 16.20
CA PHE B 494 18.84 48.74 17.17
C PHE B 494 17.36 48.93 17.25
N ASN B 495 16.86 49.01 18.48
CA ASN B 495 15.50 49.42 18.75
C ASN B 495 15.42 50.96 18.72
N VAL B 496 15.13 51.52 17.55
CA VAL B 496 15.13 52.98 17.41
C VAL B 496 13.80 53.59 17.91
N THR B 497 12.67 53.08 17.40
CA THR B 497 11.30 53.41 17.87
C THR B 497 10.65 52.06 18.14
N ASP B 498 9.38 52.06 18.53
CA ASP B 498 8.60 50.82 18.68
C ASP B 498 8.30 50.20 17.35
N ASP B 499 8.28 51.01 16.29
CA ASP B 499 8.00 50.57 14.92
C ASP B 499 9.28 50.49 14.08
N LEU B 500 10.36 51.08 14.57
CA LEU B 500 11.58 51.17 13.80
C LEU B 500 12.68 50.29 14.40
N ASN B 501 13.25 49.43 13.56
CA ASN B 501 14.49 48.72 13.88
C ASN B 501 15.53 48.92 12.78
N LEU B 502 16.76 49.27 13.18
CA LEU B 502 17.85 49.51 12.24
C LEU B 502 18.93 48.40 12.33
N PHE B 503 19.26 47.79 11.19
CA PHE B 503 20.30 46.76 11.14
C PHE B 503 21.61 47.32 10.57
N LEU B 504 22.62 47.45 11.42
CA LEU B 504 23.94 47.81 10.94
C LEU B 504 24.90 46.70 11.34
N GLY B 505 25.70 46.25 10.39
CA GLY B 505 26.71 45.26 10.68
C GLY B 505 27.54 44.97 9.47
N GLY B 506 28.47 44.03 9.60
CA GLY B 506 29.27 43.62 8.46
C GLY B 506 30.26 42.51 8.78
N ARG B 507 30.94 42.03 7.74
CA ARG B 507 31.89 40.95 7.85
C ARG B 507 33.23 41.37 7.27
N VAL B 508 34.32 40.99 7.92
CA VAL B 508 35.64 41.09 7.25
C VAL B 508 36.16 39.68 6.91
N VAL B 509 36.73 39.57 5.70
CA VAL B 509 36.97 38.29 5.08
C VAL B 509 38.39 38.21 4.59
N ASP B 510 39.06 37.13 4.94
CA ASP B 510 40.34 36.74 4.35
C ASP B 510 40.18 35.39 3.63
N TYR B 511 40.57 35.35 2.35
CA TYR B 511 40.39 34.16 1.45
C TYR B 511 41.66 33.81 0.67
N ARG B 512 42.17 32.58 0.85
CA ARG B 512 43.46 32.14 0.26
C ARG B 512 43.24 30.77 -0.36
N VAL B 513 43.58 30.60 -1.64
CA VAL B 513 43.66 29.28 -2.26
C VAL B 513 44.99 29.00 -3.03
N THR B 514 45.81 28.12 -2.43
CA THR B 514 47.06 27.65 -2.99
C THR B 514 46.93 26.28 -3.72
N GLY B 515 47.78 26.05 -4.73
CA GLY B 515 47.82 24.78 -5.49
C GLY B 515 48.68 24.86 -6.75
N LEU B 516 48.22 24.21 -7.81
CA LEU B 516 48.94 24.21 -9.09
C LEU B 516 48.94 25.59 -9.74
N ASN B 517 47.87 26.33 -9.50
CA ASN B 517 47.75 27.64 -10.10
C ASN B 517 48.26 28.75 -9.18
N PRO B 518 48.51 29.96 -9.73
CA PRO B 518 49.07 31.00 -8.86
C PRO B 518 48.10 31.34 -7.72
N THR B 519 48.68 31.53 -6.53
CA THR B 519 47.94 31.82 -5.30
C THR B 519 46.84 32.88 -5.49
N ILE B 520 45.61 32.50 -5.19
CA ILE B 520 44.50 33.47 -5.07
C ILE B 520 44.49 34.00 -3.62
N ARG B 521 44.41 35.32 -3.45
CA ARG B 521 44.53 35.96 -2.12
C ARG B 521 43.72 37.24 -1.97
N GLU B 522 42.70 37.23 -1.11
CA GLU B 522 42.02 38.46 -0.65
C GLU B 522 42.03 38.55 0.86
N SER B 523 42.57 39.66 1.37
CA SER B 523 42.68 39.95 2.79
C SER B 523 41.97 41.25 3.13
N GLY B 524 41.35 41.30 4.31
CA GLY B 524 40.64 42.47 4.82
C GLY B 524 39.53 43.07 3.97
N ARG B 525 38.92 42.28 3.08
CA ARG B 525 37.79 42.77 2.29
C ARG B 525 36.60 42.86 3.21
N PHE B 526 35.74 43.84 2.97
CA PHE B 526 34.68 44.16 3.90
C PHE B 526 33.34 44.01 3.20
N ILE B 527 32.41 43.28 3.82
CA ILE B 527 31.05 43.09 3.31
C ILE B 527 30.09 43.82 4.22
N PRO B 528 29.39 44.85 3.71
CA PRO B 528 28.52 45.66 4.57
C PRO B 528 27.08 45.17 4.54
N TYR B 529 26.40 45.37 5.66
CA TYR B 529 25.00 45.00 5.82
C TYR B 529 24.27 46.18 6.44
N VAL B 530 23.27 46.68 5.72
CA VAL B 530 22.42 47.76 6.21
C VAL B 530 21.00 47.37 5.88
N GLY B 531 20.11 47.55 6.85
CA GLY B 531 18.72 47.15 6.71
C GLY B 531 17.85 47.81 7.75
N ALA B 532 16.59 48.06 7.41
CA ALA B 532 15.63 48.68 8.32
C ALA B 532 14.27 48.03 8.17
N VAL B 533 13.54 47.91 9.28
CA VAL B 533 12.14 47.45 9.22
C VAL B 533 11.22 48.32 10.06
N TYR B 534 10.23 48.91 9.38
CA TYR B 534 9.26 49.86 10.00
C TYR B 534 7.84 49.32 9.96
N ASP B 535 7.22 49.16 11.13
CA ASP B 535 5.83 48.66 11.30
C ASP B 535 4.80 49.70 10.86
N LEU B 536 3.79 49.29 10.08
CA LEU B 536 2.74 50.23 9.64
C LEU B 536 1.50 50.16 10.51
N ASN B 537 1.04 48.93 10.77
CA ASN B 537 0.00 48.60 11.73
C ASN B 537 0.42 47.30 12.42
N ASP B 538 -0.55 46.56 12.99
CA ASP B 538 -0.31 45.27 13.66
C ASP B 538 -0.21 44.08 12.70
N THR B 539 -0.32 44.34 11.39
CA THR B 539 -0.19 43.31 10.35
C THR B 539 1.04 43.51 9.48
N TYR B 540 1.21 44.71 8.95
CA TYR B 540 2.22 45.00 7.91
C TYR B 540 3.46 45.68 8.49
N SER B 541 4.56 45.56 7.74
CA SER B 541 5.79 46.32 7.98
C SER B 541 6.45 46.50 6.64
N VAL B 542 6.91 47.73 6.36
CA VAL B 542 7.79 47.91 5.20
C VAL B 542 9.22 47.72 5.65
N TYR B 543 10.09 47.31 4.73
CA TYR B 543 11.51 47.10 5.01
C TYR B 543 12.40 47.38 3.80
N ALA B 544 13.66 47.71 4.07
CA ALA B 544 14.64 47.97 3.01
C ALA B 544 15.98 47.45 3.49
N SER B 545 16.80 47.01 2.53
CA SER B 545 18.16 46.56 2.84
C SER B 545 19.13 46.69 1.66
N TYR B 546 20.41 46.74 2.00
CA TYR B 546 21.50 46.76 1.05
C TYR B 546 22.43 45.66 1.52
N THR B 547 22.73 44.72 0.62
CA THR B 547 23.51 43.55 0.96
C THR B 547 24.54 43.33 -0.15
N ASP B 548 25.66 42.72 0.22
CA ASP B 548 26.81 42.54 -0.66
C ASP B 548 27.26 41.08 -0.55
N ILE B 549 27.93 40.59 -1.61
CA ILE B 549 28.75 39.37 -1.57
C ILE B 549 29.82 39.50 -2.65
N PHE B 550 30.97 38.87 -2.45
CA PHE B 550 32.02 38.80 -3.49
C PHE B 550 32.59 37.39 -3.60
N MET B 551 33.30 37.10 -4.69
CA MET B 551 33.84 35.76 -4.89
C MET B 551 35.12 35.82 -5.69
N PRO B 552 36.25 35.39 -5.09
CA PRO B 552 37.50 35.51 -5.85
C PRO B 552 37.44 34.67 -7.11
N GLN B 553 37.90 35.26 -8.20
CA GLN B 553 37.76 34.68 -9.52
C GLN B 553 38.48 33.31 -9.67
N ASP B 554 37.91 32.41 -10.48
CA ASP B 554 38.61 31.20 -10.91
C ASP B 554 39.90 31.56 -11.65
N SER B 555 40.86 30.68 -11.54
CA SER B 555 42.23 31.00 -11.89
C SER B 555 42.44 31.50 -13.32
N TRP B 556 41.68 30.97 -14.27
CA TRP B 556 41.94 31.23 -15.70
C TRP B 556 41.30 32.51 -16.23
N TYR B 557 40.54 33.18 -15.39
CA TYR B 557 39.98 34.48 -15.74
C TYR B 557 40.98 35.61 -15.49
N ARG B 558 41.83 35.87 -16.47
CA ARG B 558 42.86 36.87 -16.35
C ARG B 558 42.64 37.82 -17.52
N ASP B 559 43.23 39.03 -17.43
CA ASP B 559 43.05 40.13 -18.39
C ASP B 559 44.26 40.23 -19.32
N SER B 560 44.22 41.18 -20.28
CA SER B 560 45.32 41.43 -21.22
C SER B 560 46.65 41.43 -20.51
N SER B 561 46.64 41.88 -19.26
CA SER B 561 47.88 42.05 -18.51
C SER B 561 48.34 40.79 -17.82
N ASN B 562 47.60 39.71 -18.05
CA ASN B 562 47.81 38.43 -17.38
C ASN B 562 47.64 38.45 -15.84
N LYS B 563 46.83 39.39 -15.35
CA LYS B 563 46.55 39.50 -13.92
C LYS B 563 45.14 39.01 -13.72
N LEU B 564 44.89 38.40 -12.56
CA LEU B 564 43.58 37.84 -12.25
C LEU B 564 42.56 38.97 -12.20
N LEU B 565 41.37 38.72 -12.79
CA LEU B 565 40.23 39.61 -12.65
C LEU B 565 39.91 39.81 -11.19
N GLU B 566 39.59 41.06 -10.85
CA GLU B 566 39.09 41.43 -9.54
C GLU B 566 37.84 40.57 -9.19
N PRO B 567 37.74 40.06 -7.94
CA PRO B 567 36.59 39.23 -7.46
C PRO B 567 35.18 39.56 -7.98
N ASP B 568 34.47 38.55 -8.48
CA ASP B 568 33.06 38.65 -8.90
C ASP B 568 32.23 39.06 -7.67
N GLU B 569 31.32 40.01 -7.85
CA GLU B 569 30.88 40.82 -6.72
C GLU B 569 29.54 41.45 -7.02
N GLY B 570 28.75 41.75 -6.00
CA GLY B 570 27.51 42.45 -6.25
C GLY B 570 26.79 42.87 -4.99
N GLN B 571 25.84 43.78 -5.17
CA GLN B 571 25.02 44.30 -4.07
C GLN B 571 23.57 44.05 -4.42
N ASN B 572 22.75 43.78 -3.41
CA ASN B 572 21.32 43.58 -3.62
C ASN B 572 20.57 44.70 -2.90
N TYR B 573 19.75 45.46 -3.65
CA TYR B 573 19.00 46.62 -3.13
C TYR B 573 17.50 46.30 -3.16
N GLU B 574 16.90 46.18 -1.97
CA GLU B 574 15.54 45.67 -1.84
C GLU B 574 14.68 46.60 -1.00
N ILE B 575 13.55 47.01 -1.58
CA ILE B 575 12.49 47.60 -0.78
C ILE B 575 11.28 46.64 -0.85
N GLY B 576 10.55 46.52 0.26
CA GLY B 576 9.34 45.72 0.28
C GLY B 576 8.39 45.84 1.48
N ILE B 577 7.31 45.07 1.41
CA ILE B 577 6.27 45.02 2.43
C ILE B 577 5.96 43.57 2.83
N LYS B 578 5.80 43.35 4.11
CA LYS B 578 5.52 42.01 4.62
C LYS B 578 4.30 41.99 5.57
N GLY B 579 3.47 40.96 5.39
CA GLY B 579 2.27 40.73 6.20
C GLY B 579 2.37 39.49 7.08
N GLU B 580 1.82 39.62 8.28
CA GLU B 580 1.79 38.55 9.28
C GLU B 580 0.36 38.46 9.84
N TYR B 581 -0.23 37.28 9.80
CA TYR B 581 -1.59 37.13 10.32
C TYR B 581 -1.75 35.88 11.21
N LEU B 582 -2.78 35.90 12.07
CA LEU B 582 -3.09 34.81 12.97
C LEU B 582 -1.82 34.41 13.73
N ASP B 583 -1.32 35.34 14.58
CA ASP B 583 -0.16 35.09 15.45
C ASP B 583 1.07 34.45 14.76
N GLY B 584 1.14 34.54 13.44
CA GLY B 584 2.28 34.01 12.72
C GLY B 584 2.01 32.70 12.02
N ARG B 585 0.73 32.35 11.90
CA ARG B 585 0.34 31.13 11.22
C ARG B 585 0.33 31.35 9.71
N LEU B 586 0.20 32.59 9.27
CA LEU B 586 0.22 32.95 7.84
C LEU B 586 1.11 34.14 7.57
N ASN B 587 1.94 34.04 6.53
CA ASN B 587 2.80 35.14 6.11
C ASN B 587 2.55 35.52 4.66
N THR B 588 2.52 36.83 4.38
CA THR B 588 2.66 37.35 3.03
C THR B 588 3.83 38.32 2.87
N SER B 589 4.37 38.38 1.63
CA SER B 589 5.39 39.38 1.24
C SER B 589 5.22 39.93 -0.20
N LEU B 590 5.68 41.17 -0.42
CA LEU B 590 5.87 41.72 -1.79
C LEU B 590 7.21 42.46 -1.85
N ALA B 591 8.06 42.14 -2.82
CA ALA B 591 9.34 42.89 -2.90
C ALA B 591 9.76 43.36 -4.28
N TYR B 592 10.39 44.55 -4.31
CA TYR B 592 11.17 45.01 -5.48
C TYR B 592 12.68 45.02 -5.13
N PHE B 593 13.51 44.54 -6.06
CA PHE B 593 14.93 44.29 -5.84
C PHE B 593 15.71 44.50 -7.12
N GLU B 594 17.01 44.63 -6.96
CA GLU B 594 17.88 44.98 -8.04
C GLU B 594 19.24 44.44 -7.60
N ILE B 595 19.84 43.58 -8.41
CA ILE B 595 21.23 43.12 -8.17
C ILE B 595 22.20 43.83 -9.12
N HIS B 596 23.17 44.53 -8.55
CA HIS B 596 24.18 45.20 -9.31
C HIS B 596 25.48 44.40 -9.24
N GLU B 597 25.82 43.72 -10.33
CA GLU B 597 27.08 42.97 -10.38
C GLU B 597 28.25 43.75 -11.01
N GLU B 598 29.43 43.47 -10.51
CA GLU B 598 30.66 44.00 -11.07
C GLU B 598 31.77 42.95 -11.07
N ASN B 599 32.70 43.12 -12.01
CA ASN B 599 33.72 42.12 -12.35
C ASN B 599 33.15 40.78 -12.83
N ARG B 600 32.17 40.85 -13.71
CA ARG B 600 31.68 39.66 -14.38
C ARG B 600 32.58 39.35 -15.57
N ALA B 601 33.24 38.19 -15.49
CA ALA B 601 34.16 37.65 -16.49
C ALA B 601 33.51 37.48 -17.86
N GLU B 602 34.03 38.18 -18.87
CA GLU B 602 33.64 38.03 -20.27
C GLU B 602 34.92 38.09 -21.16
N GLU B 603 34.88 37.37 -22.29
CA GLU B 603 36.03 37.19 -23.20
C GLU B 603 36.94 38.38 -23.54
N ASP B 604 36.42 39.50 -24.05
CA ASP B 604 37.32 40.60 -24.51
C ASP B 604 37.81 40.32 -25.91
N ALA B 605 36.86 40.45 -26.84
CA ALA B 605 37.06 40.15 -28.22
C ALA B 605 38.02 41.09 -28.86
N LEU B 606 38.07 42.36 -28.44
CA LEU B 606 39.05 43.25 -29.07
C LEU B 606 40.48 42.77 -28.81
N TYR B 607 40.78 42.36 -27.58
CA TYR B 607 42.12 41.84 -27.34
C TYR B 607 42.36 40.55 -28.14
N ASN B 608 41.42 39.60 -28.02
CA ASN B 608 41.54 38.30 -28.65
C ASN B 608 41.52 38.27 -30.18
N SER B 609 41.17 39.39 -30.82
CA SER B 609 41.14 39.48 -32.28
C SER B 609 42.52 39.79 -32.85
N LYS B 610 43.33 40.51 -32.07
CA LYS B 610 44.77 40.51 -32.27
C LYS B 610 45.55 40.90 -31.01
N PRO B 611 45.80 39.90 -30.15
CA PRO B 611 46.56 39.96 -28.90
C PRO B 611 47.89 40.61 -29.09
N THR B 612 48.37 41.33 -28.08
CA THR B 612 49.73 41.94 -28.15
C THR B 612 50.64 41.40 -27.06
N ASN B 613 50.03 40.71 -26.09
CA ASN B 613 50.80 40.16 -24.97
C ASN B 613 50.87 38.62 -25.04
N PRO B 614 52.07 38.09 -25.42
CA PRO B 614 52.36 36.65 -25.62
C PRO B 614 52.16 35.79 -24.37
N ALA B 615 52.24 36.41 -23.19
CA ALA B 615 51.84 35.75 -21.94
C ALA B 615 50.48 35.14 -22.07
N ILE B 616 49.54 35.89 -22.65
CA ILE B 616 48.10 35.48 -22.71
C ILE B 616 47.46 35.75 -24.09
N THR B 617 47.09 34.66 -24.76
CA THR B 617 46.53 34.72 -26.12
C THR B 617 45.00 34.83 -26.08
N TYR B 618 44.40 34.45 -24.97
CA TYR B 618 42.97 34.53 -24.83
C TYR B 618 42.63 35.10 -23.46
N ALA B 619 42.21 36.35 -23.43
CA ALA B 619 42.13 37.13 -22.19
C ALA B 619 40.69 37.37 -21.87
N TYR B 620 40.41 37.84 -20.65
CA TYR B 620 39.04 38.15 -20.21
C TYR B 620 39.02 39.61 -19.76
N LYS B 621 37.84 40.13 -19.45
CA LYS B 621 37.67 41.46 -18.85
C LYS B 621 36.47 41.42 -17.90
N GLY B 622 36.51 42.26 -16.86
CA GLY B 622 35.38 42.46 -15.94
C GLY B 622 34.35 43.49 -16.40
N ILE B 623 33.12 43.03 -16.65
CA ILE B 623 31.99 43.94 -16.92
C ILE B 623 30.93 43.97 -15.79
N LYS B 624 30.13 45.04 -15.76
CA LYS B 624 28.98 45.16 -14.83
C LYS B 624 27.80 44.36 -15.41
N ALA B 625 26.88 43.95 -14.56
CA ALA B 625 25.55 43.50 -15.01
C ALA B 625 24.53 43.86 -13.94
N LYS B 626 23.26 43.97 -14.35
CA LYS B 626 22.19 44.37 -13.45
C LYS B 626 21.02 43.40 -13.60
N THR B 627 20.55 42.84 -12.47
CA THR B 627 19.22 42.21 -12.40
C THR B 627 18.18 43.20 -11.88
N LYS B 628 17.10 43.40 -12.63
CA LYS B 628 15.96 44.26 -12.22
C LYS B 628 14.73 43.33 -12.11
N GLY B 629 14.01 43.37 -10.98
CA GLY B 629 12.86 42.48 -10.78
C GLY B 629 12.06 42.63 -9.50
N TYR B 630 11.00 41.82 -9.36
CA TYR B 630 10.06 41.87 -8.20
C TYR B 630 9.55 40.47 -7.85
N GLU B 631 9.00 40.32 -6.65
CA GLU B 631 8.63 38.98 -6.15
C GLU B 631 7.57 39.00 -5.05
N ALA B 632 6.45 38.34 -5.27
CA ALA B 632 5.47 38.19 -4.18
C ALA B 632 5.32 36.72 -3.68
N GLU B 633 5.21 36.56 -2.36
CA GLU B 633 4.85 35.25 -1.81
C GLU B 633 3.95 35.16 -0.57
N ILE B 634 3.39 33.97 -0.41
CA ILE B 634 2.43 33.68 0.65
C ILE B 634 2.69 32.28 1.13
N SER B 635 2.68 32.12 2.45
CA SER B 635 2.83 30.81 3.06
C SER B 635 2.07 30.71 4.38
N GLY B 636 1.42 29.55 4.58
CA GLY B 636 0.87 29.18 5.88
C GLY B 636 -0.59 28.84 5.83
N GLU B 637 -1.29 29.15 6.93
CA GLU B 637 -2.68 28.74 7.11
C GLU B 637 -3.61 29.68 6.39
N LEU B 638 -4.37 29.14 5.45
CA LEU B 638 -5.30 29.95 4.67
C LEU B 638 -6.69 29.86 5.36
N ALA B 639 -6.91 28.75 6.07
CA ALA B 639 -8.14 28.47 6.79
C ALA B 639 -7.82 27.25 7.68
N PRO B 640 -8.65 26.93 8.70
CA PRO B 640 -8.25 25.87 9.66
C PRO B 640 -7.35 24.68 9.16
N GLY B 641 -7.80 23.82 8.26
CA GLY B 641 -6.87 22.75 7.81
C GLY B 641 -6.25 22.93 6.43
N TRP B 642 -5.98 24.18 6.04
CA TRP B 642 -5.74 24.51 4.64
C TRP B 642 -4.44 25.28 4.52
N GLN B 643 -3.42 24.64 3.99
CA GLN B 643 -2.10 25.22 3.98
C GLN B 643 -1.69 25.59 2.53
N VAL B 644 -0.94 26.68 2.38
CA VAL B 644 -0.31 27.03 1.08
C VAL B 644 1.17 27.42 1.18
N GLN B 645 1.82 27.33 0.03
CA GLN B 645 3.00 28.08 -0.24
C GLN B 645 2.96 28.37 -1.73
N ALA B 646 2.98 29.66 -2.02
CA ALA B 646 2.90 30.16 -3.40
C ALA B 646 3.82 31.33 -3.55
N GLY B 647 4.25 31.58 -4.77
CA GLY B 647 5.02 32.79 -5.01
C GLY B 647 4.97 33.18 -6.45
N TYR B 648 5.26 34.46 -6.71
CA TYR B 648 5.46 34.94 -8.07
C TYR B 648 6.79 35.72 -8.16
N THR B 649 7.54 35.50 -9.24
CA THR B 649 8.85 36.14 -9.40
C THR B 649 9.11 36.58 -10.83
N HIS B 650 9.50 37.84 -10.97
CA HIS B 650 9.85 38.35 -12.26
C HIS B 650 11.31 38.80 -12.24
N LYS B 651 12.06 38.53 -13.31
CA LYS B 651 13.43 39.04 -13.43
C LYS B 651 13.83 39.33 -14.87
N ILE B 652 14.77 40.26 -15.04
CA ILE B 652 15.59 40.43 -16.25
C ILE B 652 17.00 40.92 -15.84
N ILE B 653 18.04 40.19 -16.24
CA ILE B 653 19.41 40.58 -15.93
C ILE B 653 20.09 40.79 -17.27
N ARG B 654 20.70 41.97 -17.40
CA ARG B 654 21.28 42.36 -18.66
C ARG B 654 22.73 42.76 -18.39
N ASP B 655 23.59 42.53 -19.37
CA ASP B 655 24.86 43.24 -19.53
C ASP B 655 24.85 44.73 -19.33
N ASP B 656 26.03 45.19 -18.94
CA ASP B 656 26.62 46.46 -19.31
C ASP B 656 26.10 46.96 -20.67
N SER B 657 26.24 46.14 -21.71
CA SER B 657 25.86 46.52 -23.07
C SER B 657 24.36 46.54 -23.31
N GLY B 658 23.61 46.08 -22.31
CA GLY B 658 22.15 45.95 -22.39
C GLY B 658 21.71 44.59 -22.89
N LYS B 659 22.66 43.67 -23.14
CA LYS B 659 22.30 42.35 -23.67
C LYS B 659 21.76 41.39 -22.60
N LYS B 660 20.74 40.61 -22.94
CA LYS B 660 20.14 39.66 -21.99
C LYS B 660 21.04 38.47 -21.68
N VAL B 661 20.99 38.07 -20.41
CA VAL B 661 21.86 37.06 -19.83
C VAL B 661 21.00 36.07 -19.03
N SER B 662 21.54 34.88 -18.70
CA SER B 662 20.73 33.79 -18.12
C SER B 662 19.37 33.66 -18.78
N THR B 663 19.35 33.64 -20.09
CA THR B 663 18.10 33.63 -20.84
C THR B 663 17.37 32.30 -20.65
N TRP B 664 18.09 31.27 -20.18
CA TRP B 664 17.48 29.97 -19.90
C TRP B 664 16.59 30.01 -18.64
N GLU B 665 16.91 30.87 -17.67
CA GLU B 665 16.05 31.11 -16.53
C GLU B 665 14.94 32.01 -17.06
N PRO B 666 13.68 31.60 -16.86
CA PRO B 666 12.55 32.36 -17.42
C PRO B 666 12.43 33.72 -16.76
N GLN B 667 11.96 34.73 -17.49
CA GLN B 667 11.73 36.07 -16.91
C GLN B 667 10.57 36.11 -15.90
N ASP B 668 9.66 35.15 -16.02
CA ASP B 668 8.51 35.08 -15.14
C ASP B 668 8.27 33.66 -14.61
N GLN B 669 7.96 33.55 -13.33
CA GLN B 669 7.56 32.26 -12.77
C GLN B 669 6.51 32.37 -11.64
N LEU B 670 5.75 31.27 -11.48
CA LEU B 670 4.62 31.13 -10.56
C LEU B 670 4.71 29.72 -9.93
N SER B 671 4.52 29.61 -8.62
CA SER B 671 4.34 28.31 -7.96
C SER B 671 3.19 28.43 -6.99
N LEU B 672 2.39 27.36 -6.88
CA LEU B 672 1.41 27.29 -5.80
C LEU B 672 1.26 25.84 -5.35
N TYR B 673 1.33 25.59 -4.06
CA TYR B 673 1.16 24.24 -3.53
C TYR B 673 0.29 24.33 -2.35
N THR B 674 -0.70 23.45 -2.28
CA THR B 674 -1.65 23.55 -1.21
C THR B 674 -2.14 22.16 -0.80
N SER B 675 -2.60 22.07 0.45
CA SER B 675 -3.17 20.83 0.94
C SER B 675 -4.36 21.12 1.86
N TYR B 676 -5.27 20.17 1.99
CA TYR B 676 -6.49 20.39 2.77
C TYR B 676 -6.86 19.18 3.61
N LYS B 677 -7.09 19.44 4.89
CA LYS B 677 -7.38 18.41 5.84
C LYS B 677 -8.83 18.55 6.18
N PHE B 678 -9.64 17.71 5.54
CA PHE B 678 -11.07 17.67 5.79
C PHE B 678 -11.42 17.53 7.30
N LYS B 679 -12.63 17.97 7.61
CA LYS B 679 -13.16 17.93 8.95
C LYS B 679 -14.34 16.96 9.02
N GLY B 680 -14.62 16.42 10.20
CA GLY B 680 -15.77 15.49 10.44
C GLY B 680 -15.57 14.06 9.93
N ALA B 681 -16.55 13.56 9.17
CA ALA B 681 -16.51 12.20 8.66
C ALA B 681 -15.24 11.89 7.80
N LEU B 682 -14.78 12.83 7.00
CA LEU B 682 -13.58 12.60 6.25
C LEU B 682 -12.37 13.17 6.96
N ASP B 683 -12.34 13.15 8.30
CA ASP B 683 -11.20 13.80 9.01
C ASP B 683 -9.86 13.05 8.96
N LYS B 684 -9.84 11.97 8.21
CA LYS B 684 -8.67 11.14 8.12
C LYS B 684 -8.07 11.24 6.73
N LEU B 685 -8.82 11.89 5.83
CA LEU B 685 -8.37 12.23 4.48
C LEU B 685 -7.71 13.60 4.38
N THR B 686 -6.55 13.66 3.71
CA THR B 686 -5.89 14.92 3.37
C THR B 686 -5.75 14.91 1.86
N VAL B 687 -6.16 15.99 1.22
CA VAL B 687 -6.05 16.08 -0.23
C VAL B 687 -5.15 17.27 -0.58
N GLY B 688 -4.43 17.24 -1.68
CA GLY B 688 -3.66 18.39 -2.02
C GLY B 688 -3.14 18.37 -3.44
N GLY B 689 -2.47 19.45 -3.81
CA GLY B 689 -1.93 19.57 -5.15
C GLY B 689 -1.20 20.89 -5.38
N GLY B 690 -0.79 21.12 -6.60
CA GLY B 690 0.05 22.23 -6.83
C GLY B 690 0.27 22.40 -8.29
N ALA B 691 0.81 23.55 -8.64
CA ALA B 691 1.04 23.91 -10.01
C ALA B 691 2.20 24.90 -10.07
N ARG B 692 3.12 24.67 -11.00
CA ARG B 692 4.16 25.61 -11.38
C ARG B 692 3.88 25.99 -12.82
N TRP B 693 4.11 27.28 -13.15
CA TRP B 693 4.10 27.77 -14.53
C TRP B 693 5.41 28.48 -14.69
N GLN B 694 6.01 28.39 -15.88
CA GLN B 694 6.99 29.42 -16.29
C GLN B 694 6.81 30.03 -17.70
N GLY B 695 7.50 31.15 -17.93
CA GLY B 695 7.44 31.84 -19.23
C GLY B 695 8.44 31.29 -20.24
N LYS B 696 8.52 31.91 -21.42
CA LYS B 696 9.59 31.65 -22.36
C LYS B 696 10.94 31.61 -21.64
N SER B 697 11.73 30.60 -21.95
CA SER B 697 13.16 30.69 -21.78
C SER B 697 13.80 30.18 -23.07
N TRP B 698 15.04 30.63 -23.32
CA TRP B 698 15.78 30.25 -24.54
C TRP B 698 17.30 30.25 -24.35
N GLN B 699 18.01 29.62 -25.30
CA GLN B 699 19.47 29.66 -25.39
C GLN B 699 19.84 29.83 -26.84
N MET B 700 20.82 30.68 -27.06
CA MET B 700 21.55 30.76 -28.27
C MET B 700 22.57 29.56 -28.34
N VAL B 701 22.49 28.75 -29.39
CA VAL B 701 23.40 27.61 -29.55
C VAL B 701 24.02 27.62 -30.95
N TYR B 702 25.22 27.07 -31.03
CA TYR B 702 26.07 27.12 -32.22
C TYR B 702 26.08 25.75 -32.88
N ASN B 703 25.61 25.68 -34.12
CA ASN B 703 25.60 24.45 -34.91
C ASN B 703 26.93 24.42 -35.64
N ASN B 704 27.88 23.63 -35.15
CA ASN B 704 29.24 23.58 -35.72
C ASN B 704 29.28 23.10 -37.18
N PRO B 705 28.60 21.97 -37.47
CA PRO B 705 28.72 21.48 -38.84
C PRO B 705 28.13 22.46 -39.83
N ARG B 706 27.13 23.25 -39.44
CA ARG B 706 26.52 24.23 -40.39
C ARG B 706 26.96 25.69 -40.19
N SER B 707 27.86 25.90 -39.22
CA SER B 707 28.50 27.19 -38.98
C SER B 707 27.53 28.32 -38.77
N ARG B 708 26.66 28.19 -37.79
CA ARG B 708 25.67 29.24 -37.60
C ARG B 708 25.14 29.25 -36.16
N TRP B 709 24.61 30.38 -35.72
CA TRP B 709 23.87 30.37 -34.46
C TRP B 709 22.42 29.96 -34.71
N GLU B 710 21.81 29.38 -33.68
CA GLU B 710 20.40 28.99 -33.68
C GLU B 710 19.79 29.35 -32.31
N LYS B 711 18.58 29.91 -32.30
CA LYS B 711 17.87 30.16 -31.05
C LYS B 711 17.04 28.95 -30.75
N PHE B 712 17.20 28.39 -29.55
CA PHE B 712 16.34 27.31 -29.13
C PHE B 712 15.41 27.86 -28.09
N SER B 713 14.11 27.74 -28.34
CA SER B 713 13.09 28.07 -27.33
C SER B 713 12.40 26.86 -26.62
N GLN B 714 12.05 27.07 -25.34
CA GLN B 714 11.05 26.27 -24.63
C GLN B 714 9.88 27.25 -24.36
N GLU B 715 8.72 26.99 -24.97
CA GLU B 715 7.53 27.79 -24.70
C GLU B 715 7.21 27.71 -23.20
N ASP B 716 6.46 28.72 -22.72
CA ASP B 716 5.82 28.67 -21.41
C ASP B 716 5.03 27.36 -21.27
N TYR B 717 5.06 26.78 -20.08
CA TYR B 717 4.41 25.51 -19.82
C TYR B 717 4.04 25.42 -18.36
N TRP B 718 3.05 24.56 -18.06
CA TRP B 718 2.61 24.31 -16.67
C TRP B 718 3.10 22.92 -16.26
N LEU B 719 3.43 22.70 -15.00
CA LEU B 719 3.48 21.34 -14.45
C LEU B 719 2.54 21.24 -13.25
N VAL B 720 1.59 20.31 -13.28
CA VAL B 720 0.65 20.16 -12.22
C VAL B 720 0.92 18.90 -11.42
N ASP B 721 0.62 18.89 -10.12
CA ASP B 721 0.53 17.61 -9.42
C ASP B 721 -0.42 17.51 -8.25
N LEU B 722 -0.74 16.28 -7.87
CA LEU B 722 -1.87 16.04 -6.97
C LEU B 722 -1.34 15.13 -5.92
N MET B 723 -2.07 15.06 -4.81
CA MET B 723 -1.56 14.37 -3.63
C MET B 723 -2.76 13.94 -2.77
N ALA B 724 -2.72 12.75 -2.18
CA ALA B 724 -3.75 12.38 -1.17
C ALA B 724 -3.16 11.44 -0.15
N ARG B 725 -3.62 11.58 1.11
CA ARG B 725 -3.18 10.78 2.25
C ARG B 725 -4.35 10.35 3.10
N TYR B 726 -4.34 9.10 3.57
CA TYR B 726 -5.41 8.69 4.45
C TYR B 726 -4.84 8.01 5.69
N GLN B 727 -5.11 8.61 6.84
CA GLN B 727 -4.76 8.05 8.12
C GLN B 727 -5.67 6.82 8.45
N ILE B 728 -5.42 5.67 7.83
CA ILE B 728 -6.24 4.46 8.15
C ILE B 728 -6.32 4.10 9.63
N THR B 729 -5.18 4.12 10.29
CA THR B 729 -5.05 3.71 11.67
C THR B 729 -4.45 4.88 12.41
N ASP B 730 -4.51 4.84 13.73
CA ASP B 730 -3.86 5.90 14.51
C ASP B 730 -2.33 5.96 14.21
N LYS B 731 -1.75 4.79 13.93
CA LYS B 731 -0.31 4.63 13.72
C LYS B 731 0.07 4.60 12.24
N LEU B 732 -0.87 4.29 11.37
CA LEU B 732 -0.56 4.02 9.99
C LEU B 732 -1.31 4.92 9.04
N SER B 733 -0.58 5.53 8.10
CA SER B 733 -1.20 6.25 6.98
C SER B 733 -0.65 5.79 5.64
N ALA B 734 -1.40 6.03 4.58
CA ALA B 734 -1.00 5.69 3.21
C ALA B 734 -1.25 6.84 2.26
N SER B 735 -0.27 7.13 1.40
CA SER B 735 -0.30 8.26 0.46
C SER B 735 -0.16 7.87 -1.00
N VAL B 736 -0.55 8.79 -1.87
CA VAL B 736 -0.11 8.77 -3.27
C VAL B 736 0.21 10.17 -3.77
N ASN B 737 1.31 10.32 -4.52
CA ASN B 737 1.66 11.56 -5.21
C ASN B 737 1.73 11.33 -6.68
N VAL B 738 0.99 12.11 -7.47
CA VAL B 738 1.15 12.08 -8.92
C VAL B 738 1.81 13.39 -9.38
N ASN B 739 2.94 13.31 -10.06
CA ASN B 739 3.66 14.52 -10.56
C ASN B 739 3.65 14.64 -12.07
N ASN B 740 3.51 15.85 -12.59
CA ASN B 740 3.34 16.09 -14.04
C ASN B 740 2.09 15.31 -14.54
N VAL B 741 0.96 15.57 -13.89
CA VAL B 741 -0.29 14.89 -14.19
C VAL B 741 -0.65 14.94 -15.68
N PHE B 742 -0.26 16.01 -16.36
CA PHE B 742 -0.66 16.21 -17.74
C PHE B 742 0.44 15.74 -18.69
N ASP B 743 1.45 15.08 -18.14
CA ASP B 743 2.55 14.52 -18.94
C ASP B 743 3.16 15.55 -19.88
N LYS B 744 3.19 16.80 -19.45
CA LYS B 744 3.88 17.81 -20.23
C LYS B 744 5.25 17.27 -20.56
N THR B 745 5.62 17.27 -21.84
CA THR B 745 7.00 17.01 -22.23
C THR B 745 7.66 18.35 -22.50
N TYR B 746 8.84 18.53 -21.93
CA TYR B 746 9.52 19.80 -21.90
C TYR B 746 10.98 19.57 -21.63
N TYR B 747 11.81 20.60 -21.80
CA TYR B 747 13.25 20.45 -21.61
C TYR B 747 13.78 21.15 -20.33
N THR B 748 14.73 20.51 -19.65
CA THR B 748 15.38 21.15 -18.48
C THR B 748 16.78 21.65 -18.88
N ASN B 749 17.19 21.28 -20.10
CA ASN B 749 18.45 21.74 -20.61
C ASN B 749 18.40 21.77 -22.12
N ILE B 750 18.77 22.91 -22.69
CA ILE B 750 19.13 22.99 -24.10
C ILE B 750 20.34 23.89 -24.24
N GLY B 751 21.43 23.39 -24.78
CA GLY B 751 22.54 24.28 -25.03
C GLY B 751 23.83 23.93 -24.31
N PHE B 752 23.72 23.17 -23.21
CA PHE B 752 24.88 22.83 -22.37
C PHE B 752 25.78 21.87 -23.12
N TYR B 753 26.92 22.39 -23.58
CA TYR B 753 27.75 21.73 -24.58
C TYR B 753 26.89 21.13 -25.69
N THR B 754 26.01 21.96 -26.25
CA THR B 754 25.23 21.60 -27.42
C THR B 754 24.46 20.32 -27.19
N SER B 755 23.71 20.25 -26.08
CA SER B 755 22.91 19.08 -25.77
C SER B 755 21.53 19.48 -25.31
N ALA B 756 20.70 18.49 -24.98
CA ALA B 756 19.39 18.74 -24.41
C ALA B 756 19.07 17.72 -23.34
N SER B 757 18.24 18.13 -22.38
CA SER B 757 17.71 17.18 -21.40
C SER B 757 16.20 17.38 -21.17
N TYR B 758 15.50 16.25 -21.07
CA TYR B 758 14.07 16.26 -20.80
C TYR B 758 13.75 16.30 -19.32
N GLY B 759 12.60 16.87 -18.97
CA GLY B 759 12.12 16.81 -17.59
C GLY B 759 11.32 15.55 -17.39
N ASP B 760 11.07 15.19 -16.14
CA ASP B 760 10.31 13.99 -15.83
C ASP B 760 8.93 13.89 -16.49
N PRO B 761 8.63 12.78 -17.16
CA PRO B 761 7.27 12.44 -17.57
C PRO B 761 6.40 12.25 -16.33
N ARG B 762 5.08 12.24 -16.50
CA ARG B 762 4.18 11.93 -15.40
C ARG B 762 4.73 10.74 -14.57
N ASN B 763 4.69 10.83 -13.23
CA ASN B 763 5.13 9.71 -12.38
C ASN B 763 4.30 9.65 -11.11
N LEU B 764 4.28 8.50 -10.44
CA LEU B 764 3.55 8.35 -9.17
C LEU B 764 4.51 7.85 -8.11
N MET B 765 4.16 8.18 -6.88
CA MET B 765 4.89 7.66 -5.76
C MET B 765 3.84 7.19 -4.77
N PHE B 766 3.88 5.92 -4.39
CA PHE B 766 3.01 5.35 -3.35
C PHE B 766 3.75 5.17 -2.00
N SER B 767 3.19 5.73 -0.93
CA SER B 767 3.85 5.74 0.36
C SER B 767 3.02 5.08 1.45
N THR B 768 3.69 4.49 2.44
CA THR B 768 3.04 4.04 3.67
C THR B 768 3.89 4.45 4.83
N ARG B 769 3.26 5.03 5.85
CA ARG B 769 4.00 5.51 6.99
C ARG B 769 3.45 4.94 8.30
N TRP B 770 4.35 4.44 9.12
CA TRP B 770 3.98 3.89 10.40
C TRP B 770 4.71 4.67 11.50
N ASP B 771 3.96 5.38 12.36
CA ASP B 771 4.55 6.11 13.49
C ASP B 771 4.47 5.22 14.72
N PHE B 772 5.58 5.05 15.43
CA PHE B 772 5.49 4.45 16.76
C PHE B 772 5.35 5.56 17.78
N DSN C 1 33.67 26.70 -18.26
CA DSN C 1 35.00 27.01 -17.58
C DSN C 1 35.09 26.47 -16.13
O DSN C 1 35.11 27.29 -15.18
CB DSN C 1 36.20 26.55 -18.43
OG DSN C 1 36.24 25.13 -18.60
N ARG C 2 35.11 25.15 -15.95
CA ARG C 2 35.29 24.53 -14.63
C ARG C 2 36.71 23.98 -14.43
N DSN C 3 37.47 23.97 -15.52
CA DSN C 3 38.89 23.59 -15.54
C DSN C 3 39.11 22.22 -16.21
O DSN C 3 40.24 21.72 -16.27
CB DSN C 3 39.72 24.68 -16.21
OG DSN C 3 39.59 24.62 -17.62
N FHO C 4 38.03 21.64 -16.73
CA FHO C 4 37.98 20.22 -17.02
CB FHO C 4 36.54 19.86 -16.73
CG FHO C 4 36.44 18.58 -15.90
CD FHO C 4 35.34 18.73 -14.86
NE FHO C 4 34.04 18.73 -15.53
OZ FHO C 4 33.52 19.80 -15.83
CZ FHO C 4 33.42 17.64 -15.75
OH FHO C 4 32.32 17.68 -16.29
C FHO C 4 38.30 19.90 -18.44
O FHO C 4 38.23 20.76 -19.32
N LYS C 5 38.61 18.62 -18.69
CA LYS C 5 39.12 18.18 -20.00
C LYS C 5 38.09 17.96 -21.14
N FHO C 6 36.98 17.31 -20.80
CA FHO C 6 36.00 16.80 -21.77
CB FHO C 6 34.97 17.83 -22.27
CG FHO C 6 34.17 18.55 -21.21
CD FHO C 6 32.71 18.13 -21.22
NE FHO C 6 32.20 18.57 -19.92
OZ FHO C 6 32.97 18.96 -19.05
CZ FHO C 6 30.97 18.56 -19.65
OH FHO C 6 30.62 18.95 -18.55
C FHO C 6 36.57 16.19 -23.01
O FHO C 6 37.19 15.11 -22.97
N THR C 7 36.41 16.92 -24.12
CA THR C 7 36.48 16.41 -25.50
C THR C 7 37.63 17.08 -26.29
N THR C 8 38.82 17.02 -25.69
CA THR C 8 40.02 17.78 -26.11
C THR C 8 41.19 17.33 -25.23
C01 N8E D . 1.80 -35.67 7.95
C02 N8E D . 1.68 -34.15 8.00
C03 N8E D . 1.58 -33.55 6.58
C04 N8E D . 2.26 -32.18 6.52
C05 N8E D . 2.61 -31.66 5.12
C06 N8E D . 3.24 -30.27 5.29
C07 N8E D . 3.80 -29.70 3.98
C08 N8E D . 4.74 -28.50 4.15
O09 N8E D . 5.60 -28.36 3.00
C10 N8E D . 5.84 -27.02 2.59
C11 N8E D . 6.56 -27.07 1.24
O12 N8E D . 6.45 -25.80 0.58
C13 N8E D . 7.36 -25.57 -0.46
C14 N8E D . 7.30 -24.09 -0.71
O15 N8E D . 7.75 -23.81 -2.03
C16 N8E D . 8.99 -23.10 -2.09
C17 N8E D . 9.94 -23.76 -3.07
O18 N8E D . 11.03 -22.91 -3.44
C19 N8E D . 12.28 -23.62 -3.34
C20 N8E D . 13.42 -22.63 -3.10
O21 N8E D . 13.64 -21.86 -4.29
C22 N8E D . 14.98 -22.02 -4.81
C23 N8E D . 15.19 -21.10 -6.01
O24 N8E D . 13.99 -21.02 -6.79
C01 N8E E . -16.80 7.24 8.24
C01 N8E E . 2.73 7.90 -17.62
C02 N8E E . -15.42 7.19 7.58
C02 N8E E . 1.92 6.75 -17.06
C03 N8E E . -15.45 7.07 6.06
C03 N8E E . 1.34 7.05 -15.70
C04 N8E E . -14.40 7.90 5.32
C04 N8E E . -0.18 7.02 -15.64
C05 N8E E . -14.60 7.99 3.80
C05 N8E E . -0.73 7.88 -14.49
C06 N8E E . -13.27 7.91 3.01
C06 N8E E . -1.84 7.24 -13.66
C07 N8E E . -13.36 7.82 1.49
C07 N8E E . -2.74 8.27 -12.96
C08 N8E E . -12.25 8.62 0.77
C08 N8E E . -3.87 7.65 -12.15
O09 N8E E . -11.08 7.82 0.47
O09 N8E E . -3.43 7.20 -10.85
C10 N8E E . -10.20 8.34 -0.53
C10 N8E E . -4.48 7.03 -9.85
C11 N8E E . -8.94 7.47 -0.71
C11 N8E E . -3.89 6.38 -8.60
O12 N8E E . -7.79 8.23 -1.16
O12 N8E E . -4.85 5.57 -7.88
C13 N8E E . -6.64 8.01 -0.35
C13 N8E E . -4.24 4.43 -7.23
C14 N8E E . -5.39 7.81 -1.20
C14 N8E E . -5.26 3.70 -6.36
O15 N8E E . -4.45 6.96 -0.53
O15 N8E E . -4.58 2.85 -5.45
C16 N8E E . -3.75 6.18 -1.50
C16 N8E E . -4.42 3.40 -4.14
C17 N8E E . -3.49 4.74 -1.07
C17 N8E E . -3.34 2.61 -3.39
O18 N8E E . -2.17 4.34 -1.46
O18 N8E E . -3.20 2.98 -2.01
C19 N8E E . -1.70 3.11 -0.86
C19 N8E E . -2.07 2.29 -1.42
C20 N8E E . -0.27 3.20 -0.31
C20 N8E E . -2.25 1.84 0.04
O21 N8E E . 0.66 2.32 -0.97
O21 N8E E . -1.65 0.55 0.32
C22 N8E E . 1.81 1.99 -0.17
C22 N8E E . -0.72 0.48 1.42
C23 N8E E . 3.04 1.59 -1.00
C23 N8E E . -1.34 -0.04 2.73
O24 N8E E . 3.98 0.72 -0.30
O24 N8E E . -0.38 -0.71 3.58
P PO4 F . -12.35 -18.64 30.75
O1 PO4 F . -12.92 -17.31 30.31
O2 PO4 F . -12.19 -19.66 29.64
O3 PO4 F . -13.21 -19.30 31.80
O4 PO4 F . -11.00 -18.24 31.31
P PO4 G . -16.95 -11.25 9.33
O1 PO4 G . -16.36 -10.61 8.07
O2 PO4 G . -16.74 -12.74 9.30
O3 PO4 G . -18.43 -10.99 9.21
O4 PO4 G . -16.38 -10.60 10.58
P PO4 H . -3.39 -15.50 -6.23
O1 PO4 H . -4.24 -14.25 -6.09
O2 PO4 H . -3.73 -16.33 -7.40
O3 PO4 H . -3.66 -16.40 -5.06
O4 PO4 H . -1.94 -15.17 -6.35
P PO4 I . -5.69 -35.91 16.60
O1 PO4 I . -5.47 -35.02 15.41
O2 PO4 I . -6.58 -37.07 16.22
O3 PO4 I . -6.30 -35.12 17.76
O4 PO4 I . -4.36 -36.49 17.01
P PO4 J . -0.03 -15.60 -8.98
O1 PO4 J . -0.95 -14.42 -8.90
O2 PO4 J . -0.85 -16.85 -8.84
O3 PO4 J . 0.99 -15.50 -7.86
O4 PO4 J . 0.67 -15.70 -10.31
P PO4 K . -4.37 -14.15 -2.18
O1 PO4 K . -4.13 -12.66 -2.38
O2 PO4 K . -5.26 -14.73 -3.24
O3 PO4 K . -4.94 -14.36 -0.78
O4 PO4 K . -3.10 -14.92 -2.36
P PO4 L . 35.82 1.58 -13.09
O1 PO4 L . 34.86 2.33 -13.98
O2 PO4 L . 37.26 1.86 -13.49
O3 PO4 L . 35.46 0.13 -13.34
O4 PO4 L . 35.67 1.99 -11.63
P PO4 M . 16.76 14.02 -9.23
O1 PO4 M . 15.32 14.16 -8.78
O2 PO4 M . 17.65 14.40 -8.06
O3 PO4 M . 16.92 14.82 -10.48
O4 PO4 M . 17.06 12.59 -9.63
P PO4 N . 8.72 14.06 10.30
O1 PO4 N . 7.72 15.17 10.18
O2 PO4 N . 9.83 14.52 11.22
O3 PO4 N . 9.30 13.70 8.92
O4 PO4 N . 8.03 12.87 10.91
P PO4 O . 38.86 11.52 7.69
O1 PO4 O . 37.36 11.59 7.85
O2 PO4 O . 39.15 11.11 6.27
O3 PO4 O . 39.41 10.50 8.68
O4 PO4 O . 39.52 12.85 7.98
O23 PVE P . 24.02 28.69 -17.45
C22 PVE P . 23.58 27.73 -16.78
O24 PVE P . 22.76 26.88 -17.25
C21 PVE P . 24.06 27.58 -15.35
C20 PVE P . 25.48 28.15 -15.17
C18 PVE P . 26.47 27.23 -15.87
O19 PVE P . 26.17 26.71 -16.94
N17 PVE P . 27.66 27.03 -15.27
C3 PVE P . 28.63 26.20 -15.86
C4 PVE P . 28.77 24.86 -15.49
C10 PVE P . 29.74 24.05 -16.11
C5 PVE P . 29.86 22.70 -15.71
C6 PVE P . 30.81 21.87 -16.31
O25 PVE P . 31.00 20.57 -15.98
C7 PVE P . 31.63 22.36 -17.28
O26 PVE P . 32.49 21.43 -17.79
C8 PVE P . 31.52 23.73 -17.70
C9 PVE P . 30.56 24.60 -17.10
N1 PVE P . 30.37 25.91 -17.48
C14 PVE P . 31.24 26.54 -18.49
C15 PVE P . 32.52 26.90 -17.74
O16 PVE P . 32.41 27.38 -16.61
C2 PVE P . 29.45 26.72 -16.87
N11 PVE P . 29.26 28.03 -17.21
C12 PVE P . 29.93 28.77 -18.27
C13 PVE P . 30.59 27.75 -19.18
FE FE Q . 32.14 19.47 -17.27
#